data_5LRA
#
_entry.id   5LRA
#
_cell.length_a   227.690
_cell.length_b   63.150
_cell.length_c   148.190
_cell.angle_alpha   90.00
_cell.angle_beta   114.72
_cell.angle_gamma   90.00
#
_symmetry.space_group_name_H-M   'C 1 2 1'
#
loop_
_entity.id
_entity.type
_entity.pdbx_description
1 polymer 'Alpha-1,4 glucan phosphorylase'
2 branched alpha-D-glucopyranose-(1-4)-alpha-D-glucopyranose-(1-4)-alpha-D-glucopyranose-(1-4)-beta-D-glucopyranose
3 branched alpha-D-glucopyranose-(1-4)-alpha-D-glucopyranose
4 non-polymer "PYRIDOXAL-5'-PHOSPHATE"
5 water water
#
_entity_poly.entity_id   1
_entity_poly.type   'polypeptide(L)'
_entity_poly.pdbx_seq_one_letter_code
;MRSVASDREVRGPASTEEELSAVLTSIDSSAIASNIQHHADFTPLFSPEHSSPLKAYHATAKSVFDSLIMNWNATYDYYN
KVNAKQAYYLSMEFLQGRALTNAIGNLELTGQYAEALKQLGHNLEDVASQEPDPALGNGGLGRLASCFLDSLATLNYPAW
GYGLRYRYGLFKQIITKDGQEEVAENWLEMGNPWEIVRNDVSYPVKFYGKVVEGTDGRKHWIGGENIKAVAHDVPIPGYK
TKTTNNLRLWSTTVPSQNFDLGAFNAGDHAKANEAHLNAEKICHVLYPGDESSEGKILRLKQQYTLCSASLQDIISRFES
RAGDSLNWEDFPSKVAVQMNDTHPTLCIPELMRILMDIKGLSWNEAWSITERTVAYTNHTVLPEALEKWSLDIMQKLLPR
HVEIIETIDEELMNNIVSKYGTADISLLKQKLKDMRILDNVDLPASVAKLFIKPKEKRGKLLVESLESIAEADEKTESQE
VENILSETTEKKAESDSEEAPDAEKEDPEYELDPFAKYDPQFPRVVRMANLCVVGGHSVNGVAEIHSEIVKQDVFNSFYE
MWPTKFQNKTNGVTPRRWIRFCNPELSTIISKWIGSDDWILNTDKLAGLKKFADDEDLQSEWRTAKRNNKMKVVSLIRDK
TGYIVSPDAMFDVQVKRIHEYKRQLLNILGIVYRYKKMKEMSAKDRRKSFVPRVCIFGGKAFATYVQAKRIVKFITDVAA
TVNYDPDIGDLLKVVFVPDYNVSVAETLIPASELSQHISTAGMEASGTSNMKFAMNGCLLIGTLDGANVEIREEVGEENF
FLFGAHAPEIAGLRQERAEGKFVPDLRFEEVKEYVRSGVFGTSNYDELMGSLEGNEGYGRADYFLVGKDFPSYIECQEKV
DEAYRDQKLWTRMSILNTAGSPKFSSDRTIHEYAKDIWDISPVIMPTFPDIENLYFQG
;
_entity_poly.pdbx_strand_id   A,B
#
loop_
_chem_comp.id
_chem_comp.type
_chem_comp.name
_chem_comp.formula
BGC D-saccharide, beta linking beta-D-glucopyranose 'C6 H12 O6'
GLC D-saccharide, alpha linking alpha-D-glucopyranose 'C6 H12 O6'
PLP non-polymer PYRIDOXAL-5'-PHOSPHATE 'C8 H10 N O6 P'
#
# COMPACT_ATOMS: atom_id res chain seq x y z
N ILE A 27 27.46 -36.84 30.78
CA ILE A 27 27.73 -35.47 31.33
C ILE A 27 26.55 -35.02 32.23
N ASP A 28 26.60 -35.47 33.49
CA ASP A 28 25.46 -35.35 34.44
C ASP A 28 25.50 -34.15 35.40
N SER A 29 24.39 -33.93 36.10
CA SER A 29 24.22 -32.75 36.96
C SER A 29 25.15 -32.70 38.17
N SER A 30 25.56 -33.87 38.64
CA SER A 30 26.39 -33.96 39.85
C SER A 30 27.84 -33.52 39.57
N ALA A 31 28.31 -33.81 38.37
CA ALA A 31 29.63 -33.34 37.91
C ALA A 31 29.64 -31.83 37.69
N ILE A 32 28.53 -31.30 37.17
CA ILE A 32 28.40 -29.87 36.92
C ILE A 32 28.44 -29.07 38.22
N ALA A 33 27.74 -29.55 39.24
CA ALA A 33 27.79 -28.89 40.55
C ALA A 33 29.21 -28.88 41.12
N SER A 34 30.03 -29.86 40.75
CA SER A 34 31.45 -29.85 41.11
C SER A 34 32.23 -28.82 40.30
N ASN A 35 31.93 -28.71 39.01
CA ASN A 35 32.59 -27.69 38.17
C ASN A 35 32.26 -26.28 38.64
N ILE A 36 31.02 -26.09 39.10
CA ILE A 36 30.61 -24.80 39.66
C ILE A 36 31.41 -24.51 40.92
N GLN A 37 31.42 -25.45 41.86
CA GLN A 37 32.21 -25.30 43.08
C GLN A 37 33.67 -24.98 42.76
N HIS A 38 34.22 -25.68 41.77
CA HIS A 38 35.61 -25.48 41.35
C HIS A 38 35.85 -24.03 40.95
N HIS A 39 35.04 -23.50 40.06
CA HIS A 39 35.22 -22.12 39.59
C HIS A 39 35.03 -21.08 40.70
N ALA A 40 34.16 -21.37 41.66
CA ALA A 40 33.99 -20.51 42.82
C ALA A 40 35.28 -20.45 43.62
N ASP A 41 35.99 -21.58 43.70
CA ASP A 41 37.19 -21.67 44.53
C ASP A 41 38.50 -21.48 43.76
N PHE A 42 38.54 -21.92 42.49
CA PHE A 42 39.80 -21.91 41.73
C PHE A 42 39.89 -20.92 40.56
N THR A 43 38.86 -20.09 40.38
CA THR A 43 38.98 -18.86 39.59
C THR A 43 38.25 -17.73 40.34
N PRO A 44 38.59 -17.54 41.64
CA PRO A 44 37.76 -16.77 42.55
C PRO A 44 37.85 -15.25 42.39
N LEU A 45 36.74 -14.58 42.71
CA LEU A 45 36.59 -13.12 42.64
C LEU A 45 36.20 -12.51 44.00
N PHE A 46 35.99 -13.36 45.00
CA PHE A 46 35.52 -12.94 46.31
C PHE A 46 36.28 -13.69 47.38
N SER A 47 36.16 -13.25 48.62
CA SER A 47 36.71 -14.00 49.76
C SER A 47 36.08 -15.39 49.76
N PRO A 48 36.79 -16.38 50.32
CA PRO A 48 36.29 -17.76 50.27
C PRO A 48 35.06 -18.02 51.16
N GLU A 49 35.00 -17.38 52.33
CA GLU A 49 33.87 -17.56 53.26
C GLU A 49 32.64 -16.75 52.82
N HIS A 50 32.83 -15.78 51.93
CA HIS A 50 31.73 -14.98 51.39
C HIS A 50 30.73 -15.85 50.62
N SER A 51 29.44 -15.60 50.80
CA SER A 51 28.39 -16.37 50.11
C SER A 51 27.27 -15.48 49.57
N SER A 52 27.22 -15.35 48.25
CA SER A 52 26.26 -14.47 47.58
C SER A 52 25.67 -15.13 46.35
N PRO A 53 24.43 -14.78 46.01
CA PRO A 53 23.91 -15.16 44.71
C PRO A 53 24.84 -14.69 43.60
N LEU A 54 25.41 -13.50 43.77
CA LEU A 54 26.30 -12.92 42.76
C LEU A 54 27.54 -13.77 42.57
N LYS A 55 28.08 -14.26 43.68
CA LYS A 55 29.24 -15.13 43.62
C LYS A 55 28.88 -16.42 42.90
N ALA A 56 27.69 -16.94 43.21
CA ALA A 56 27.17 -18.12 42.53
C ALA A 56 27.05 -17.90 41.02
N TYR A 57 26.68 -16.69 40.60
CA TYR A 57 26.57 -16.39 39.17
C TYR A 57 27.92 -16.47 38.46
N HIS A 58 28.90 -15.72 38.97
CA HIS A 58 30.21 -15.67 38.31
C HIS A 58 30.83 -17.06 38.18
N ALA A 59 30.54 -17.92 39.14
CA ALA A 59 31.00 -19.30 39.09
C ALA A 59 30.24 -20.09 38.04
N THR A 60 28.91 -20.02 38.08
CA THR A 60 28.07 -20.78 37.16
C THR A 60 28.35 -20.34 35.73
N ALA A 61 28.43 -19.04 35.55
CA ALA A 61 28.79 -18.46 34.26
C ALA A 61 30.05 -19.14 33.74
N LYS A 62 31.07 -19.24 34.59
CA LYS A 62 32.35 -19.80 34.19
C LYS A 62 32.28 -21.30 33.89
N SER A 63 31.41 -22.01 34.61
CA SER A 63 31.24 -23.45 34.41
C SER A 63 30.63 -23.74 33.04
N VAL A 64 29.61 -22.95 32.69
CA VAL A 64 29.00 -23.01 31.37
C VAL A 64 30.04 -22.66 30.32
N PHE A 65 30.78 -21.57 30.56
CA PHE A 65 31.75 -21.04 29.62
C PHE A 65 32.75 -22.06 29.12
N ASP A 66 33.11 -23.02 29.98
CA ASP A 66 34.05 -24.08 29.63
C ASP A 66 33.58 -24.87 28.41
N SER A 67 32.27 -25.14 28.35
CA SER A 67 31.68 -25.80 27.19
C SER A 67 31.83 -24.94 25.94
N LEU A 68 31.67 -23.63 26.11
CA LEU A 68 31.78 -22.69 24.99
C LEU A 68 33.20 -22.58 24.44
N ILE A 69 34.20 -22.60 25.32
CA ILE A 69 35.60 -22.52 24.89
C ILE A 69 35.96 -23.75 24.06
N MET A 70 35.70 -24.95 24.59
CA MET A 70 35.86 -26.20 23.84
C MET A 70 35.33 -26.08 22.41
N ASN A 71 34.06 -25.69 22.29
CA ASN A 71 33.36 -25.58 21.01
C ASN A 71 33.79 -24.38 20.17
N TRP A 72 34.16 -23.28 20.82
CA TRP A 72 34.63 -22.11 20.13
C TRP A 72 35.86 -22.49 19.33
N ASN A 73 36.80 -23.17 19.99
CA ASN A 73 38.06 -23.57 19.36
C ASN A 73 37.87 -24.62 18.27
N ALA A 74 36.91 -25.52 18.47
CA ALA A 74 36.59 -26.51 17.47
C ALA A 74 36.07 -25.82 16.21
N THR A 75 35.21 -24.83 16.40
CA THR A 75 34.61 -24.11 15.29
C THR A 75 35.65 -23.24 14.58
N TYR A 76 36.55 -22.65 15.37
CA TYR A 76 37.60 -21.75 14.86
C TYR A 76 38.56 -22.50 13.93
N ASP A 77 39.03 -23.63 14.44
CA ASP A 77 39.96 -24.52 13.77
C ASP A 77 39.37 -25.12 12.48
N TYR A 78 38.07 -25.41 12.51
CA TYR A 78 37.45 -26.09 11.39
C TYR A 78 37.22 -25.13 10.22
N TYR A 79 36.89 -23.89 10.53
CA TYR A 79 36.72 -22.87 9.49
C TYR A 79 38.03 -22.60 8.79
N ASN A 80 39.13 -22.59 9.54
CA ASN A 80 40.48 -22.41 8.98
C ASN A 80 40.84 -23.55 8.03
N LYS A 81 40.51 -24.78 8.43
CA LYS A 81 40.72 -25.97 7.59
C LYS A 81 39.98 -25.87 6.27
N VAL A 82 38.68 -25.61 6.37
CA VAL A 82 37.77 -25.60 5.24
C VAL A 82 37.97 -24.33 4.38
N ASN A 83 38.49 -23.28 4.99
CA ASN A 83 38.69 -22.01 4.31
C ASN A 83 37.42 -21.56 3.58
N ALA A 84 36.28 -21.79 4.22
CA ALA A 84 35.00 -21.38 3.67
C ALA A 84 34.84 -19.87 3.82
N LYS A 85 34.13 -19.27 2.85
CA LYS A 85 33.76 -17.85 2.88
C LYS A 85 33.11 -17.52 4.21
N GLN A 86 33.66 -16.51 4.88
CA GLN A 86 33.19 -16.10 6.19
C GLN A 86 32.48 -14.76 6.04
N ALA A 87 31.36 -14.61 6.75
CA ALA A 87 30.59 -13.39 6.72
C ALA A 87 30.84 -12.62 8.01
N TYR A 88 30.96 -11.29 7.89
CA TYR A 88 31.34 -10.43 9.02
C TYR A 88 30.34 -9.30 9.19
N TYR A 89 29.65 -9.30 10.32
CA TYR A 89 28.62 -8.31 10.63
C TYR A 89 29.19 -7.23 11.52
N LEU A 90 29.29 -6.02 10.97
CA LEU A 90 29.84 -4.86 11.68
C LEU A 90 28.70 -4.02 12.20
N SER A 91 28.79 -3.60 13.47
CA SER A 91 27.77 -2.75 14.09
C SER A 91 28.32 -2.00 15.29
N MET A 92 27.81 -0.79 15.49
CA MET A 92 28.15 -0.02 16.68
C MET A 92 27.38 -0.53 17.89
N GLU A 93 26.34 -1.33 17.65
CA GLU A 93 25.49 -1.84 18.73
C GLU A 93 25.47 -3.35 18.75
N PHE A 94 25.43 -3.92 19.96
CA PHE A 94 25.00 -5.30 20.19
C PHE A 94 24.26 -5.38 21.52
N LEU A 95 22.93 -5.50 21.50
CA LEU A 95 22.19 -5.79 22.72
C LEU A 95 22.24 -7.31 22.97
N GLN A 96 23.37 -7.80 23.45
CA GLN A 96 23.52 -9.22 23.75
C GLN A 96 22.52 -9.65 24.82
N GLY A 97 22.34 -8.85 25.86
CA GLY A 97 21.55 -9.25 27.01
C GLY A 97 22.30 -10.26 27.84
N ARG A 98 21.63 -10.83 28.83
CA ARG A 98 22.23 -11.87 29.67
C ARG A 98 22.43 -13.18 28.88
N ALA A 99 23.62 -13.76 29.03
CA ALA A 99 23.99 -14.95 28.27
C ALA A 99 23.60 -16.26 28.96
N LEU A 100 23.68 -16.26 30.29
CA LEU A 100 23.55 -17.49 31.08
C LEU A 100 22.47 -18.47 30.62
N THR A 101 21.19 -18.11 30.77
CA THR A 101 20.11 -19.07 30.49
C THR A 101 20.04 -19.46 29.01
N ASN A 102 20.48 -18.57 28.13
CA ASN A 102 20.50 -18.86 26.69
C ASN A 102 21.64 -19.77 26.26
N ALA A 103 22.79 -19.62 26.89
CA ALA A 103 23.92 -20.51 26.66
C ALA A 103 23.56 -21.89 27.18
N ILE A 104 23.14 -21.95 28.45
CA ILE A 104 22.71 -23.20 29.07
C ILE A 104 21.60 -23.88 28.27
N GLY A 105 20.62 -23.11 27.84
CA GLY A 105 19.53 -23.61 27.01
C GLY A 105 19.99 -24.12 25.66
N ASN A 106 20.83 -23.36 24.98
CA ASN A 106 21.37 -23.80 23.68
C ASN A 106 22.23 -25.08 23.79
N LEU A 107 23.00 -25.22 24.86
CA LEU A 107 23.76 -26.45 25.11
C LEU A 107 22.88 -27.62 25.57
N GLU A 108 21.63 -27.32 25.90
CA GLU A 108 20.67 -28.29 26.41
C GLU A 108 21.11 -28.89 27.74
N LEU A 109 21.75 -28.09 28.57
CA LEU A 109 22.15 -28.51 29.90
C LEU A 109 21.29 -27.78 30.93
N THR A 110 20.13 -27.34 30.47
CA THR A 110 19.24 -26.49 31.26
C THR A 110 18.67 -27.23 32.48
N GLY A 111 18.24 -28.48 32.28
CA GLY A 111 17.74 -29.31 33.37
C GLY A 111 18.80 -29.57 34.42
N GLN A 112 20.00 -29.93 33.96
CA GLN A 112 21.08 -30.34 34.87
C GLN A 112 21.77 -29.18 35.60
N TYR A 113 21.84 -28.01 34.98
CA TYR A 113 22.36 -26.83 35.69
C TYR A 113 21.39 -26.38 36.78
N ALA A 114 20.10 -26.57 36.53
CA ALA A 114 19.06 -26.25 37.51
C ALA A 114 19.21 -27.12 38.77
N GLU A 115 19.35 -28.44 38.58
CA GLU A 115 19.53 -29.37 39.72
C GLU A 115 20.83 -29.11 40.46
N ALA A 116 21.91 -28.94 39.69
CA ALA A 116 23.23 -28.63 40.25
C ALA A 116 23.16 -27.49 41.28
N LEU A 117 22.41 -26.44 40.96
CA LEU A 117 22.31 -25.27 41.83
C LEU A 117 21.46 -25.51 43.09
N LYS A 118 20.51 -26.45 43.01
CA LYS A 118 19.74 -26.84 44.20
C LYS A 118 20.65 -27.48 45.24
N GLN A 119 21.49 -28.42 44.79
CA GLN A 119 22.47 -29.08 45.67
C GLN A 119 23.29 -28.05 46.43
N LEU A 120 23.70 -26.99 45.73
CA LEU A 120 24.58 -25.97 46.29
C LEU A 120 23.84 -24.87 47.06
N GLY A 121 22.54 -25.08 47.32
CA GLY A 121 21.71 -24.18 48.11
C GLY A 121 21.32 -22.90 47.38
N HIS A 122 21.17 -23.01 46.06
CA HIS A 122 20.86 -21.86 45.23
C HIS A 122 19.72 -22.18 44.26
N ASN A 123 19.28 -21.16 43.55
CA ASN A 123 18.13 -21.22 42.67
C ASN A 123 18.48 -20.55 41.34
N LEU A 124 18.37 -21.27 40.24
CA LEU A 124 18.83 -20.78 38.94
C LEU A 124 18.21 -19.43 38.58
N GLU A 125 16.90 -19.31 38.66
CA GLU A 125 16.21 -18.06 38.34
C GLU A 125 16.82 -16.89 39.13
N ASP A 126 17.03 -17.12 40.43
CA ASP A 126 17.65 -16.16 41.34
C ASP A 126 19.12 -15.86 40.99
N VAL A 127 19.86 -16.89 40.56
CA VAL A 127 21.26 -16.75 40.15
C VAL A 127 21.37 -16.02 38.81
N ALA A 128 20.53 -16.41 37.86
CA ALA A 128 20.48 -15.77 36.55
C ALA A 128 20.20 -14.27 36.64
N SER A 129 19.39 -13.88 37.64
CA SER A 129 18.96 -12.49 37.82
C SER A 129 20.05 -11.55 38.36
N GLN A 130 21.20 -12.13 38.71
CA GLN A 130 22.35 -11.35 39.17
C GLN A 130 23.24 -10.92 38.02
N GLU A 131 23.01 -11.52 36.84
CA GLU A 131 23.81 -11.16 35.66
C GLU A 131 23.46 -9.74 35.23
N PRO A 132 24.48 -8.91 35.07
CA PRO A 132 24.24 -7.59 34.50
C PRO A 132 24.13 -7.64 32.98
N ASP A 133 23.15 -6.93 32.44
CA ASP A 133 23.04 -6.77 31.00
C ASP A 133 24.28 -6.06 30.50
N PRO A 134 24.99 -6.65 29.52
CA PRO A 134 26.05 -5.93 28.87
C PRO A 134 25.57 -4.58 28.42
N ALA A 135 26.40 -3.56 28.59
CA ALA A 135 26.07 -2.24 28.14
C ALA A 135 26.65 -2.02 26.73
N LEU A 136 26.23 -2.85 25.77
CA LEU A 136 26.82 -2.83 24.44
C LEU A 136 25.90 -2.33 23.31
N GLY A 137 24.71 -1.84 23.65
CA GLY A 137 23.72 -1.43 22.64
C GLY A 137 22.64 -0.49 23.14
N ASN A 138 21.58 -0.33 22.36
CA ASN A 138 20.57 0.68 22.63
C ASN A 138 19.22 0.24 22.09
N GLY A 139 19.10 0.13 20.77
CA GLY A 139 17.80 -0.15 20.14
C GLY A 139 17.77 -1.41 19.30
N GLY A 140 16.81 -1.44 18.37
CA GLY A 140 16.65 -2.57 17.48
C GLY A 140 17.95 -2.96 16.80
N LEU A 141 18.66 -1.95 16.29
CA LEU A 141 19.90 -2.16 15.55
C LEU A 141 20.83 -3.13 16.25
N GLY A 142 20.88 -3.01 17.58
CA GLY A 142 21.76 -3.82 18.40
C GLY A 142 21.21 -5.19 18.68
N ARG A 143 19.92 -5.25 19.01
CA ARG A 143 19.25 -6.51 19.28
C ARG A 143 19.12 -7.32 18.00
N LEU A 144 18.98 -6.65 16.87
CA LEU A 144 18.92 -7.34 15.58
C LEU A 144 20.21 -8.07 15.37
N ALA A 145 21.30 -7.32 15.47
CA ALA A 145 22.63 -7.87 15.29
C ALA A 145 22.82 -9.10 16.18
N SER A 146 22.36 -9.00 17.43
CA SER A 146 22.51 -10.08 18.40
C SER A 146 21.69 -11.31 18.00
N CYS A 147 20.41 -11.10 17.69
CA CYS A 147 19.55 -12.18 17.18
C CYS A 147 20.27 -12.86 16.02
N PHE A 148 20.61 -12.07 15.01
CA PHE A 148 21.40 -12.55 13.88
C PHE A 148 22.57 -13.49 14.24
N LEU A 149 23.32 -13.19 15.30
CA LEU A 149 24.47 -14.02 15.65
C LEU A 149 24.06 -15.40 16.18
N ASP A 150 22.93 -15.43 16.89
CA ASP A 150 22.35 -16.66 17.42
C ASP A 150 21.81 -17.52 16.30
N SER A 151 21.12 -16.90 15.36
CA SER A 151 20.64 -17.62 14.19
C SER A 151 21.78 -18.15 13.34
N LEU A 152 22.81 -17.33 13.15
CA LEU A 152 23.96 -17.71 12.31
C LEU A 152 24.73 -18.91 12.86
N ALA A 153 24.91 -18.92 14.17
CA ALA A 153 25.56 -20.04 14.85
C ALA A 153 24.65 -21.25 14.76
N THR A 154 23.40 -21.04 15.12
CA THR A 154 22.41 -22.11 15.12
C THR A 154 22.31 -22.81 13.76
N LEU A 155 22.34 -22.03 12.66
CA LEU A 155 22.25 -22.60 11.31
C LEU A 155 23.60 -22.98 10.70
N ASN A 156 24.65 -23.04 11.53
CA ASN A 156 25.98 -23.48 11.07
C ASN A 156 26.59 -22.61 9.97
N TYR A 157 26.33 -21.31 10.01
CA TYR A 157 26.95 -20.38 9.05
C TYR A 157 28.24 -19.81 9.63
N PRO A 158 29.32 -19.75 8.82
CA PRO A 158 30.55 -19.13 9.29
C PRO A 158 30.43 -17.61 9.28
N ALA A 159 30.23 -17.03 10.46
CA ALA A 159 30.05 -15.59 10.58
C ALA A 159 30.49 -15.05 11.95
N TRP A 160 31.19 -13.92 11.93
CA TRP A 160 31.51 -13.20 13.15
C TRP A 160 30.77 -11.89 13.19
N GLY A 161 30.61 -11.36 14.39
CA GLY A 161 30.20 -9.98 14.61
C GLY A 161 31.40 -9.19 15.09
N TYR A 162 31.55 -7.98 14.57
CA TYR A 162 32.59 -7.07 15.03
C TYR A 162 31.93 -5.85 15.64
N GLY A 163 32.44 -5.42 16.80
CA GLY A 163 31.93 -4.24 17.48
C GLY A 163 32.95 -3.65 18.44
N LEU A 164 32.54 -2.61 19.16
CA LEU A 164 33.35 -2.00 20.21
C LEU A 164 32.84 -2.40 21.60
N ARG A 165 33.76 -2.58 22.54
CA ARG A 165 33.44 -2.94 23.90
C ARG A 165 33.19 -1.73 24.80
N TYR A 166 31.96 -1.21 24.84
CA TYR A 166 31.66 0.00 25.59
C TYR A 166 31.67 -0.24 27.10
N ARG A 167 32.41 0.60 27.82
CA ARG A 167 32.61 0.45 29.26
C ARG A 167 31.35 0.85 30.02
N TYR A 168 30.90 2.09 29.81
CA TYR A 168 29.72 2.65 30.50
C TYR A 168 28.42 2.61 29.65
N GLY A 169 28.53 2.10 28.42
CA GLY A 169 27.35 1.91 27.58
C GLY A 169 26.72 3.22 27.20
N LEU A 170 25.41 3.21 27.01
CA LEU A 170 24.70 4.44 26.73
C LEU A 170 24.39 5.14 28.05
N PHE A 171 23.57 4.49 28.89
CA PHE A 171 23.35 4.89 30.28
C PHE A 171 22.35 3.99 30.97
N LYS A 172 22.42 3.94 32.30
CA LYS A 172 21.42 3.26 33.11
C LYS A 172 20.38 4.28 33.48
N GLN A 173 19.13 4.02 33.11
CA GLN A 173 18.05 4.98 33.38
C GLN A 173 17.55 4.84 34.82
N ILE A 174 17.50 5.96 35.55
CA ILE A 174 16.79 6.00 36.82
C ILE A 174 15.63 6.97 36.71
N ILE A 175 14.55 6.69 37.42
CA ILE A 175 13.35 7.52 37.39
C ILE A 175 13.18 8.18 38.75
N THR A 176 13.31 9.50 38.78
CA THR A 176 13.20 10.27 40.01
C THR A 176 11.92 11.10 39.95
N LYS A 177 11.79 12.10 40.82
CA LYS A 177 10.65 13.01 40.74
C LYS A 177 10.86 14.08 39.66
N ASP A 178 12.06 14.17 39.09
CA ASP A 178 12.33 15.15 38.04
C ASP A 178 12.19 14.53 36.64
N GLY A 179 11.90 13.23 36.58
CA GLY A 179 11.76 12.51 35.31
C GLY A 179 12.89 11.52 35.13
N GLN A 180 13.50 11.52 33.94
CA GLN A 180 14.62 10.63 33.69
C GLN A 180 15.94 11.24 34.12
N GLU A 181 16.80 10.41 34.71
CA GLU A 181 18.20 10.75 34.94
C GLU A 181 19.08 9.60 34.44
N GLU A 182 20.24 9.97 33.92
CA GLU A 182 21.15 9.03 33.27
C GLU A 182 22.34 8.76 34.17
N VAL A 183 22.61 7.49 34.42
CA VAL A 183 23.76 7.07 35.20
C VAL A 183 24.60 6.16 34.32
N ALA A 184 25.92 6.31 34.38
CA ALA A 184 26.82 5.41 33.65
C ALA A 184 26.71 3.94 34.15
N GLU A 185 26.69 2.99 33.23
CA GLU A 185 26.48 1.58 33.54
C GLU A 185 27.73 0.99 34.18
N ASN A 186 27.54 -0.04 35.00
CA ASN A 186 28.65 -0.62 35.79
C ASN A 186 29.01 -2.08 35.43
N TRP A 187 28.63 -2.53 34.25
CA TRP A 187 28.65 -3.96 33.91
C TRP A 187 30.02 -4.63 33.94
N LEU A 188 31.07 -3.85 33.74
CA LEU A 188 32.46 -4.36 33.74
C LEU A 188 33.19 -4.21 35.06
N GLU A 189 32.52 -3.64 36.07
CA GLU A 189 33.17 -3.39 37.37
C GLU A 189 33.81 -4.63 38.00
N MET A 190 33.26 -5.81 37.73
CA MET A 190 33.88 -7.06 38.20
C MET A 190 34.38 -7.95 37.06
N GLY A 191 34.32 -7.43 35.84
CA GLY A 191 34.79 -8.16 34.69
C GLY A 191 33.71 -9.04 34.11
N ASN A 192 33.81 -9.29 32.81
CA ASN A 192 32.81 -10.05 32.08
C ASN A 192 33.22 -11.50 31.89
N PRO A 193 32.55 -12.44 32.58
CA PRO A 193 32.95 -13.84 32.45
C PRO A 193 32.77 -14.40 31.04
N TRP A 194 31.88 -13.79 30.27
CA TRP A 194 31.51 -14.25 28.94
C TRP A 194 32.42 -13.78 27.81
N GLU A 195 33.62 -13.32 28.14
CA GLU A 195 34.55 -12.87 27.12
C GLU A 195 35.96 -13.41 27.36
N ILE A 196 36.78 -13.35 26.31
CA ILE A 196 38.15 -13.80 26.36
C ILE A 196 39.07 -12.74 25.75
N VAL A 197 40.06 -12.29 26.51
CA VAL A 197 40.98 -11.30 26.01
C VAL A 197 41.96 -12.04 25.12
N ARG A 198 42.23 -11.47 23.94
CA ARG A 198 43.19 -12.06 23.01
C ARG A 198 44.34 -11.09 22.91
N ASN A 199 45.30 -11.26 23.81
CA ASN A 199 46.44 -10.38 23.92
C ASN A 199 47.31 -10.40 22.67
N ASP A 200 47.33 -11.51 21.95
CA ASP A 200 48.11 -11.58 20.70
C ASP A 200 47.42 -10.86 19.54
N VAL A 201 46.14 -10.55 19.70
CA VAL A 201 45.38 -9.81 18.69
C VAL A 201 45.28 -8.34 19.05
N SER A 202 46.22 -7.56 18.52
CA SER A 202 46.24 -6.12 18.68
C SER A 202 46.53 -5.49 17.31
N TYR A 203 45.78 -4.48 16.94
CA TYR A 203 46.03 -3.78 15.68
C TYR A 203 46.22 -2.28 15.90
N PRO A 204 47.23 -1.70 15.25
CA PRO A 204 47.43 -0.27 15.35
C PRO A 204 46.41 0.51 14.51
N VAL A 205 45.90 1.58 15.11
CA VAL A 205 44.93 2.47 14.49
C VAL A 205 45.46 3.90 14.62
N LYS A 206 45.30 4.68 13.57
CA LYS A 206 46.00 5.94 13.45
C LYS A 206 45.02 7.08 13.19
N PHE A 207 45.30 8.23 13.83
CA PHE A 207 44.45 9.41 13.70
C PHE A 207 45.32 10.58 13.29
N TYR A 208 44.70 11.55 12.63
CA TYR A 208 45.40 12.72 12.10
C TYR A 208 46.55 12.32 11.17
N GLY A 209 47.71 12.95 11.31
CA GLY A 209 48.86 12.64 10.46
C GLY A 209 48.74 13.29 9.10
N LYS A 210 49.61 12.87 8.16
CA LYS A 210 49.59 13.40 6.80
C LYS A 210 50.13 12.38 5.81
N VAL A 211 49.79 12.58 4.53
CA VAL A 211 50.17 11.66 3.47
C VAL A 211 51.34 12.23 2.69
N VAL A 212 52.25 11.35 2.25
CA VAL A 212 53.40 11.71 1.42
C VAL A 212 53.75 10.57 0.48
N GLU A 213 54.42 10.88 -0.63
CA GLU A 213 54.71 9.88 -1.64
C GLU A 213 56.12 9.33 -1.48
N GLY A 214 56.22 7.99 -1.38
CA GLY A 214 57.49 7.31 -1.14
C GLY A 214 58.28 7.02 -2.41
N THR A 215 59.48 6.47 -2.22
CA THR A 215 60.34 6.06 -3.34
C THR A 215 59.50 5.27 -4.32
N ASP A 216 58.93 4.16 -3.85
CA ASP A 216 58.14 3.27 -4.70
C ASP A 216 56.81 3.86 -5.21
N GLY A 217 56.81 5.13 -5.67
CA GLY A 217 55.60 5.90 -6.01
C GLY A 217 54.33 5.70 -5.16
N ARG A 218 54.44 5.00 -4.05
CA ARG A 218 53.27 4.54 -3.32
C ARG A 218 52.97 5.55 -2.22
N LYS A 219 51.69 5.67 -1.87
CA LYS A 219 51.26 6.59 -0.81
C LYS A 219 51.65 6.04 0.56
N HIS A 220 51.97 6.94 1.47
CA HIS A 220 52.34 6.55 2.83
C HIS A 220 51.72 7.52 3.83
N TRP A 221 50.89 6.98 4.71
CA TRP A 221 50.22 7.76 5.75
C TRP A 221 51.05 7.68 7.02
N ILE A 222 51.65 8.81 7.41
CA ILE A 222 52.58 8.84 8.54
C ILE A 222 52.14 9.83 9.61
N GLY A 223 52.77 9.73 10.77
CA GLY A 223 52.60 10.71 11.84
C GLY A 223 51.28 10.58 12.57
N GLY A 224 50.79 11.71 13.08
CA GLY A 224 49.55 11.73 13.85
C GLY A 224 49.59 10.95 15.16
N GLU A 225 48.41 10.63 15.67
CA GLU A 225 48.23 9.93 16.94
C GLU A 225 48.01 8.44 16.62
N ASN A 226 48.58 7.56 17.44
CA ASN A 226 48.50 6.11 17.23
C ASN A 226 47.99 5.38 18.47
N ILE A 227 46.95 4.59 18.31
CA ILE A 227 46.42 3.78 19.40
C ILE A 227 46.42 2.31 18.98
N LYS A 228 46.00 1.43 19.88
CA LYS A 228 45.90 0.01 19.59
C LYS A 228 44.59 -0.53 20.07
N ALA A 229 43.97 -1.34 19.21
CA ALA A 229 42.70 -1.96 19.52
C ALA A 229 42.97 -3.41 19.85
N VAL A 230 42.45 -3.87 20.99
CA VAL A 230 42.69 -5.24 21.42
C VAL A 230 41.40 -6.03 21.35
N ALA A 231 41.51 -7.29 20.96
CA ALA A 231 40.33 -8.11 20.75
C ALA A 231 39.82 -8.72 22.05
N HIS A 232 38.51 -8.63 22.23
CA HIS A 232 37.78 -9.32 23.30
C HIS A 232 36.68 -10.17 22.67
N ASP A 233 36.81 -11.49 22.78
CA ASP A 233 35.92 -12.41 22.09
C ASP A 233 34.74 -12.80 22.96
N VAL A 234 33.56 -12.83 22.35
CA VAL A 234 32.34 -13.29 23.02
C VAL A 234 31.71 -14.42 22.17
N PRO A 235 31.88 -15.67 22.62
CA PRO A 235 31.37 -16.83 21.93
C PRO A 235 29.87 -16.77 21.77
N ILE A 236 29.39 -17.22 20.61
CA ILE A 236 27.96 -17.29 20.34
C ILE A 236 27.62 -18.75 20.16
N PRO A 237 27.07 -19.38 21.21
CA PRO A 237 26.72 -20.79 21.12
C PRO A 237 25.50 -20.99 20.27
N GLY A 238 25.55 -21.95 19.35
CA GLY A 238 24.39 -22.30 18.53
C GLY A 238 23.45 -23.16 19.33
N TYR A 239 22.20 -23.25 18.89
CA TYR A 239 21.21 -24.13 19.52
C TYR A 239 21.27 -25.55 18.95
N LYS A 240 21.51 -26.52 19.84
CA LYS A 240 21.64 -27.94 19.46
C LYS A 240 22.63 -28.12 18.33
N THR A 241 23.75 -27.44 18.43
CA THR A 241 24.82 -27.60 17.46
C THR A 241 26.14 -27.27 18.16
N LYS A 242 27.20 -27.94 17.74
CA LYS A 242 28.53 -27.66 18.24
C LYS A 242 29.02 -26.32 17.72
N THR A 243 28.49 -25.88 16.58
CA THR A 243 28.90 -24.60 16.01
C THR A 243 28.87 -23.49 17.06
N THR A 244 30.02 -22.92 17.38
CA THR A 244 30.08 -21.76 18.27
C THR A 244 30.85 -20.61 17.64
N ASN A 245 30.10 -19.65 17.12
CA ASN A 245 30.66 -18.48 16.45
C ASN A 245 31.14 -17.41 17.45
N ASN A 246 31.34 -16.19 16.98
CA ASN A 246 32.08 -15.19 17.76
C ASN A 246 31.66 -13.74 17.51
N LEU A 247 31.55 -12.97 18.58
CA LEU A 247 31.46 -11.52 18.52
C LEU A 247 32.79 -10.99 19.02
N ARG A 248 33.64 -10.53 18.10
CA ARG A 248 34.92 -9.92 18.45
C ARG A 248 34.74 -8.43 18.77
N LEU A 249 35.09 -8.02 20.00
CA LEU A 249 34.87 -6.66 20.48
C LEU A 249 36.17 -5.93 20.72
N TRP A 250 36.29 -4.71 20.19
CA TRP A 250 37.51 -3.93 20.30
C TRP A 250 37.50 -3.04 21.51
N SER A 251 38.54 -3.21 22.33
CA SER A 251 38.87 -2.31 23.44
C SER A 251 40.12 -1.50 23.06
N THR A 252 39.99 -0.18 23.01
CA THR A 252 41.10 0.70 22.63
C THR A 252 41.95 1.08 23.83
N THR A 253 43.27 1.14 23.63
CA THR A 253 44.18 1.60 24.68
C THR A 253 45.51 2.08 24.07
N VAL A 254 46.47 2.41 24.93
CA VAL A 254 47.84 2.71 24.51
C VAL A 254 48.83 1.95 25.39
N PRO A 255 50.06 1.71 24.87
CA PRO A 255 51.04 0.97 25.67
C PRO A 255 51.52 1.79 26.86
N SER A 256 51.60 1.14 28.02
CA SER A 256 51.93 1.81 29.28
C SER A 256 53.01 2.88 29.15
N GLN A 257 53.98 2.64 28.27
CA GLN A 257 55.05 3.61 28.03
C GLN A 257 54.58 5.00 27.59
N ASN A 258 53.38 5.10 27.03
CA ASN A 258 52.85 6.41 26.62
C ASN A 258 52.36 7.28 27.79
N PHE A 259 52.33 6.68 28.99
CA PHE A 259 52.13 7.40 30.24
C PHE A 259 53.35 8.28 30.57
N ASP A 260 53.10 9.54 30.93
CA ASP A 260 54.16 10.54 31.02
C ASP A 260 54.61 10.81 32.47
N LEU A 261 55.71 10.19 32.88
CA LEU A 261 56.19 10.36 34.26
C LEU A 261 56.65 11.78 34.59
N GLY A 262 57.25 12.47 33.62
CA GLY A 262 57.58 13.88 33.74
C GLY A 262 56.37 14.69 34.17
N ALA A 263 55.27 14.52 33.46
CA ALA A 263 54.01 15.14 33.83
C ALA A 263 53.58 14.70 35.24
N PHE A 264 53.60 13.39 35.50
CA PHE A 264 53.10 12.90 36.78
C PHE A 264 53.92 13.41 37.96
N ASN A 265 55.24 13.27 37.88
CA ASN A 265 56.11 13.70 38.98
C ASN A 265 56.10 15.21 39.22
N ALA A 266 55.85 15.97 38.15
CA ALA A 266 55.78 17.43 38.27
C ALA A 266 54.49 17.88 38.95
N GLY A 267 53.55 16.96 39.12
CA GLY A 267 52.29 17.24 39.82
C GLY A 267 51.08 17.27 38.90
N ASP A 268 51.33 17.41 37.61
CA ASP A 268 50.28 17.51 36.59
C ASP A 268 49.81 16.10 36.22
N HIS A 269 48.90 15.60 37.03
CA HIS A 269 48.52 14.20 36.97
C HIS A 269 47.55 13.91 35.82
N ALA A 270 46.79 14.93 35.42
CA ALA A 270 45.89 14.79 34.29
C ALA A 270 46.69 14.75 32.99
N LYS A 271 47.68 15.64 32.88
CA LYS A 271 48.53 15.68 31.70
C LYS A 271 49.29 14.38 31.55
N ALA A 272 49.84 13.90 32.66
CA ALA A 272 50.49 12.60 32.65
C ALA A 272 49.60 11.53 32.06
N ASN A 273 48.28 11.71 32.19
CA ASN A 273 47.31 10.68 31.84
C ASN A 273 46.55 10.91 30.53
N GLU A 274 46.88 12.01 29.88
CA GLU A 274 46.19 12.48 28.70
C GLU A 274 46.09 11.40 27.61
N ALA A 275 47.20 10.72 27.35
CA ALA A 275 47.28 9.77 26.24
C ALA A 275 46.36 8.58 26.44
N HIS A 276 46.37 8.08 27.67
CA HIS A 276 45.52 6.96 28.04
C HIS A 276 44.06 7.34 27.96
N LEU A 277 43.71 8.51 28.48
CA LEU A 277 42.32 8.97 28.37
C LEU A 277 41.85 8.99 26.91
N ASN A 278 42.65 9.56 26.03
CA ASN A 278 42.23 9.70 24.62
C ASN A 278 42.04 8.37 23.90
N ALA A 279 42.91 7.41 24.17
CA ALA A 279 42.72 6.10 23.59
C ALA A 279 41.47 5.48 24.19
N GLU A 280 41.37 5.53 25.51
CA GLU A 280 40.35 4.78 26.21
C GLU A 280 38.92 5.31 26.07
N LYS A 281 38.78 6.62 25.94
CA LYS A 281 37.45 7.24 25.85
C LYS A 281 36.65 6.78 24.63
N ILE A 282 37.36 6.42 23.55
CA ILE A 282 36.73 5.82 22.38
C ILE A 282 35.72 4.70 22.75
N CYS A 283 36.04 3.91 23.79
CA CYS A 283 35.19 2.81 24.25
C CYS A 283 34.44 3.11 25.53
N HIS A 284 34.27 4.38 25.86
CA HIS A 284 33.59 4.74 27.12
C HIS A 284 32.08 4.79 26.97
N VAL A 285 31.58 5.51 25.97
CA VAL A 285 30.14 5.69 25.82
C VAL A 285 29.64 5.38 24.42
N LEU A 286 28.47 4.76 24.33
CA LEU A 286 27.80 4.48 23.07
C LEU A 286 27.12 5.75 22.55
N TYR A 287 27.26 6.00 21.25
CA TYR A 287 26.66 7.19 20.64
C TYR A 287 26.84 8.44 21.52
N PRO A 288 28.09 8.86 21.73
CA PRO A 288 28.35 10.02 22.58
C PRO A 288 27.85 11.31 21.96
N GLY A 289 27.41 12.23 22.82
CA GLY A 289 26.83 13.49 22.36
C GLY A 289 27.79 14.27 21.52
N ASP A 290 27.30 14.74 20.37
CA ASP A 290 28.12 15.27 19.29
C ASP A 290 27.72 16.65 18.80
N GLU A 291 27.04 17.43 19.64
CA GLU A 291 26.76 18.82 19.30
C GLU A 291 28.02 19.66 19.37
N SER A 292 29.10 19.04 19.84
CA SER A 292 30.39 19.68 19.97
C SER A 292 31.36 19.09 18.94
N SER A 293 32.25 19.91 18.40
CA SER A 293 33.27 19.43 17.48
C SER A 293 34.07 18.27 18.09
N GLU A 294 34.28 18.33 19.40
CA GLU A 294 35.03 17.29 20.10
CA GLU A 294 35.02 17.31 20.13
C GLU A 294 34.23 16.00 20.18
N GLY A 295 32.92 16.12 20.31
CA GLY A 295 32.06 14.95 20.32
C GLY A 295 31.96 14.29 18.95
N LYS A 296 32.06 15.09 17.90
CA LYS A 296 32.05 14.58 16.54
C LYS A 296 33.33 13.82 16.25
N ILE A 297 34.47 14.41 16.57
CA ILE A 297 35.73 13.77 16.29
C ILE A 297 35.74 12.40 16.98
N LEU A 298 35.20 12.33 18.18
CA LEU A 298 35.16 11.06 18.90
C LEU A 298 34.28 10.06 18.20
N ARG A 299 33.09 10.51 17.86
CA ARG A 299 32.09 9.71 17.17
C ARG A 299 32.75 9.07 15.94
N LEU A 300 33.60 9.85 15.30
CA LEU A 300 34.29 9.47 14.07
C LEU A 300 35.45 8.52 14.34
N LYS A 301 36.15 8.76 15.44
CA LYS A 301 37.24 7.88 15.89
C LYS A 301 36.72 6.53 16.32
N GLN A 302 35.51 6.53 16.89
CA GLN A 302 34.83 5.30 17.24
C GLN A 302 34.62 4.42 15.99
N GLN A 303 34.08 5.05 14.95
CA GLN A 303 33.75 4.36 13.73
C GLN A 303 34.98 3.88 12.97
N TYR A 304 36.00 4.75 12.87
CA TYR A 304 37.20 4.40 12.15
C TYR A 304 37.90 3.22 12.79
N THR A 305 38.02 3.28 14.10
CA THR A 305 38.56 2.17 14.89
C THR A 305 37.85 0.85 14.60
N LEU A 306 36.52 0.88 14.61
CA LEU A 306 35.74 -0.33 14.36
C LEU A 306 36.12 -0.87 12.98
N CYS A 307 36.13 0.02 12.00
CA CYS A 307 36.46 -0.38 10.63
C CYS A 307 37.90 -0.79 10.48
N SER A 308 38.81 0.02 11.00
CA SER A 308 40.21 -0.24 10.77
C SER A 308 40.63 -1.54 11.45
N ALA A 309 40.36 -1.64 12.75
CA ALA A 309 40.74 -2.83 13.49
C ALA A 309 40.11 -4.07 12.86
N SER A 310 38.80 -4.03 12.64
CA SER A 310 38.08 -5.19 12.09
C SER A 310 38.63 -5.66 10.72
N LEU A 311 38.82 -4.72 9.80
CA LEU A 311 39.29 -5.08 8.45
C LEU A 311 40.69 -5.70 8.49
N GLN A 312 41.60 -5.07 9.23
CA GLN A 312 42.96 -5.58 9.40
C GLN A 312 42.99 -7.02 9.86
N ASP A 313 42.06 -7.36 10.76
CA ASP A 313 41.91 -8.70 11.33
C ASP A 313 41.36 -9.67 10.28
N ILE A 314 40.36 -9.22 9.53
CA ILE A 314 39.78 -9.98 8.43
C ILE A 314 40.86 -10.30 7.37
N ILE A 315 41.60 -9.28 6.98
CA ILE A 315 42.71 -9.41 6.03
C ILE A 315 43.70 -10.45 6.54
N SER A 316 44.02 -10.35 7.82
CA SER A 316 44.96 -11.25 8.48
C SER A 316 44.53 -12.71 8.39
N ARG A 317 43.25 -12.97 8.59
CA ARG A 317 42.74 -14.34 8.59
C ARG A 317 42.69 -14.92 7.20
N PHE A 318 42.34 -14.08 6.24
CA PHE A 318 42.40 -14.45 4.84
C PHE A 318 43.79 -14.94 4.43
N GLU A 319 44.81 -14.20 4.87
CA GLU A 319 46.20 -14.49 4.49
C GLU A 319 46.78 -15.76 5.11
N SER A 320 46.45 -16.04 6.36
CA SER A 320 46.93 -17.25 7.03
C SER A 320 46.23 -18.49 6.49
N ARG A 321 44.98 -18.35 6.07
CA ARG A 321 44.26 -19.47 5.47
C ARG A 321 44.74 -19.73 4.04
N ALA A 322 45.01 -18.65 3.31
CA ALA A 322 45.50 -18.77 1.94
C ALA A 322 46.90 -19.38 1.89
N GLY A 323 47.75 -18.96 2.82
CA GLY A 323 49.12 -19.44 2.86
C GLY A 323 49.85 -19.17 1.57
N ASP A 324 50.49 -20.21 1.03
CA ASP A 324 51.29 -20.09 -0.18
C ASP A 324 50.44 -19.72 -1.40
N SER A 325 49.30 -20.40 -1.58
CA SER A 325 48.36 -20.04 -2.63
C SER A 325 47.57 -18.78 -2.26
N LEU A 326 48.18 -17.61 -2.45
CA LEU A 326 47.55 -16.35 -2.09
C LEU A 326 47.23 -15.55 -3.33
N ASN A 327 45.95 -15.29 -3.56
CA ASN A 327 45.50 -14.47 -4.68
C ASN A 327 44.37 -13.57 -4.22
N TRP A 328 44.58 -12.25 -4.36
CA TRP A 328 43.63 -11.26 -3.85
C TRP A 328 42.31 -11.21 -4.59
N GLU A 329 42.32 -11.72 -5.82
CA GLU A 329 41.07 -11.87 -6.57
C GLU A 329 40.12 -12.84 -5.87
N ASP A 330 40.67 -13.71 -5.03
CA ASP A 330 39.86 -14.62 -4.22
C ASP A 330 39.20 -13.93 -3.03
N PHE A 331 39.52 -12.67 -2.77
CA PHE A 331 39.08 -12.00 -1.54
C PHE A 331 37.55 -11.94 -1.37
N PRO A 332 36.82 -11.47 -2.40
CA PRO A 332 35.37 -11.42 -2.22
C PRO A 332 34.68 -12.79 -2.27
N SER A 333 35.39 -13.85 -2.63
CA SER A 333 34.82 -15.21 -2.60
C SER A 333 35.10 -15.88 -1.27
N LYS A 334 35.91 -15.22 -0.43
CA LYS A 334 36.22 -15.69 0.91
C LYS A 334 35.77 -14.71 2.01
N VAL A 335 35.37 -13.49 1.63
CA VAL A 335 35.01 -12.47 2.61
C VAL A 335 33.73 -11.77 2.21
N ALA A 336 32.85 -11.58 3.20
CA ALA A 336 31.68 -10.73 3.07
C ALA A 336 31.64 -9.81 4.29
N VAL A 337 31.60 -8.51 4.04
CA VAL A 337 31.53 -7.52 5.11
C VAL A 337 30.19 -6.83 5.02
N GLN A 338 29.45 -6.79 6.12
CA GLN A 338 28.11 -6.19 6.14
C GLN A 338 28.07 -4.93 7.00
N MET A 339 27.83 -3.80 6.35
CA MET A 339 27.77 -2.51 7.04
C MET A 339 26.36 -2.30 7.50
N ASN A 340 26.20 -2.42 8.81
CA ASN A 340 24.95 -2.19 9.47
C ASN A 340 24.80 -0.67 9.68
N ASP A 341 23.88 -0.07 8.94
CA ASP A 341 23.72 1.39 8.86
C ASP A 341 25.02 2.09 8.43
N THR A 342 25.05 3.42 8.49
CA THR A 342 26.19 4.18 7.90
C THR A 342 27.42 4.30 8.79
N HIS A 343 27.36 3.82 10.03
CA HIS A 343 28.49 3.97 10.95
C HIS A 343 29.79 3.34 10.41
N PRO A 344 29.71 2.12 9.85
CA PRO A 344 30.90 1.46 9.28
C PRO A 344 31.24 1.79 7.81
N THR A 345 30.60 2.81 7.24
CA THR A 345 30.91 3.33 5.90
C THR A 345 32.41 3.40 5.58
N LEU A 346 33.18 3.89 6.55
CA LEU A 346 34.63 4.01 6.40
C LEU A 346 35.33 2.70 6.03
N CYS A 347 34.67 1.56 6.23
CA CYS A 347 35.19 0.28 5.71
C CYS A 347 35.64 0.39 4.26
N ILE A 348 34.86 1.11 3.47
CA ILE A 348 35.05 1.20 2.03
C ILE A 348 36.42 1.80 1.72
N PRO A 349 36.61 3.09 2.02
CA PRO A 349 37.94 3.65 1.75
C PRO A 349 39.08 2.99 2.55
N GLU A 350 38.78 2.47 3.74
CA GLU A 350 39.76 1.75 4.55
C GLU A 350 40.26 0.48 3.86
N LEU A 351 39.38 -0.25 3.22
CA LEU A 351 39.78 -1.43 2.47
C LEU A 351 40.64 -1.01 1.27
N MET A 352 40.28 0.11 0.65
CA MET A 352 41.07 0.64 -0.45
C MET A 352 42.46 1.04 0.02
N ARG A 353 42.56 1.62 1.21
CA ARG A 353 43.87 2.00 1.76
C ARG A 353 44.80 0.80 1.87
N ILE A 354 44.34 -0.22 2.59
CA ILE A 354 45.09 -1.46 2.80
C ILE A 354 45.48 -2.14 1.50
N LEU A 355 44.52 -2.36 0.62
CA LEU A 355 44.78 -3.09 -0.62
C LEU A 355 45.85 -2.40 -1.48
N MET A 356 45.77 -1.08 -1.57
CA MET A 356 46.76 -0.31 -2.34
C MET A 356 48.05 -0.01 -1.57
N ASP A 357 47.96 0.71 -0.46
CA ASP A 357 49.16 1.16 0.25
C ASP A 357 49.94 0.02 0.89
N ILE A 358 49.24 -1.03 1.34
CA ILE A 358 49.89 -2.12 2.07
C ILE A 358 50.22 -3.34 1.20
N LYS A 359 49.33 -3.71 0.27
CA LYS A 359 49.55 -4.90 -0.58
C LYS A 359 49.96 -4.56 -2.00
N GLY A 360 49.76 -3.31 -2.42
CA GLY A 360 50.22 -2.85 -3.71
C GLY A 360 49.28 -3.22 -4.84
N LEU A 361 47.99 -3.28 -4.56
CA LEU A 361 47.00 -3.46 -5.63
C LEU A 361 46.71 -2.10 -6.28
N SER A 362 46.42 -2.13 -7.57
CA SER A 362 46.08 -0.93 -8.31
C SER A 362 44.69 -0.48 -7.91
N TRP A 363 44.31 0.72 -8.34
CA TRP A 363 42.99 1.26 -8.00
C TRP A 363 41.85 0.34 -8.41
N ASN A 364 41.78 -0.01 -9.69
CA ASN A 364 40.66 -0.78 -10.22
C ASN A 364 40.60 -2.20 -9.64
N GLU A 365 41.77 -2.73 -9.33
CA GLU A 365 41.91 -4.06 -8.74
C GLU A 365 41.35 -4.05 -7.33
N ALA A 366 41.73 -3.04 -6.57
CA ALA A 366 41.24 -2.86 -5.23
C ALA A 366 39.76 -2.50 -5.21
N TRP A 367 39.36 -1.63 -6.12
CA TRP A 367 37.98 -1.18 -6.20
C TRP A 367 37.03 -2.32 -6.56
N SER A 368 37.44 -3.14 -7.51
CA SER A 368 36.66 -4.30 -7.92
C SER A 368 36.43 -5.23 -6.73
N ILE A 369 37.49 -5.49 -5.98
CA ILE A 369 37.42 -6.36 -4.81
C ILE A 369 36.54 -5.75 -3.73
N THR A 370 36.67 -4.44 -3.53
CA THR A 370 35.95 -3.73 -2.50
C THR A 370 34.45 -3.75 -2.79
N GLU A 371 34.09 -3.35 -4.00
CA GLU A 371 32.69 -3.40 -4.45
C GLU A 371 32.02 -4.73 -4.12
N ARG A 372 32.73 -5.82 -4.34
CA ARG A 372 32.19 -7.17 -4.18
C ARG A 372 32.30 -7.75 -2.77
N THR A 373 33.01 -7.07 -1.89
CA THR A 373 33.15 -7.53 -0.51
C THR A 373 32.11 -6.88 0.40
N VAL A 374 31.89 -5.60 0.19
CA VAL A 374 31.05 -4.78 1.05
C VAL A 374 29.56 -4.87 0.64
N ALA A 375 28.68 -4.84 1.64
CA ALA A 375 27.23 -4.69 1.42
C ALA A 375 26.68 -3.75 2.49
N TYR A 376 25.53 -3.13 2.23
CA TYR A 376 25.00 -2.07 3.11
C TYR A 376 23.54 -2.35 3.45
N THR A 377 23.21 -2.29 4.74
CA THR A 377 21.81 -2.35 5.15
C THR A 377 21.46 -1.00 5.74
N ASN A 378 20.41 -0.37 5.21
CA ASN A 378 19.89 0.87 5.78
C ASN A 378 18.75 0.54 6.74
N HIS A 379 18.75 1.18 7.91
CA HIS A 379 17.79 0.85 8.96
C HIS A 379 16.78 1.91 9.32
N THR A 380 16.96 3.12 8.82
CA THR A 380 15.97 4.16 9.05
C THR A 380 16.19 5.31 8.11
N VAL A 381 15.10 5.70 7.47
CA VAL A 381 14.97 6.94 6.74
C VAL A 381 15.17 8.21 7.66
N LEU A 382 15.33 8.02 8.98
CA LEU A 382 15.68 9.10 9.95
C LEU A 382 17.13 9.66 9.79
N PRO A 383 17.29 10.99 9.79
CA PRO A 383 18.55 11.65 9.37
C PRO A 383 19.75 11.57 10.35
N GLU A 384 19.50 11.13 11.58
CA GLU A 384 20.57 10.84 12.55
C GLU A 384 21.39 9.61 12.11
N ALA A 385 20.78 8.81 11.20
CA ALA A 385 21.41 7.64 10.59
C ALA A 385 22.02 7.96 9.21
N LEU A 386 21.44 8.92 8.48
CA LEU A 386 21.98 9.39 7.19
C LEU A 386 23.15 10.35 7.38
N GLU A 387 24.20 9.83 8.01
CA GLU A 387 25.32 10.62 8.50
C GLU A 387 25.88 11.60 7.48
N LYS A 388 25.97 12.87 7.87
CA LYS A 388 26.73 13.85 7.13
C LYS A 388 27.88 14.26 8.01
N TRP A 389 29.07 14.37 7.43
CA TRP A 389 30.25 14.82 8.15
C TRP A 389 30.86 16.06 7.48
N SER A 390 31.39 16.96 8.30
CA SER A 390 32.19 18.07 7.82
C SER A 390 33.45 17.51 7.16
N LEU A 391 33.68 17.90 5.92
CA LEU A 391 34.90 17.51 5.21
C LEU A 391 36.16 17.98 5.97
N ASP A 392 36.12 19.19 6.55
CA ASP A 392 37.30 19.75 7.22
C ASP A 392 37.75 18.90 8.40
N ILE A 393 36.79 18.40 9.18
CA ILE A 393 37.09 17.49 10.28
C ILE A 393 37.68 16.19 9.75
N MET A 394 37.02 15.64 8.73
CA MET A 394 37.42 14.35 8.18
C MET A 394 38.80 14.47 7.54
N GLN A 395 39.00 15.56 6.81
CA GLN A 395 40.26 15.82 6.10
C GLN A 395 41.44 15.89 7.09
N LYS A 396 41.16 16.44 8.27
CA LYS A 396 42.16 16.57 9.32
C LYS A 396 42.40 15.23 10.00
N LEU A 397 41.32 14.52 10.35
CA LEU A 397 41.41 13.25 11.10
C LEU A 397 41.87 12.06 10.24
N LEU A 398 41.44 12.03 8.99
CA LEU A 398 41.70 10.92 8.09
C LEU A 398 41.99 11.46 6.69
N PRO A 399 43.13 12.14 6.51
CA PRO A 399 43.47 12.77 5.24
C PRO A 399 43.61 11.80 4.06
N ARG A 400 44.15 10.62 4.33
CA ARG A 400 44.32 9.59 3.29
C ARG A 400 42.98 9.05 2.82
N HIS A 401 42.02 8.93 3.73
CA HIS A 401 40.70 8.42 3.38
C HIS A 401 39.93 9.41 2.53
N VAL A 402 40.13 10.69 2.76
CA VAL A 402 39.46 11.70 1.93
C VAL A 402 40.02 11.68 0.51
N GLU A 403 41.33 11.56 0.36
CA GLU A 403 41.96 11.37 -0.96
C GLU A 403 41.19 10.27 -1.71
N ILE A 404 41.02 9.14 -1.03
CA ILE A 404 40.35 7.98 -1.61
C ILE A 404 38.90 8.28 -1.98
N ILE A 405 38.16 8.89 -1.06
CA ILE A 405 36.77 9.27 -1.35
C ILE A 405 36.71 10.22 -2.54
N GLU A 406 37.63 11.20 -2.57
CA GLU A 406 37.74 12.14 -3.70
C GLU A 406 37.83 11.41 -5.04
N THR A 407 38.65 10.37 -5.09
CA THR A 407 38.82 9.55 -6.29
C THR A 407 37.52 8.77 -6.58
N ILE A 408 36.90 8.22 -5.54
CA ILE A 408 35.62 7.51 -5.71
C ILE A 408 34.53 8.43 -6.26
N ASP A 409 34.47 9.66 -5.76
CA ASP A 409 33.45 10.64 -6.18
C ASP A 409 33.73 11.14 -7.60
N GLU A 410 35.00 11.25 -7.97
CA GLU A 410 35.35 11.61 -9.34
C GLU A 410 34.85 10.52 -10.28
N GLU A 411 35.12 9.26 -9.94
CA GLU A 411 34.63 8.11 -10.71
C GLU A 411 33.12 8.09 -10.81
N LEU A 412 32.45 8.18 -9.66
CA LEU A 412 31.00 8.16 -9.62
C LEU A 412 30.40 9.16 -10.61
N MET A 413 31.00 10.34 -10.69
CA MET A 413 30.51 11.40 -11.58
C MET A 413 30.76 11.11 -13.06
N ASN A 414 31.85 10.41 -13.36
CA ASN A 414 32.15 9.97 -14.71
C ASN A 414 31.18 8.88 -15.20
N ASN A 415 30.71 8.04 -14.28
CA ASN A 415 29.70 7.02 -14.59
C ASN A 415 28.34 7.65 -14.84
N ILE A 416 28.05 8.71 -14.09
CA ILE A 416 26.83 9.48 -14.29
C ILE A 416 26.90 10.25 -15.61
N VAL A 417 28.04 10.86 -15.90
CA VAL A 417 28.25 11.55 -17.19
C VAL A 417 27.96 10.61 -18.34
N SER A 418 28.52 9.40 -18.25
CA SER A 418 28.30 8.39 -19.26
C SER A 418 26.81 8.10 -19.38
N LYS A 419 26.20 7.75 -18.26
CA LYS A 419 24.85 7.21 -18.30
C LYS A 419 23.73 8.25 -18.53
N TYR A 420 24.08 9.47 -18.95
CA TYR A 420 23.09 10.54 -19.05
C TYR A 420 23.42 11.63 -20.05
N GLY A 421 24.23 12.59 -19.62
CA GLY A 421 24.22 13.92 -20.21
C GLY A 421 25.43 14.28 -21.04
N THR A 422 25.95 15.48 -20.77
CA THR A 422 26.70 16.30 -21.72
C THR A 422 25.67 17.04 -22.55
N ALA A 423 24.73 16.29 -23.14
CA ALA A 423 23.59 16.87 -23.87
C ALA A 423 22.68 17.64 -22.91
N ASP A 424 21.92 16.91 -22.09
CA ASP A 424 21.01 17.54 -21.14
C ASP A 424 21.76 17.90 -19.85
N ILE A 425 22.11 19.18 -19.70
CA ILE A 425 22.97 19.60 -18.58
C ILE A 425 22.18 19.84 -17.29
N SER A 426 21.02 20.47 -17.40
CA SER A 426 20.18 20.73 -16.23
C SER A 426 19.75 19.41 -15.59
N LEU A 427 19.43 18.41 -16.43
CA LEU A 427 19.17 17.04 -15.96
C LEU A 427 20.38 16.46 -15.21
N LEU A 428 21.55 16.57 -15.83
CA LEU A 428 22.80 16.06 -15.28
C LEU A 428 23.17 16.74 -13.96
N LYS A 429 22.93 18.05 -13.91
CA LYS A 429 23.06 18.86 -12.71
C LYS A 429 22.28 18.25 -11.53
N GLN A 430 21.09 17.75 -11.83
CA GLN A 430 20.19 17.18 -10.81
C GLN A 430 20.70 15.83 -10.34
N LYS A 431 21.07 14.98 -11.30
CA LYS A 431 21.67 13.68 -11.01
C LYS A 431 22.95 13.80 -10.17
N LEU A 432 23.72 14.86 -10.42
CA LEU A 432 24.97 15.07 -9.67
C LEU A 432 24.76 15.53 -8.23
N LYS A 433 23.80 16.43 -8.00
CA LYS A 433 23.42 16.81 -6.63
C LYS A 433 23.05 15.58 -5.80
N ASP A 434 22.14 14.78 -6.35
CA ASP A 434 21.55 13.65 -5.64
C ASP A 434 22.58 12.60 -5.23
N MET A 435 23.51 12.29 -6.12
CA MET A 435 24.41 11.17 -5.91
C MET A 435 25.82 11.55 -5.44
N ARG A 436 26.24 12.79 -5.69
CA ARG A 436 27.48 13.34 -5.14
C ARG A 436 27.76 12.81 -3.76
N ILE A 437 29.00 12.39 -3.50
CA ILE A 437 29.37 11.97 -2.17
C ILE A 437 29.85 13.18 -1.38
N LEU A 438 30.76 13.95 -1.98
CA LEU A 438 31.24 15.17 -1.36
C LEU A 438 30.33 16.26 -1.86
N ASP A 439 29.58 16.87 -0.96
CA ASP A 439 28.67 17.91 -1.36
C ASP A 439 29.30 19.29 -1.19
N ASN A 440 29.02 20.20 -2.14
CA ASN A 440 29.55 21.57 -2.14
C ASN A 440 31.06 21.62 -2.19
N VAL A 441 31.60 20.89 -3.15
CA VAL A 441 33.03 20.84 -3.43
C VAL A 441 33.22 21.26 -4.90
N ASP A 442 34.41 21.74 -5.26
CA ASP A 442 34.71 22.02 -6.66
C ASP A 442 34.69 20.70 -7.41
N LEU A 443 33.94 20.65 -8.50
CA LEU A 443 33.91 19.46 -9.33
C LEU A 443 35.32 19.16 -9.85
N PRO A 444 35.63 17.86 -10.07
CA PRO A 444 36.83 17.48 -10.80
C PRO A 444 36.89 18.16 -12.17
N ALA A 445 38.11 18.48 -12.61
CA ALA A 445 38.35 19.17 -13.88
C ALA A 445 37.53 18.57 -15.02
N SER A 446 37.50 17.24 -15.10
CA SER A 446 36.76 16.49 -16.12
C SER A 446 35.31 16.94 -16.27
N VAL A 447 34.57 16.98 -15.16
CA VAL A 447 33.12 17.23 -15.17
C VAL A 447 32.81 18.74 -15.18
N ALA A 448 33.63 19.53 -14.49
CA ALA A 448 33.51 20.99 -14.52
C ALA A 448 33.45 21.54 -15.94
N LYS A 449 34.21 20.90 -16.84
CA LYS A 449 34.18 21.22 -18.27
C LYS A 449 32.77 21.47 -18.78
N LEU A 450 31.84 20.59 -18.42
CA LEU A 450 30.50 20.60 -19.00
C LEU A 450 29.64 21.81 -18.62
N PHE A 451 30.11 22.66 -17.70
CA PHE A 451 29.28 23.73 -17.13
C PHE A 451 29.86 25.13 -17.36
N ILE A 452 30.48 25.37 -18.51
CA ILE A 452 31.08 26.69 -18.80
C ILE A 452 30.07 27.59 -19.54
N LYS A 453 30.04 28.86 -19.16
CA LYS A 453 29.06 29.84 -19.66
C LYS A 453 29.73 31.17 -20.00
N GLU A 511 32.07 32.26 -17.75
CA GLU A 511 32.78 30.99 -17.60
C GLU A 511 32.08 30.06 -16.56
N LEU A 512 32.85 29.21 -15.87
CA LEU A 512 32.31 28.23 -14.90
C LEU A 512 30.99 28.55 -14.20
N ASP A 513 30.09 27.57 -14.19
CA ASP A 513 28.82 27.70 -13.48
C ASP A 513 29.07 27.66 -11.98
N PRO A 514 28.46 28.60 -11.23
CA PRO A 514 28.45 28.54 -9.78
C PRO A 514 28.17 27.17 -9.16
N PHE A 515 27.33 26.34 -9.79
CA PHE A 515 27.06 25.00 -9.27
C PHE A 515 28.32 24.16 -9.13
N ALA A 516 29.26 24.33 -10.06
CA ALA A 516 30.47 23.50 -10.13
C ALA A 516 31.61 24.09 -9.30
N LYS A 517 31.25 24.85 -8.27
CA LYS A 517 32.19 25.64 -7.49
C LYS A 517 31.79 25.52 -6.03
N TYR A 518 32.79 25.46 -5.16
CA TYR A 518 32.53 25.41 -3.72
C TYR A 518 32.01 26.77 -3.28
N ASP A 519 30.88 26.75 -2.55
CA ASP A 519 30.24 27.94 -2.04
C ASP A 519 30.50 28.09 -0.54
N PRO A 520 31.35 29.08 -0.14
CA PRO A 520 31.72 29.24 1.28
C PRO A 520 30.53 29.58 2.19
N GLN A 521 29.44 30.06 1.58
CA GLN A 521 28.20 30.31 2.27
C GLN A 521 27.53 29.06 2.82
N PHE A 522 28.01 27.89 2.42
CA PHE A 522 27.48 26.63 2.93
C PHE A 522 28.62 25.69 3.32
N PRO A 523 28.30 24.65 4.11
CA PRO A 523 29.32 23.67 4.48
C PRO A 523 29.78 22.75 3.33
N ARG A 524 31.04 22.32 3.40
CA ARG A 524 31.54 21.22 2.58
C ARG A 524 31.28 19.92 3.36
N VAL A 525 30.50 19.04 2.74
CA VAL A 525 29.95 17.89 3.44
C VAL A 525 30.28 16.56 2.75
N VAL A 526 30.49 15.53 3.56
CA VAL A 526 30.68 14.17 3.09
C VAL A 526 29.41 13.36 3.38
N ARG A 527 28.66 12.96 2.34
CA ARG A 527 27.41 12.22 2.54
C ARG A 527 27.61 10.71 2.55
N MET A 528 27.70 10.12 3.74
CA MET A 528 28.14 8.74 3.88
C MET A 528 27.21 7.71 3.23
N ALA A 529 25.91 8.01 3.20
CA ALA A 529 24.94 7.03 2.72
C ALA A 529 25.16 6.81 1.23
N ASN A 530 25.42 7.90 0.51
CA ASN A 530 25.75 7.81 -0.90
C ASN A 530 27.00 6.96 -1.11
N LEU A 531 28.04 7.20 -0.32
CA LEU A 531 29.28 6.43 -0.39
C LEU A 531 29.02 4.94 -0.17
N CYS A 532 28.11 4.62 0.74
CA CYS A 532 27.75 3.23 1.02
C CYS A 532 27.04 2.61 -0.18
N VAL A 533 26.18 3.39 -0.83
CA VAL A 533 25.49 2.91 -2.02
C VAL A 533 26.51 2.64 -3.12
N VAL A 534 27.44 3.56 -3.30
CA VAL A 534 28.48 3.39 -4.31
C VAL A 534 29.34 2.16 -4.02
N GLY A 535 29.72 1.98 -2.75
CA GLY A 535 30.73 0.99 -2.36
C GLY A 535 30.25 -0.44 -2.22
N GLY A 536 28.98 -0.64 -1.88
CA GLY A 536 28.43 -1.98 -1.64
C GLY A 536 27.78 -2.55 -2.88
N HIS A 537 28.00 -3.84 -3.13
CA HIS A 537 27.35 -4.54 -4.26
C HIS A 537 25.85 -4.76 -4.04
N SER A 538 25.45 -4.78 -2.78
CA SER A 538 24.04 -4.85 -2.40
C SER A 538 23.66 -3.73 -1.40
N VAL A 539 22.44 -3.23 -1.56
CA VAL A 539 21.85 -2.26 -0.65
C VAL A 539 20.50 -2.84 -0.28
N ASN A 540 20.26 -3.13 0.99
CA ASN A 540 18.94 -3.62 1.39
C ASN A 540 18.32 -2.80 2.49
N GLY A 541 17.00 -2.91 2.58
CA GLY A 541 16.27 -2.42 3.73
C GLY A 541 15.80 -3.62 4.51
N VAL A 542 14.86 -3.38 5.41
CA VAL A 542 14.54 -4.28 6.51
C VAL A 542 13.04 -4.58 6.65
N ALA A 543 12.24 -4.17 5.67
CA ALA A 543 10.83 -4.55 5.56
C ALA A 543 10.33 -4.13 4.18
N GLU A 544 9.31 -4.82 3.67
CA GLU A 544 8.91 -4.64 2.28
C GLU A 544 8.51 -3.20 1.97
N ILE A 545 7.77 -2.57 2.88
CA ILE A 545 7.36 -1.17 2.70
C ILE A 545 8.56 -0.25 2.72
N HIS A 546 9.47 -0.54 3.64
CA HIS A 546 10.66 0.26 3.83
C HIS A 546 11.61 0.17 2.65
N SER A 547 11.94 -1.03 2.19
CA SER A 547 12.86 -1.18 1.06
C SER A 547 12.29 -0.54 -0.21
N GLU A 548 10.97 -0.41 -0.30
CA GLU A 548 10.33 0.40 -1.34
C GLU A 548 10.58 1.88 -1.11
N ILE A 549 10.31 2.37 0.10
CA ILE A 549 10.61 3.76 0.46
C ILE A 549 12.05 4.07 0.03
N VAL A 550 12.97 3.15 0.32
CA VAL A 550 14.39 3.33 0.02
C VAL A 550 14.61 3.55 -1.47
N LYS A 551 13.96 2.72 -2.31
CA LYS A 551 14.09 2.84 -3.78
C LYS A 551 13.37 4.05 -4.38
N GLN A 552 12.28 4.48 -3.74
CA GLN A 552 11.42 5.53 -4.27
C GLN A 552 11.81 6.90 -3.75
N ASP A 553 11.96 7.02 -2.43
CA ASP A 553 12.14 8.32 -1.77
C ASP A 553 13.60 8.63 -1.49
N VAL A 554 14.29 7.66 -0.87
CA VAL A 554 15.61 7.88 -0.30
C VAL A 554 16.75 7.86 -1.32
N PHE A 555 16.81 6.82 -2.16
CA PHE A 555 17.96 6.65 -3.06
C PHE A 555 17.58 6.53 -4.53
N ASN A 556 16.64 7.36 -4.97
CA ASN A 556 16.01 7.17 -6.27
C ASN A 556 16.95 7.13 -7.48
N SER A 557 17.80 8.14 -7.60
CA SER A 557 18.69 8.25 -8.76
C SER A 557 19.65 7.06 -8.81
N PHE A 558 20.00 6.55 -7.63
CA PHE A 558 20.88 5.39 -7.51
C PHE A 558 20.19 4.10 -7.95
N TYR A 559 18.94 3.94 -7.54
CA TYR A 559 18.11 2.81 -7.97
C TYR A 559 18.01 2.81 -9.48
N GLU A 560 17.74 3.98 -10.05
CA GLU A 560 17.70 4.13 -11.50
C GLU A 560 19.00 3.70 -12.20
N MET A 561 20.14 4.03 -11.60
CA MET A 561 21.44 3.68 -12.17
C MET A 561 21.77 2.19 -12.03
N TRP A 562 21.57 1.66 -10.83
CA TRP A 562 21.89 0.28 -10.52
C TRP A 562 20.70 -0.37 -9.87
N PRO A 563 19.69 -0.75 -10.67
CA PRO A 563 18.50 -1.31 -10.04
C PRO A 563 18.80 -2.64 -9.36
N THR A 564 19.80 -3.36 -9.86
CA THR A 564 20.13 -4.69 -9.33
C THR A 564 20.84 -4.67 -7.96
N LYS A 565 21.27 -3.49 -7.50
CA LYS A 565 21.82 -3.37 -6.14
C LYS A 565 20.76 -3.54 -5.05
N PHE A 566 19.56 -3.01 -5.31
CA PHE A 566 18.58 -2.77 -4.26
C PHE A 566 17.73 -3.98 -3.91
N GLN A 567 17.72 -4.33 -2.63
CA GLN A 567 17.01 -5.51 -2.13
C GLN A 567 16.15 -5.24 -0.90
N ASN A 568 15.58 -6.31 -0.35
CA ASN A 568 14.92 -6.30 0.93
C ASN A 568 15.21 -7.57 1.74
N LYS A 569 15.42 -7.41 3.04
CA LYS A 569 15.59 -8.54 3.96
C LYS A 569 14.82 -8.21 5.23
N THR A 570 13.56 -8.63 5.27
CA THR A 570 12.69 -8.31 6.39
C THR A 570 13.30 -8.85 7.67
N ASN A 571 13.28 -8.02 8.71
CA ASN A 571 13.92 -8.35 9.98
C ASN A 571 13.29 -9.55 10.63
N GLY A 572 13.97 -10.07 11.64
CA GLY A 572 13.45 -11.16 12.44
C GLY A 572 14.11 -11.18 13.81
N VAL A 573 13.63 -12.11 14.63
CA VAL A 573 14.10 -12.25 15.99
C VAL A 573 14.25 -13.73 16.30
N THR A 574 15.24 -14.05 17.13
CA THR A 574 15.52 -15.44 17.49
C THR A 574 14.44 -16.00 18.43
N PRO A 575 13.83 -17.16 18.07
CA PRO A 575 12.72 -17.71 18.85
C PRO A 575 13.18 -18.54 20.05
N ARG A 576 14.48 -18.70 20.19
CA ARG A 576 15.05 -19.37 21.33
C ARG A 576 15.08 -18.42 22.53
N ARG A 577 15.74 -17.28 22.41
CA ARG A 577 15.63 -16.23 23.45
C ARG A 577 14.21 -15.67 23.61
N TRP A 578 13.47 -15.49 22.51
CA TRP A 578 12.22 -14.73 22.56
C TRP A 578 10.91 -15.54 22.63
N ILE A 579 11.01 -16.86 22.68
CA ILE A 579 9.88 -17.70 23.10
C ILE A 579 10.38 -18.72 24.10
N ARG A 580 11.26 -19.60 23.64
CA ARG A 580 11.65 -20.79 24.39
C ARG A 580 12.19 -20.44 25.76
N PHE A 581 13.12 -19.50 25.84
CA PHE A 581 13.81 -19.20 27.09
C PHE A 581 13.25 -18.02 27.88
N CYS A 582 12.61 -17.06 27.21
CA CYS A 582 11.88 -16.01 27.95
C CYS A 582 10.51 -16.51 28.42
N ASN A 583 9.93 -17.47 27.72
CA ASN A 583 8.58 -17.96 28.02
C ASN A 583 8.49 -19.49 28.04
N PRO A 584 9.12 -20.14 29.04
CA PRO A 584 9.07 -21.60 29.14
C PRO A 584 7.67 -22.17 29.35
N GLU A 585 6.78 -21.43 30.01
CA GLU A 585 5.42 -21.88 30.27
C GLU A 585 4.65 -22.09 28.98
N LEU A 586 4.66 -21.08 28.11
CA LEU A 586 4.04 -21.21 26.80
C LEU A 586 4.74 -22.31 25.99
N SER A 587 6.07 -22.32 26.03
CA SER A 587 6.87 -23.29 25.27
C SER A 587 6.48 -24.74 25.54
N THR A 588 6.03 -25.04 26.76
CA THR A 588 5.48 -26.35 27.09
C THR A 588 4.21 -26.61 26.28
N ILE A 589 3.32 -25.61 26.28
CA ILE A 589 2.03 -25.72 25.60
C ILE A 589 2.24 -25.89 24.09
N ILE A 590 3.25 -25.21 23.55
CA ILE A 590 3.52 -25.25 22.11
C ILE A 590 3.94 -26.66 21.67
N SER A 591 4.96 -27.21 22.33
CA SER A 591 5.51 -28.52 21.94
C SER A 591 4.52 -29.65 22.21
N LYS A 592 3.59 -29.43 23.14
CA LYS A 592 2.55 -30.40 23.44
C LYS A 592 1.58 -30.56 22.25
N TRP A 593 0.96 -29.45 21.84
CA TRP A 593 -0.09 -29.49 20.80
C TRP A 593 0.44 -29.69 19.38
N ILE A 594 1.66 -29.26 19.12
CA ILE A 594 2.34 -29.55 17.85
C ILE A 594 3.02 -30.93 17.87
N GLY A 595 3.24 -31.49 19.07
CA GLY A 595 3.74 -32.86 19.21
C GLY A 595 5.24 -33.01 19.36
N SER A 596 5.97 -31.89 19.31
CA SER A 596 7.42 -31.89 19.47
C SER A 596 7.93 -30.48 19.71
N ASP A 597 9.20 -30.36 20.07
CA ASP A 597 9.85 -29.06 20.31
C ASP A 597 10.75 -28.60 19.16
N ASP A 598 10.58 -29.21 17.99
CA ASP A 598 11.45 -28.92 16.85
C ASP A 598 11.19 -27.52 16.31
N TRP A 599 9.99 -27.03 16.54
CA TRP A 599 9.60 -25.66 16.20
C TRP A 599 10.60 -24.62 16.69
N ILE A 600 11.25 -24.90 17.82
CA ILE A 600 12.24 -23.97 18.33
C ILE A 600 13.23 -23.65 17.20
N LEU A 601 13.62 -24.70 16.46
CA LEU A 601 14.52 -24.58 15.32
C LEU A 601 13.74 -24.35 14.01
N ASN A 602 12.83 -25.27 13.67
CA ASN A 602 12.00 -25.17 12.46
C ASN A 602 10.69 -24.49 12.74
N THR A 603 10.78 -23.19 13.00
CA THR A 603 9.67 -22.41 13.54
C THR A 603 8.45 -22.32 12.63
N ASP A 604 8.59 -22.73 11.37
CA ASP A 604 7.45 -22.85 10.46
C ASP A 604 6.35 -23.75 11.04
N LYS A 605 6.75 -24.76 11.80
CA LYS A 605 5.84 -25.74 12.40
C LYS A 605 4.95 -25.21 13.54
N LEU A 606 5.01 -23.90 13.80
CA LEU A 606 4.03 -23.26 14.68
C LEU A 606 2.69 -23.11 13.96
N ALA A 607 2.71 -23.07 12.63
CA ALA A 607 1.49 -22.92 11.84
C ALA A 607 0.44 -23.98 12.16
N GLY A 608 0.89 -25.17 12.57
CA GLY A 608 0.00 -26.23 12.99
C GLY A 608 -0.91 -25.90 14.16
N LEU A 609 -0.75 -24.70 14.75
CA LEU A 609 -1.65 -24.22 15.81
C LEU A 609 -2.93 -23.58 15.28
N LYS A 610 -2.92 -23.09 14.04
CA LYS A 610 -4.12 -22.47 13.47
C LYS A 610 -5.37 -23.31 13.78
N LYS A 611 -5.32 -24.57 13.39
CA LYS A 611 -6.46 -25.47 13.54
C LYS A 611 -6.92 -25.68 14.98
N PHE A 612 -6.00 -25.59 15.95
CA PHE A 612 -6.35 -25.76 17.36
C PHE A 612 -6.84 -24.48 18.04
N ALA A 613 -6.83 -23.36 17.32
CA ALA A 613 -7.18 -22.03 17.87
C ALA A 613 -8.49 -21.97 18.66
N ASP A 614 -9.48 -22.78 18.27
CA ASP A 614 -10.81 -22.81 18.92
C ASP A 614 -11.06 -23.98 19.88
N ASP A 615 -10.07 -24.85 20.08
CA ASP A 615 -10.14 -25.89 21.11
C ASP A 615 -10.09 -25.21 22.48
N GLU A 616 -11.05 -25.48 23.35
CA GLU A 616 -11.14 -24.74 24.61
C GLU A 616 -10.08 -25.17 25.62
N ASP A 617 -9.62 -26.42 25.52
CA ASP A 617 -8.62 -26.95 26.45
C ASP A 617 -7.26 -26.33 26.18
N LEU A 618 -6.92 -26.15 24.89
CA LEU A 618 -5.76 -25.35 24.51
C LEU A 618 -5.88 -23.95 25.08
N GLN A 619 -7.02 -23.33 24.80
CA GLN A 619 -7.32 -21.98 25.28
C GLN A 619 -7.19 -21.82 26.78
N SER A 620 -7.46 -22.87 27.53
CA SER A 620 -7.39 -22.77 28.98
C SER A 620 -5.94 -22.72 29.47
N GLU A 621 -5.11 -23.62 28.95
CA GLU A 621 -3.67 -23.67 29.24
C GLU A 621 -2.98 -22.40 28.79
N TRP A 622 -3.42 -21.92 27.62
CA TRP A 622 -2.89 -20.72 27.00
C TRP A 622 -3.17 -19.48 27.86
N ARG A 623 -4.40 -19.34 28.36
CA ARG A 623 -4.78 -18.20 29.21
C ARG A 623 -4.09 -18.22 30.55
N THR A 624 -3.97 -19.42 31.13
CA THR A 624 -3.33 -19.61 32.42
C THR A 624 -1.86 -19.21 32.36
N ALA A 625 -1.20 -19.60 31.27
CA ALA A 625 0.22 -19.29 31.08
C ALA A 625 0.45 -17.79 31.09
N LYS A 626 -0.32 -17.08 30.26
CA LYS A 626 -0.27 -15.62 30.21
C LYS A 626 -0.43 -15.03 31.61
N ARG A 627 -1.40 -15.55 32.36
CA ARG A 627 -1.70 -15.06 33.69
C ARG A 627 -0.54 -15.32 34.65
N ASN A 628 0.07 -16.49 34.54
CA ASN A 628 1.23 -16.86 35.35
C ASN A 628 2.44 -15.99 35.09
N ASN A 629 2.62 -15.62 33.83
CA ASN A 629 3.69 -14.70 33.42
C ASN A 629 3.37 -13.26 33.86
N LYS A 630 2.08 -12.93 33.98
CA LYS A 630 1.69 -11.61 34.45
C LYS A 630 2.02 -11.39 35.92
N MET A 631 2.00 -12.44 36.73
CA MET A 631 2.34 -12.32 38.14
C MET A 631 3.82 -12.01 38.37
N LYS A 632 4.67 -12.35 37.41
CA LYS A 632 6.10 -11.97 37.45
C LYS A 632 6.29 -10.47 37.20
N VAL A 633 5.42 -9.90 36.39
CA VAL A 633 5.45 -8.47 36.11
C VAL A 633 4.91 -7.66 37.30
N VAL A 634 3.90 -8.19 37.98
CA VAL A 634 3.41 -7.56 39.21
C VAL A 634 4.55 -7.43 40.22
N SER A 635 5.37 -8.46 40.31
CA SER A 635 6.58 -8.41 41.13
C SER A 635 7.52 -7.33 40.61
N LEU A 636 7.74 -7.30 39.30
CA LEU A 636 8.67 -6.33 38.71
C LEU A 636 8.26 -4.89 39.01
N ILE A 637 7.00 -4.58 38.78
CA ILE A 637 6.49 -3.23 38.94
C ILE A 637 6.51 -2.83 40.41
N ARG A 638 5.98 -3.70 41.27
CA ARG A 638 6.12 -3.56 42.72
C ARG A 638 7.57 -3.20 43.10
N ASP A 639 8.54 -3.98 42.62
CA ASP A 639 9.95 -3.77 42.99
C ASP A 639 10.61 -2.53 42.37
N LYS A 640 10.39 -2.28 41.08
CA LYS A 640 11.10 -1.22 40.38
C LYS A 640 10.45 0.16 40.52
N THR A 641 9.13 0.21 40.67
CA THR A 641 8.43 1.49 40.78
C THR A 641 7.72 1.71 42.12
N GLY A 642 7.30 0.62 42.77
CA GLY A 642 6.62 0.72 44.07
C GLY A 642 5.11 0.64 43.98
N TYR A 643 4.59 0.69 42.75
CA TYR A 643 3.15 0.64 42.53
C TYR A 643 2.62 -0.79 42.67
N ILE A 644 1.38 -0.91 43.13
CA ILE A 644 0.75 -2.20 43.38
C ILE A 644 -0.34 -2.43 42.33
N VAL A 645 -0.19 -3.46 41.50
CA VAL A 645 -1.08 -3.65 40.34
C VAL A 645 -1.60 -5.08 40.17
N SER A 646 -2.89 -5.20 39.92
CA SER A 646 -3.58 -6.49 39.83
C SER A 646 -3.40 -7.15 38.47
N PRO A 647 -3.11 -8.47 38.45
CA PRO A 647 -2.91 -9.20 37.19
C PRO A 647 -4.21 -9.67 36.51
N ASP A 648 -5.37 -9.34 37.08
CA ASP A 648 -6.66 -9.65 36.44
C ASP A 648 -7.13 -8.57 35.48
N ALA A 649 -6.26 -7.58 35.20
CA ALA A 649 -6.53 -6.54 34.21
C ALA A 649 -5.78 -6.82 32.90
N MET A 650 -6.14 -6.09 31.84
CA MET A 650 -5.44 -6.17 30.57
C MET A 650 -4.06 -5.52 30.69
N PHE A 651 -3.02 -6.27 30.33
CA PHE A 651 -1.66 -5.73 30.34
C PHE A 651 -1.33 -5.12 28.98
N ASP A 652 -1.32 -3.79 28.96
CA ASP A 652 -1.16 -2.98 27.75
C ASP A 652 0.22 -2.34 27.79
N VAL A 653 1.11 -2.76 26.89
CA VAL A 653 2.51 -2.33 26.94
C VAL A 653 2.97 -1.52 25.75
N GLN A 654 3.75 -0.46 26.00
CA GLN A 654 4.53 0.22 24.96
C GLN A 654 5.94 0.43 25.47
N VAL A 655 6.86 -0.40 25.00
CA VAL A 655 8.24 -0.28 25.41
C VAL A 655 9.12 -0.08 24.19
N LYS A 656 9.69 1.12 24.09
CA LYS A 656 10.60 1.44 22.99
C LYS A 656 11.26 2.81 23.20
N ARG A 657 12.42 2.99 22.56
CA ARG A 657 13.15 4.26 22.61
C ARG A 657 12.17 5.44 22.59
N ILE A 658 12.36 6.41 23.46
CA ILE A 658 11.40 7.48 23.66
C ILE A 658 11.62 8.60 22.64
N HIS A 659 10.78 8.64 21.62
CA HIS A 659 10.98 9.53 20.50
C HIS A 659 9.64 10.14 20.16
N GLU A 660 9.65 11.40 19.76
CA GLU A 660 8.43 12.06 19.35
C GLU A 660 7.69 11.20 18.31
N TYR A 661 8.46 10.55 17.42
CA TYR A 661 7.88 9.81 16.28
C TYR A 661 7.31 8.44 16.64
N LYS A 662 7.79 7.81 17.70
CA LYS A 662 7.21 6.54 18.13
C LYS A 662 5.91 6.82 18.88
N ARG A 663 5.79 8.05 19.37
CA ARG A 663 4.53 8.62 19.83
C ARG A 663 4.01 8.02 21.11
N GLN A 664 4.90 7.90 22.10
CA GLN A 664 4.46 7.58 23.46
C GLN A 664 3.46 8.65 23.91
N LEU A 665 3.66 9.87 23.43
CA LEU A 665 2.75 10.97 23.70
C LEU A 665 1.32 10.69 23.22
N LEU A 666 1.17 10.09 22.04
CA LEU A 666 -0.16 9.72 21.56
C LEU A 666 -0.84 8.76 22.52
N ASN A 667 -0.07 7.80 23.04
CA ASN A 667 -0.62 6.72 23.88
C ASN A 667 -1.14 7.26 25.21
N ILE A 668 -0.26 7.95 25.92
CA ILE A 668 -0.64 8.55 27.19
C ILE A 668 -1.85 9.48 27.04
N LEU A 669 -1.87 10.29 25.98
CA LEU A 669 -2.99 11.22 25.82
C LEU A 669 -4.30 10.44 25.63
N GLY A 670 -4.22 9.27 25.01
CA GLY A 670 -5.36 8.38 24.88
C GLY A 670 -5.80 7.84 26.23
N ILE A 671 -4.83 7.47 27.05
CA ILE A 671 -5.11 7.10 28.43
C ILE A 671 -5.78 8.27 29.16
N VAL A 672 -5.20 9.46 29.02
CA VAL A 672 -5.73 10.66 29.69
C VAL A 672 -7.18 10.90 29.33
N TYR A 673 -7.55 10.61 28.08
CA TYR A 673 -8.94 10.75 27.63
C TYR A 673 -9.86 9.77 28.37
N ARG A 674 -9.46 8.51 28.49
CA ARG A 674 -10.26 7.52 29.22
C ARG A 674 -10.35 7.86 30.69
N TYR A 675 -9.22 8.28 31.26
CA TYR A 675 -9.19 8.76 32.64
C TYR A 675 -10.24 9.86 32.87
N LYS A 676 -10.28 10.85 31.97
CA LYS A 676 -11.25 11.94 32.11
C LYS A 676 -12.70 11.44 31.96
N LYS A 677 -12.94 10.54 31.01
CA LYS A 677 -14.25 9.93 30.82
C LYS A 677 -14.72 9.19 32.07
N MET A 678 -13.83 8.38 32.65
CA MET A 678 -14.11 7.67 33.90
C MET A 678 -14.47 8.63 35.04
N LYS A 679 -13.73 9.74 35.14
CA LYS A 679 -13.95 10.74 36.19
C LYS A 679 -15.27 11.51 36.03
N GLU A 680 -15.82 11.56 34.81
CA GLU A 680 -17.10 12.22 34.55
C GLU A 680 -18.13 11.16 34.17
N MET A 681 -18.45 10.31 35.12
CA MET A 681 -19.19 9.07 34.90
C MET A 681 -19.43 8.42 36.27
N SER A 682 -20.53 7.69 36.41
CA SER A 682 -20.84 7.03 37.68
C SER A 682 -20.05 5.74 37.82
N ALA A 683 -19.72 5.38 39.06
CA ALA A 683 -18.93 4.17 39.34
C ALA A 683 -19.57 2.88 38.84
N LYS A 684 -20.88 2.86 38.60
CA LYS A 684 -21.56 1.73 37.95
C LYS A 684 -21.17 1.68 36.47
N ASP A 685 -21.22 2.84 35.83
CA ASP A 685 -20.93 2.94 34.40
C ASP A 685 -19.45 2.70 34.08
N ARG A 686 -18.57 3.11 34.99
CA ARG A 686 -17.13 2.85 34.83
C ARG A 686 -16.81 1.39 34.49
N ARG A 687 -17.43 0.44 35.22
CA ARG A 687 -17.25 -1.00 34.94
C ARG A 687 -17.82 -1.37 33.56
N LYS A 688 -19.04 -0.90 33.29
CA LYS A 688 -19.74 -1.14 32.02
C LYS A 688 -18.94 -0.64 30.81
N SER A 689 -18.28 0.51 30.94
CA SER A 689 -17.66 1.22 29.81
C SER A 689 -16.24 0.76 29.50
N PHE A 690 -15.43 0.53 30.53
CA PHE A 690 -14.00 0.26 30.36
C PHE A 690 -13.53 -1.05 30.95
N VAL A 691 -12.65 -1.73 30.23
CA VAL A 691 -12.01 -2.93 30.74
C VAL A 691 -10.84 -2.48 31.61
N PRO A 692 -10.61 -3.20 32.73
CA PRO A 692 -9.46 -2.86 33.58
C PRO A 692 -8.13 -3.10 32.85
N ARG A 693 -7.23 -2.12 32.95
CA ARG A 693 -5.92 -2.18 32.28
C ARG A 693 -4.78 -1.89 33.23
N VAL A 694 -3.60 -2.38 32.86
CA VAL A 694 -2.34 -1.91 33.41
C VAL A 694 -1.53 -1.46 32.21
N CYS A 695 -1.39 -0.15 32.04
CA CYS A 695 -0.74 0.42 30.86
C CYS A 695 0.73 0.69 31.17
N ILE A 696 1.59 -0.15 30.59
CA ILE A 696 3.01 -0.16 30.94
C ILE A 696 3.84 0.47 29.84
N PHE A 697 4.48 1.59 30.18
CA PHE A 697 5.47 2.23 29.32
C PHE A 697 6.88 1.82 29.74
N GLY A 698 7.82 2.03 28.82
CA GLY A 698 9.23 1.86 29.13
C GLY A 698 10.10 2.37 27.99
N GLY A 699 11.39 2.51 28.28
CA GLY A 699 12.36 2.91 27.27
C GLY A 699 13.20 4.07 27.75
N LYS A 700 14.29 4.34 27.04
CA LYS A 700 15.20 5.43 27.41
C LYS A 700 15.06 6.61 26.45
N ALA A 701 15.16 7.83 26.96
CA ALA A 701 15.11 9.05 26.14
C ALA A 701 16.53 9.56 25.95
N PHE A 702 16.99 9.70 24.70
CA PHE A 702 18.36 10.18 24.46
C PHE A 702 18.54 11.43 25.32
N ALA A 703 19.64 11.46 26.07
CA ALA A 703 19.78 12.38 27.20
C ALA A 703 19.60 13.82 26.80
N THR A 704 20.17 14.15 25.65
CA THR A 704 20.26 15.52 25.16
C THR A 704 18.92 15.98 24.50
N TYR A 705 18.15 14.99 24.05
CA TYR A 705 16.81 15.17 23.46
C TYR A 705 15.83 15.72 24.50
N VAL A 706 15.72 17.04 24.54
CA VAL A 706 14.97 17.74 25.59
C VAL A 706 13.51 17.36 25.63
N GLN A 707 12.85 17.33 24.48
CA GLN A 707 11.41 17.12 24.45
C GLN A 707 11.03 15.69 24.88
N ALA A 708 11.82 14.71 24.44
CA ALA A 708 11.62 13.32 24.86
C ALA A 708 11.65 13.16 26.38
N LYS A 709 12.65 13.80 26.99
CA LYS A 709 12.77 13.74 28.43
C LYS A 709 11.55 14.33 29.14
N ARG A 710 10.94 15.36 28.57
CA ARG A 710 9.74 15.96 29.14
CA ARG A 710 9.75 15.94 29.18
C ARG A 710 8.56 14.99 29.03
N ILE A 711 8.61 14.11 28.02
CA ILE A 711 7.55 13.13 27.79
C ILE A 711 7.56 12.06 28.87
N VAL A 712 8.74 11.56 29.24
CA VAL A 712 8.82 10.56 30.33
C VAL A 712 8.41 11.15 31.70
N LYS A 713 8.81 12.40 31.95
CA LYS A 713 8.42 13.19 33.11
C LYS A 713 6.92 13.24 33.18
N PHE A 714 6.32 13.59 32.06
CA PHE A 714 4.89 13.71 31.98
C PHE A 714 4.21 12.39 32.30
N ILE A 715 4.65 11.30 31.67
CA ILE A 715 4.06 9.98 31.92
C ILE A 715 4.09 9.63 33.42
N THR A 716 5.24 9.88 34.05
CA THR A 716 5.40 9.59 35.47
C THR A 716 4.37 10.36 36.30
N ASP A 717 4.16 11.63 35.96
CA ASP A 717 3.21 12.47 36.69
C ASP A 717 1.78 11.97 36.58
N VAL A 718 1.41 11.50 35.40
CA VAL A 718 0.11 10.91 35.20
C VAL A 718 -0.04 9.66 36.09
N ALA A 719 1.03 8.86 36.18
CA ALA A 719 1.01 7.61 36.95
C ALA A 719 0.64 7.86 38.40
N ALA A 720 1.31 8.86 38.99
CA ALA A 720 1.06 9.23 40.38
C ALA A 720 -0.40 9.65 40.59
N THR A 721 -0.92 10.47 39.67
CA THR A 721 -2.28 10.96 39.75
C THR A 721 -3.30 9.82 39.62
N VAL A 722 -3.10 8.92 38.67
CA VAL A 722 -4.07 7.88 38.39
C VAL A 722 -4.04 6.76 39.46
N ASN A 723 -2.86 6.25 39.74
CA ASN A 723 -2.73 5.05 40.59
C ASN A 723 -3.20 5.25 42.04
N TYR A 724 -3.18 6.48 42.53
CA TYR A 724 -3.61 6.75 43.90
C TYR A 724 -5.00 7.42 44.00
N ASP A 725 -5.81 7.30 42.94
CA ASP A 725 -7.16 7.87 42.91
C ASP A 725 -8.18 6.79 43.30
N PRO A 726 -8.88 6.96 44.45
CA PRO A 726 -9.89 5.97 44.90
C PRO A 726 -11.11 5.80 43.98
N ASP A 727 -11.44 6.82 43.21
CA ASP A 727 -12.48 6.72 42.19
C ASP A 727 -12.11 5.71 41.09
N ILE A 728 -10.80 5.56 40.84
CA ILE A 728 -10.29 4.64 39.81
C ILE A 728 -9.99 3.24 40.33
N GLY A 729 -9.08 3.15 41.29
CA GLY A 729 -8.66 1.86 41.86
C GLY A 729 -7.96 0.99 40.84
N ASP A 730 -8.42 -0.25 40.71
CA ASP A 730 -7.85 -1.24 39.77
C ASP A 730 -8.54 -1.23 38.38
N LEU A 731 -9.29 -0.18 38.08
CA LEU A 731 -9.89 -0.01 36.76
C LEU A 731 -8.83 0.47 35.76
N LEU A 732 -7.83 1.19 36.27
CA LEU A 732 -6.74 1.69 35.44
C LEU A 732 -5.48 1.89 36.27
N LYS A 733 -4.36 1.39 35.77
CA LYS A 733 -3.05 1.74 36.32
C LYS A 733 -2.11 2.14 35.18
N VAL A 734 -1.24 3.12 35.44
CA VAL A 734 -0.23 3.56 34.47
C VAL A 734 1.15 3.54 35.09
N VAL A 735 2.07 2.79 34.48
CA VAL A 735 3.37 2.51 35.08
C VAL A 735 4.48 2.71 34.05
N PHE A 736 5.54 3.43 34.46
CA PHE A 736 6.75 3.58 33.64
C PHE A 736 7.91 2.80 34.24
N VAL A 737 8.24 1.67 33.62
CA VAL A 737 9.29 0.81 34.13
C VAL A 737 10.65 1.38 33.76
N PRO A 738 11.47 1.74 34.77
CA PRO A 738 12.83 2.27 34.51
C PRO A 738 13.81 1.27 33.92
N ASP A 739 14.76 1.79 33.15
CA ASP A 739 15.91 1.02 32.69
C ASP A 739 15.47 -0.18 31.85
N TYR A 740 14.69 0.10 30.82
CA TYR A 740 14.21 -0.93 29.94
C TYR A 740 15.38 -1.47 29.12
N ASN A 741 15.56 -2.78 29.17
CA ASN A 741 16.65 -3.46 28.49
C ASN A 741 16.24 -4.90 28.16
N VAL A 742 17.14 -5.65 27.54
CA VAL A 742 16.86 -7.03 27.17
C VAL A 742 16.21 -7.79 28.34
N SER A 743 16.88 -7.76 29.49
CA SER A 743 16.36 -8.43 30.69
C SER A 743 14.92 -8.06 31.04
N VAL A 744 14.59 -6.77 30.96
CA VAL A 744 13.25 -6.34 31.30
C VAL A 744 12.27 -6.87 30.27
N ALA A 745 12.63 -6.75 28.99
CA ALA A 745 11.77 -7.20 27.91
C ALA A 745 11.46 -8.70 28.04
N GLU A 746 12.42 -9.47 28.55
CA GLU A 746 12.26 -10.92 28.71
C GLU A 746 11.18 -11.34 29.71
N THR A 747 10.90 -10.47 30.67
CA THR A 747 9.83 -10.66 31.63
C THR A 747 8.52 -10.00 31.13
N LEU A 748 8.66 -8.78 30.62
CA LEU A 748 7.52 -7.99 30.19
C LEU A 748 6.75 -8.63 29.03
N ILE A 749 7.47 -8.99 27.97
CA ILE A 749 6.87 -9.45 26.70
C ILE A 749 5.94 -10.66 26.84
N PRO A 750 6.44 -11.78 27.38
CA PRO A 750 5.59 -12.96 27.57
C PRO A 750 4.30 -12.71 28.37
N ALA A 751 4.31 -11.68 29.22
CA ALA A 751 3.17 -11.34 30.05
C ALA A 751 2.20 -10.36 29.38
N SER A 752 2.52 -9.91 28.17
CA SER A 752 1.76 -8.84 27.52
C SER A 752 0.60 -9.38 26.70
N GLU A 753 -0.53 -8.70 26.77
CA GLU A 753 -1.74 -9.07 26.03
C GLU A 753 -1.99 -8.10 24.87
N LEU A 754 -1.76 -6.81 25.10
CA LEU A 754 -1.75 -5.81 24.05
C LEU A 754 -0.42 -5.06 24.06
N SER A 755 0.24 -5.00 22.91
CA SER A 755 1.39 -4.12 22.74
C SER A 755 1.08 -3.07 21.69
N GLN A 756 1.76 -1.94 21.79
CA GLN A 756 1.49 -0.81 20.92
C GLN A 756 2.70 -0.52 20.08
N HIS A 757 2.44 -0.29 18.80
CA HIS A 757 3.44 0.05 17.82
C HIS A 757 2.77 1.07 16.92
N ILE A 758 2.72 2.30 17.41
CA ILE A 758 1.82 3.33 16.91
C ILE A 758 2.57 4.49 16.27
N SER A 759 3.75 4.22 15.71
CA SER A 759 4.61 5.24 15.08
C SER A 759 3.88 6.01 13.98
N THR A 760 4.27 7.25 13.75
CA THR A 760 3.76 7.98 12.61
C THR A 760 4.06 7.15 11.39
N ALA A 761 3.02 6.84 10.62
CA ALA A 761 3.19 5.97 9.46
C ALA A 761 4.39 6.40 8.60
N GLY A 762 5.15 5.42 8.14
CA GLY A 762 6.26 5.62 7.23
C GLY A 762 7.55 6.12 7.86
N MET A 763 7.62 6.07 9.19
CA MET A 763 8.79 6.55 9.93
C MET A 763 9.58 5.40 10.55
N GLU A 764 8.85 4.37 10.99
CA GLU A 764 9.46 3.13 11.43
C GLU A 764 9.85 2.32 10.20
N ALA A 765 11.10 1.87 10.16
CA ALA A 765 11.57 1.05 9.06
C ALA A 765 11.00 -0.36 9.20
N SER A 766 11.28 -1.02 10.32
CA SER A 766 10.74 -2.35 10.58
C SER A 766 10.18 -2.46 11.98
N GLY A 767 11.07 -2.49 12.96
CA GLY A 767 10.70 -2.77 14.34
C GLY A 767 10.68 -4.27 14.63
N THR A 768 11.30 -4.67 15.74
CA THR A 768 11.42 -6.07 16.07
C THR A 768 10.64 -6.48 17.29
N SER A 769 10.31 -5.55 18.18
CA SER A 769 9.52 -5.93 19.36
C SER A 769 8.15 -6.39 18.88
N ASN A 770 7.66 -5.76 17.82
CA ASN A 770 6.46 -6.21 17.13
C ASN A 770 6.40 -7.72 17.07
N MET A 771 7.50 -8.28 16.58
CA MET A 771 7.61 -9.69 16.26
C MET A 771 7.74 -10.53 17.52
N LYS A 772 8.42 -10.00 18.54
CA LYS A 772 8.57 -10.66 19.83
C LYS A 772 7.20 -10.83 20.49
N PHE A 773 6.44 -9.75 20.48
CA PHE A 773 5.12 -9.71 21.10
C PHE A 773 4.18 -10.73 20.46
N ALA A 774 4.09 -10.70 19.13
CA ALA A 774 3.24 -11.62 18.41
C ALA A 774 3.62 -13.09 18.68
N MET A 775 4.91 -13.36 18.74
CA MET A 775 5.35 -14.72 19.02
C MET A 775 4.80 -15.21 20.35
N ASN A 776 4.68 -14.30 21.31
CA ASN A 776 4.22 -14.65 22.66
C ASN A 776 2.70 -14.62 22.85
N GLY A 777 1.96 -14.37 21.76
CA GLY A 777 0.50 -14.34 21.81
C GLY A 777 -0.05 -13.00 22.25
N CYS A 778 0.80 -11.96 22.17
CA CYS A 778 0.40 -10.61 22.47
C CYS A 778 -0.26 -10.03 21.23
N LEU A 779 -1.34 -9.29 21.41
CA LEU A 779 -2.00 -8.63 20.28
C LEU A 779 -1.38 -7.27 20.02
N LEU A 780 -1.47 -6.82 18.78
CA LEU A 780 -0.84 -5.57 18.36
C LEU A 780 -1.90 -4.53 17.98
N ILE A 781 -1.77 -3.33 18.56
CA ILE A 781 -2.49 -2.15 18.07
C ILE A 781 -1.48 -1.21 17.45
N GLY A 782 -1.72 -0.80 16.21
CA GLY A 782 -0.71 -0.02 15.53
C GLY A 782 -1.10 0.54 14.19
N THR A 783 -0.16 1.29 13.64
CA THR A 783 -0.32 1.91 12.34
C THR A 783 0.23 1.03 11.21
N LEU A 784 -0.21 1.34 10.00
CA LEU A 784 0.25 0.67 8.80
C LEU A 784 1.67 1.16 8.46
N ASP A 785 2.64 0.66 9.24
CA ASP A 785 3.97 1.21 9.23
C ASP A 785 4.96 0.09 9.53
N GLY A 786 6.03 0.04 8.74
CA GLY A 786 7.09 -0.93 8.96
C GLY A 786 6.59 -2.37 9.00
N ALA A 787 7.01 -3.11 10.01
CA ALA A 787 6.78 -4.56 10.05
C ALA A 787 5.33 -4.94 10.39
N ASN A 788 4.58 -4.01 10.99
CA ASN A 788 3.18 -4.26 11.28
C ASN A 788 2.46 -4.72 10.03
N VAL A 789 2.80 -4.08 8.92
CA VAL A 789 2.18 -4.36 7.64
C VAL A 789 2.25 -5.84 7.32
N GLU A 790 3.44 -6.41 7.43
CA GLU A 790 3.64 -7.81 7.13
C GLU A 790 3.15 -8.70 8.25
N ILE A 791 3.23 -8.21 9.50
CA ILE A 791 2.66 -8.95 10.62
C ILE A 791 1.15 -9.10 10.49
N ARG A 792 0.51 -8.08 9.95
CA ARG A 792 -0.92 -8.11 9.67
C ARG A 792 -1.21 -9.16 8.60
N GLU A 793 -0.42 -9.15 7.53
CA GLU A 793 -0.52 -10.14 6.45
C GLU A 793 -0.43 -11.56 7.00
N GLU A 794 0.45 -11.79 7.97
CA GLU A 794 0.66 -13.15 8.47
C GLU A 794 -0.46 -13.62 9.40
N VAL A 795 -0.74 -12.85 10.45
CA VAL A 795 -1.73 -13.25 11.45
C VAL A 795 -3.15 -13.00 10.96
N GLY A 796 -3.30 -12.09 9.99
CA GLY A 796 -4.62 -11.78 9.41
C GLY A 796 -5.25 -10.52 9.96
N GLU A 797 -5.85 -9.73 9.07
CA GLU A 797 -6.40 -8.42 9.41
C GLU A 797 -7.34 -8.48 10.62
N GLU A 798 -8.07 -9.58 10.76
CA GLU A 798 -9.09 -9.74 11.80
C GLU A 798 -8.47 -9.97 13.19
N ASN A 799 -7.20 -10.34 13.22
CA ASN A 799 -6.46 -10.56 14.47
C ASN A 799 -5.46 -9.44 14.78
N PHE A 800 -5.70 -8.25 14.25
CA PHE A 800 -4.79 -7.11 14.42
C PHE A 800 -5.59 -5.81 14.45
N PHE A 801 -5.26 -4.93 15.42
CA PHE A 801 -5.98 -3.66 15.64
C PHE A 801 -5.31 -2.50 14.90
N LEU A 802 -5.82 -2.19 13.71
CA LEU A 802 -5.25 -1.15 12.85
C LEU A 802 -5.89 0.21 13.07
N PHE A 803 -5.07 1.25 13.09
CA PHE A 803 -5.59 2.63 13.08
C PHE A 803 -4.63 3.59 12.40
N GLY A 804 -5.13 4.79 12.09
CA GLY A 804 -4.31 5.92 11.70
C GLY A 804 -4.09 6.11 10.21
N ALA A 805 -3.73 7.35 9.87
CA ALA A 805 -3.33 7.73 8.52
C ALA A 805 -2.23 6.81 7.98
N HIS A 806 -2.25 6.59 6.67
CA HIS A 806 -1.27 5.71 6.04
C HIS A 806 -0.10 6.52 5.50
N ALA A 807 0.96 5.82 5.12
CA ALA A 807 2.20 6.43 4.66
C ALA A 807 2.05 7.46 3.51
N PRO A 808 1.30 7.12 2.44
CA PRO A 808 1.14 8.05 1.31
C PRO A 808 0.54 9.40 1.70
N GLU A 809 -0.38 9.39 2.67
CA GLU A 809 -1.20 10.56 3.00
C GLU A 809 -0.49 11.56 3.92
N ILE A 810 0.68 11.17 4.44
CA ILE A 810 1.39 11.94 5.47
C ILE A 810 1.74 13.37 5.03
N ALA A 811 2.79 13.53 4.22
CA ALA A 811 3.24 14.88 3.80
C ALA A 811 2.08 15.76 3.34
N GLY A 812 1.05 15.15 2.76
CA GLY A 812 -0.18 15.85 2.42
C GLY A 812 -0.85 16.45 3.64
N LEU A 813 -1.10 15.61 4.64
CA LEU A 813 -1.76 16.07 5.88
C LEU A 813 -0.96 17.14 6.61
N ARG A 814 0.35 17.13 6.39
CA ARG A 814 1.23 18.11 7.00
C ARG A 814 1.09 19.44 6.29
N GLN A 815 1.28 19.45 4.97
CA GLN A 815 1.13 20.67 4.19
C GLN A 815 -0.28 21.25 4.33
N GLU A 816 -1.26 20.37 4.50
CA GLU A 816 -2.62 20.78 4.87
C GLU A 816 -2.59 21.60 6.15
N ARG A 817 -1.86 21.09 7.14
CA ARG A 817 -1.67 21.79 8.41
C ARG A 817 -0.98 23.15 8.22
N ALA A 818 0.06 23.18 7.40
CA ALA A 818 0.84 24.39 7.10
C ALA A 818 -0.01 25.55 6.57
N GLU A 819 -1.05 25.25 5.81
CA GLU A 819 -1.94 26.30 5.29
C GLU A 819 -3.26 26.39 6.09
N GLY A 820 -3.17 26.09 7.39
CA GLY A 820 -4.25 26.30 8.34
C GLY A 820 -5.51 25.47 8.16
N LYS A 821 -5.42 24.40 7.37
CA LYS A 821 -6.62 23.67 6.98
C LYS A 821 -7.00 22.53 7.91
N PHE A 822 -6.11 22.16 8.84
CA PHE A 822 -6.45 21.12 9.82
C PHE A 822 -7.14 21.74 11.03
N VAL A 823 -8.30 21.19 11.38
CA VAL A 823 -9.04 21.59 12.58
C VAL A 823 -9.23 20.33 13.42
N PRO A 824 -8.78 20.37 14.69
CA PRO A 824 -8.71 19.12 15.42
C PRO A 824 -10.05 18.68 15.99
N ASP A 825 -10.10 17.41 16.38
CA ASP A 825 -11.25 16.81 17.04
C ASP A 825 -11.57 17.54 18.34
N LEU A 826 -12.85 17.69 18.64
CA LEU A 826 -13.29 18.36 19.87
C LEU A 826 -12.77 17.64 21.11
N ARG A 827 -12.70 16.31 21.05
CA ARG A 827 -12.17 15.51 22.14
C ARG A 827 -10.65 15.68 22.33
N PHE A 828 -9.95 16.03 21.25
CA PHE A 828 -8.51 16.24 21.32
C PHE A 828 -8.16 17.58 21.99
N GLU A 829 -8.94 18.62 21.71
CA GLU A 829 -8.82 19.92 22.38
C GLU A 829 -9.14 19.79 23.87
N GLU A 830 -10.14 18.96 24.18
CA GLU A 830 -10.55 18.67 25.55
C GLU A 830 -9.39 18.12 26.39
N VAL A 831 -8.72 17.08 25.87
CA VAL A 831 -7.57 16.47 26.52
C VAL A 831 -6.44 17.47 26.75
N LYS A 832 -6.03 18.17 25.69
CA LYS A 832 -4.99 19.18 25.80
C LYS A 832 -5.25 20.15 26.94
N GLU A 833 -6.49 20.64 27.03
CA GLU A 833 -6.81 21.62 28.05
C GLU A 833 -6.97 20.98 29.43
N TYR A 834 -7.47 19.74 29.47
CA TYR A 834 -7.52 18.95 30.70
C TYR A 834 -6.11 18.68 31.28
N VAL A 835 -5.10 18.67 30.41
CA VAL A 835 -3.68 18.58 30.81
C VAL A 835 -3.18 19.92 31.39
N ARG A 836 -3.54 21.02 30.72
CA ARG A 836 -3.25 22.38 31.18
C ARG A 836 -4.02 22.77 32.44
N SER A 837 -5.01 21.94 32.79
CA SER A 837 -5.75 22.09 34.04
C SER A 837 -4.85 22.03 35.27
N GLY A 838 -3.75 21.28 35.18
CA GLY A 838 -2.80 21.17 36.30
C GLY A 838 -3.16 20.09 37.30
N VAL A 839 -4.07 19.19 36.88
CA VAL A 839 -4.44 18.04 37.71
C VAL A 839 -3.30 17.01 37.81
N PHE A 840 -2.29 17.13 36.95
CA PHE A 840 -1.16 16.19 36.95
C PHE A 840 0.11 16.73 37.63
N GLY A 841 -0.05 17.48 38.71
CA GLY A 841 1.08 18.01 39.47
C GLY A 841 1.23 19.52 39.31
N THR A 842 2.35 20.05 39.80
CA THR A 842 2.62 21.49 39.72
C THR A 842 2.97 21.94 38.31
N SER A 843 3.31 20.99 37.44
CA SER A 843 3.57 21.31 36.03
C SER A 843 2.26 21.25 35.26
N ASN A 844 2.07 22.21 34.37
CA ASN A 844 0.90 22.27 33.50
C ASN A 844 1.21 21.85 32.06
N TYR A 845 2.49 21.86 31.71
CA TYR A 845 2.98 21.36 30.43
C TYR A 845 2.52 22.15 29.20
N ASP A 846 2.25 23.45 29.37
CA ASP A 846 1.91 24.28 28.22
C ASP A 846 3.01 24.19 27.16
N GLU A 847 4.23 23.93 27.62
CA GLU A 847 5.38 23.78 26.74
CA GLU A 847 5.41 23.76 26.76
C GLU A 847 5.30 22.51 25.88
N LEU A 848 4.86 21.40 26.48
CA LEU A 848 4.71 20.11 25.79
C LEU A 848 3.52 20.12 24.81
N MET A 849 2.33 20.46 25.34
CA MET A 849 1.14 20.68 24.49
C MET A 849 1.45 21.69 23.38
N GLY A 850 2.33 22.64 23.68
CA GLY A 850 2.81 23.63 22.70
C GLY A 850 3.43 23.05 21.43
N SER A 851 3.99 21.84 21.53
CA SER A 851 4.55 21.16 20.34
C SER A 851 3.47 20.52 19.46
N LEU A 852 2.23 20.53 19.94
CA LEU A 852 1.09 20.00 19.19
C LEU A 852 0.23 21.11 18.59
N GLU A 853 0.77 22.32 18.52
CA GLU A 853 -0.03 23.49 18.15
C GLU A 853 0.69 24.36 17.16
N GLY A 854 -0.07 25.30 16.56
CA GLY A 854 0.43 26.14 15.49
C GLY A 854 0.39 25.38 14.19
N ASN A 855 0.69 26.07 13.10
CA ASN A 855 0.69 25.48 11.78
C ASN A 855 2.09 25.31 11.22
N GLU A 856 3.03 26.07 11.77
CA GLU A 856 4.32 26.26 11.15
C GLU A 856 5.39 26.41 12.22
N GLY A 857 6.57 25.86 11.96
CA GLY A 857 7.74 26.08 12.80
C GLY A 857 8.33 24.85 13.46
N TYR A 858 9.65 24.80 13.53
CA TYR A 858 10.38 23.69 14.13
C TYR A 858 9.94 23.43 15.57
N GLY A 859 9.68 22.17 15.90
CA GLY A 859 9.34 21.74 17.27
C GLY A 859 7.87 21.92 17.62
N ARG A 860 7.12 22.48 16.66
CA ARG A 860 5.72 22.80 16.82
C ARG A 860 4.99 22.18 15.63
N ALA A 861 3.73 22.57 15.40
CA ALA A 861 2.96 22.17 14.22
C ALA A 861 2.63 20.67 14.17
N ASP A 862 2.72 19.99 15.32
CA ASP A 862 2.29 18.62 15.46
C ASP A 862 2.79 17.74 14.30
N TYR A 863 4.07 17.87 13.99
CA TYR A 863 4.67 17.22 12.82
C TYR A 863 4.47 15.72 12.78
N PHE A 864 4.36 15.08 13.94
CA PHE A 864 4.15 13.63 13.96
C PHE A 864 2.68 13.22 14.04
N LEU A 865 1.78 14.16 13.74
CA LEU A 865 0.36 13.86 13.51
C LEU A 865 -0.35 13.20 14.70
N VAL A 866 -0.05 13.70 15.89
CA VAL A 866 -0.63 13.15 17.10
C VAL A 866 -2.11 13.52 17.16
N GLY A 867 -2.40 14.82 17.04
CA GLY A 867 -3.78 15.29 17.07
C GLY A 867 -4.61 14.76 15.92
N LYS A 868 -3.95 14.49 14.80
CA LYS A 868 -4.63 13.96 13.64
C LYS A 868 -5.14 12.55 13.88
N ASP A 869 -4.23 11.63 14.21
CA ASP A 869 -4.56 10.21 14.36
C ASP A 869 -5.31 9.91 15.65
N PHE A 870 -5.34 10.90 16.56
CA PHE A 870 -5.96 10.75 17.88
C PHE A 870 -7.34 10.11 17.81
N PRO A 871 -8.28 10.70 17.05
CA PRO A 871 -9.64 10.18 17.13
C PRO A 871 -9.72 8.75 16.59
N SER A 872 -9.08 8.51 15.46
CA SER A 872 -8.94 7.17 14.91
C SER A 872 -8.45 6.19 15.99
N TYR A 873 -7.43 6.60 16.75
CA TYR A 873 -6.79 5.75 17.76
C TYR A 873 -7.67 5.41 18.96
N ILE A 874 -8.25 6.43 19.62
CA ILE A 874 -9.05 6.20 20.82
C ILE A 874 -10.32 5.41 20.51
N GLU A 875 -10.82 5.59 19.30
CA GLU A 875 -11.91 4.77 18.81
C GLU A 875 -11.44 3.34 18.60
N CYS A 876 -10.22 3.18 18.06
CA CYS A 876 -9.65 1.83 17.91
C CYS A 876 -9.51 1.10 19.25
N GLN A 877 -9.22 1.86 20.31
CA GLN A 877 -9.09 1.29 21.65
C GLN A 877 -10.42 0.85 22.23
N GLU A 878 -11.52 1.39 21.72
CA GLU A 878 -12.84 0.91 22.12
C GLU A 878 -13.09 -0.52 21.62
N LYS A 879 -12.67 -0.81 20.38
CA LYS A 879 -12.76 -2.17 19.81
C LYS A 879 -11.88 -3.19 20.53
N VAL A 880 -10.77 -2.72 21.09
CA VAL A 880 -9.88 -3.57 21.88
C VAL A 880 -10.55 -3.94 23.20
N ASP A 881 -11.21 -2.96 23.83
CA ASP A 881 -11.97 -3.23 25.04
C ASP A 881 -12.95 -4.34 24.74
N GLU A 882 -13.81 -4.07 23.76
CA GLU A 882 -14.93 -4.96 23.45
CA GLU A 882 -14.93 -4.95 23.44
C GLU A 882 -14.49 -6.38 23.11
N ALA A 883 -13.29 -6.52 22.56
CA ALA A 883 -12.74 -7.82 22.21
C ALA A 883 -12.28 -8.56 23.47
N TYR A 884 -11.65 -7.82 24.37
CA TYR A 884 -11.12 -8.38 25.60
C TYR A 884 -12.24 -8.93 26.48
N ARG A 885 -13.45 -8.40 26.27
CA ARG A 885 -14.63 -8.88 26.97
C ARG A 885 -14.98 -10.31 26.61
N ASP A 886 -14.76 -10.70 25.36
CA ASP A 886 -14.92 -12.10 24.95
C ASP A 886 -13.56 -12.78 24.94
N GLN A 887 -13.18 -13.34 26.08
CA GLN A 887 -11.90 -14.01 26.22
C GLN A 887 -11.71 -15.25 25.33
N LYS A 888 -12.80 -15.80 24.81
CA LYS A 888 -12.70 -16.84 23.78
C LYS A 888 -12.11 -16.24 22.51
N LEU A 889 -12.59 -15.06 22.14
CA LEU A 889 -12.12 -14.36 20.95
C LEU A 889 -10.69 -13.93 21.14
N TRP A 890 -10.43 -13.25 22.25
CA TRP A 890 -9.11 -12.71 22.53
C TRP A 890 -8.07 -13.82 22.50
N THR A 891 -8.40 -14.96 23.12
CA THR A 891 -7.45 -16.08 23.18
C THR A 891 -7.32 -16.79 21.82
N ARG A 892 -8.40 -16.86 21.06
CA ARG A 892 -8.36 -17.35 19.67
C ARG A 892 -7.39 -16.52 18.85
N MET A 893 -7.50 -15.19 18.99
CA MET A 893 -6.63 -14.27 18.29
C MET A 893 -5.19 -14.36 18.82
N SER A 894 -5.05 -14.42 20.15
CA SER A 894 -3.75 -14.61 20.78
C SER A 894 -3.02 -15.77 20.11
N ILE A 895 -3.72 -16.89 19.98
CA ILE A 895 -3.14 -18.12 19.42
C ILE A 895 -2.76 -18.00 17.95
N LEU A 896 -3.56 -17.25 17.20
CA LEU A 896 -3.33 -17.09 15.77
C LEU A 896 -2.16 -16.17 15.48
N ASN A 897 -1.78 -15.35 16.45
CA ASN A 897 -0.57 -14.52 16.33
C ASN A 897 0.70 -15.36 16.48
N THR A 898 0.69 -16.29 17.42
CA THR A 898 1.80 -17.22 17.56
C THR A 898 1.89 -18.08 16.30
N ALA A 899 0.74 -18.59 15.85
CA ALA A 899 0.65 -19.40 14.63
C ALA A 899 1.08 -18.64 13.36
N GLY A 900 1.02 -17.31 13.42
CA GLY A 900 1.38 -16.43 12.29
C GLY A 900 2.81 -15.89 12.33
N SER A 901 3.50 -16.10 13.44
CA SER A 901 4.84 -15.55 13.66
C SER A 901 6.02 -16.15 12.87
N PRO A 902 5.91 -17.41 12.40
CA PRO A 902 7.11 -18.08 11.88
C PRO A 902 7.93 -17.30 10.85
N LYS A 903 7.28 -16.43 10.09
CA LYS A 903 8.00 -15.61 9.10
C LYS A 903 9.02 -14.71 9.75
N PHE A 904 8.80 -14.36 11.02
CA PHE A 904 9.60 -13.37 11.70
C PHE A 904 10.70 -13.97 12.55
N SER A 905 11.14 -15.17 12.17
CA SER A 905 12.29 -15.80 12.80
C SER A 905 13.53 -15.28 12.10
N SER A 906 14.48 -14.80 12.88
CA SER A 906 15.76 -14.33 12.35
C SER A 906 16.48 -15.42 11.53
N ASP A 907 16.11 -16.69 11.76
CA ASP A 907 16.65 -17.80 10.99
C ASP A 907 16.41 -17.63 9.50
N ARG A 908 15.19 -17.28 9.10
CA ARG A 908 14.94 -17.13 7.66
C ARG A 908 15.47 -15.80 7.16
N THR A 909 15.58 -14.81 8.04
CA THR A 909 16.25 -13.56 7.69
C THR A 909 17.70 -13.86 7.33
N ILE A 910 18.34 -14.68 8.14
CA ILE A 910 19.71 -15.12 7.89
C ILE A 910 19.85 -15.89 6.56
N HIS A 911 19.03 -16.91 6.35
CA HIS A 911 19.06 -17.70 5.11
C HIS A 911 19.09 -16.77 3.89
N GLU A 912 18.18 -15.81 3.91
CA GLU A 912 18.02 -14.85 2.83
C GLU A 912 19.30 -14.05 2.63
N TYR A 913 19.84 -13.52 3.72
CA TYR A 913 21.11 -12.78 3.66
C TYR A 913 22.20 -13.68 3.10
N ALA A 914 22.28 -14.88 3.65
CA ALA A 914 23.31 -15.84 3.30
C ALA A 914 23.29 -16.20 1.81
N LYS A 915 22.10 -16.41 1.25
CA LYS A 915 21.97 -16.74 -0.17
C LYS A 915 22.09 -15.53 -1.09
N ASP A 916 21.30 -14.50 -0.83
CA ASP A 916 21.12 -13.39 -1.78
C ASP A 916 22.15 -12.24 -1.71
N ILE A 917 22.98 -12.20 -0.66
CA ILE A 917 23.97 -11.12 -0.51
C ILE A 917 25.36 -11.66 -0.20
N TRP A 918 25.47 -12.39 0.91
CA TRP A 918 26.76 -12.88 1.34
C TRP A 918 27.26 -14.03 0.46
N ASP A 919 26.33 -14.85 -0.02
CA ASP A 919 26.68 -15.99 -0.86
C ASP A 919 27.60 -16.92 -0.04
N ILE A 920 27.18 -17.23 1.19
CA ILE A 920 27.89 -18.18 2.06
C ILE A 920 27.10 -19.47 2.23
N SER A 921 27.82 -20.53 2.57
CA SER A 921 27.23 -21.85 2.75
C SER A 921 27.45 -22.31 4.17
N PRO A 922 26.52 -23.12 4.72
CA PRO A 922 26.79 -23.61 6.06
C PRO A 922 27.97 -24.58 6.05
N VAL A 923 28.54 -24.77 7.23
CA VAL A 923 29.72 -25.59 7.42
C VAL A 923 29.44 -26.43 8.66
N ILE A 924 29.27 -27.73 8.51
CA ILE A 924 28.99 -28.59 9.65
C ILE A 924 30.21 -29.47 9.97
N MET A 925 30.62 -29.43 11.24
CA MET A 925 31.73 -30.26 11.74
C MET A 925 31.23 -31.69 11.92
N PRO A 926 32.13 -32.69 11.79
CA PRO A 926 31.68 -34.08 11.74
C PRO A 926 31.09 -34.62 13.06
N THR A 927 31.73 -34.56 14.11
N ILE B 27 -31.87 -32.54 -24.81
CA ILE B 27 -31.91 -32.06 -26.23
C ILE B 27 -30.54 -32.19 -26.91
N ASP B 28 -30.37 -33.26 -27.69
CA ASP B 28 -29.21 -33.46 -28.56
C ASP B 28 -29.01 -32.27 -29.49
N SER B 29 -27.83 -32.15 -30.09
CA SER B 29 -27.56 -31.10 -31.07
C SER B 29 -28.54 -31.09 -32.23
N SER B 30 -29.06 -32.28 -32.56
CA SER B 30 -29.96 -32.43 -33.70
C SER B 30 -31.35 -31.84 -33.45
N ALA B 31 -31.75 -31.73 -32.19
CA ALA B 31 -33.00 -31.05 -31.79
C ALA B 31 -32.89 -29.54 -31.93
N ILE B 32 -31.72 -29.01 -31.59
CA ILE B 32 -31.49 -27.57 -31.67
C ILE B 32 -31.50 -27.14 -33.14
N ALA B 33 -30.91 -27.95 -34.01
CA ALA B 33 -30.90 -27.65 -35.44
C ALA B 33 -32.33 -27.57 -35.99
N SER B 34 -33.23 -28.37 -35.44
CA SER B 34 -34.67 -28.27 -35.76
C SER B 34 -35.21 -26.94 -35.30
N ASN B 35 -34.93 -26.61 -34.05
CA ASN B 35 -35.46 -25.40 -33.45
C ASN B 35 -34.94 -24.16 -34.14
N ILE B 36 -33.66 -24.16 -34.52
CA ILE B 36 -33.07 -23.02 -35.26
C ILE B 36 -33.81 -22.83 -36.58
N GLN B 37 -33.97 -23.91 -37.34
CA GLN B 37 -34.67 -23.86 -38.61
C GLN B 37 -36.11 -23.41 -38.40
N HIS B 38 -36.72 -23.89 -37.32
CA HIS B 38 -38.11 -23.54 -37.01
C HIS B 38 -38.26 -22.02 -36.90
N HIS B 39 -37.45 -21.42 -36.03
CA HIS B 39 -37.48 -19.98 -35.82
C HIS B 39 -37.17 -19.20 -37.10
N ALA B 40 -36.31 -19.76 -37.96
CA ALA B 40 -36.00 -19.14 -39.24
C ALA B 40 -37.26 -18.95 -40.09
N ASP B 41 -38.15 -19.94 -40.05
CA ASP B 41 -39.35 -19.96 -40.89
C ASP B 41 -40.62 -19.48 -40.19
N PHE B 42 -40.73 -19.75 -38.88
CA PHE B 42 -41.98 -19.49 -38.13
C PHE B 42 -41.93 -18.29 -37.18
N THR B 43 -40.75 -17.69 -37.01
CA THR B 43 -40.67 -16.32 -36.46
C THR B 43 -39.74 -15.48 -37.36
N PRO B 44 -40.07 -15.38 -38.66
CA PRO B 44 -39.17 -14.83 -39.66
C PRO B 44 -39.13 -13.30 -39.73
N LEU B 45 -37.98 -12.78 -40.18
CA LEU B 45 -37.79 -11.35 -40.46
C LEU B 45 -37.32 -11.09 -41.89
N PHE B 46 -37.27 -12.14 -42.73
CA PHE B 46 -36.75 -12.02 -44.10
C PHE B 46 -37.64 -12.76 -45.09
N SER B 47 -37.32 -12.65 -46.37
CA SER B 47 -37.97 -13.46 -47.39
C SER B 47 -37.62 -14.91 -47.08
N PRO B 48 -38.47 -15.84 -47.49
CA PRO B 48 -38.17 -17.23 -47.19
C PRO B 48 -36.98 -17.79 -48.00
N GLU B 49 -36.88 -17.39 -49.27
CA GLU B 49 -35.80 -17.87 -50.14
C GLU B 49 -34.44 -17.20 -49.83
N HIS B 50 -34.47 -16.06 -49.14
CA HIS B 50 -33.27 -15.32 -48.69
C HIS B 50 -32.36 -16.18 -47.80
N SER B 51 -31.04 -16.06 -48.02
CA SER B 51 -30.07 -16.93 -47.35
C SER B 51 -28.85 -16.14 -46.88
N SER B 52 -28.72 -15.95 -45.58
CA SER B 52 -27.77 -14.98 -45.02
C SER B 52 -27.20 -15.37 -43.66
N PRO B 53 -25.97 -14.91 -43.36
CA PRO B 53 -25.46 -15.07 -41.99
C PRO B 53 -26.32 -14.30 -40.98
N LEU B 54 -26.80 -13.13 -41.38
CA LEU B 54 -27.64 -12.33 -40.50
C LEU B 54 -28.94 -13.05 -40.17
N LYS B 55 -29.56 -13.61 -41.20
CA LYS B 55 -30.80 -14.39 -41.02
C LYS B 55 -30.57 -15.56 -40.08
N ALA B 56 -29.45 -16.24 -40.27
CA ALA B 56 -29.04 -17.34 -39.41
C ALA B 56 -28.93 -16.90 -37.96
N TYR B 57 -28.46 -15.67 -37.75
CA TYR B 57 -28.27 -15.13 -36.40
C TYR B 57 -29.59 -14.96 -35.64
N HIS B 58 -30.55 -14.27 -36.25
CA HIS B 58 -31.85 -14.04 -35.60
C HIS B 58 -32.53 -15.37 -35.26
N ALA B 59 -32.37 -16.35 -36.14
CA ALA B 59 -32.89 -17.69 -35.90
C ALA B 59 -32.19 -18.36 -34.72
N THR B 60 -30.86 -18.30 -34.72
CA THR B 60 -30.07 -18.93 -33.67
C THR B 60 -30.31 -18.24 -32.32
N ALA B 61 -30.38 -16.93 -32.34
CA ALA B 61 -30.61 -16.14 -31.13
C ALA B 61 -31.95 -16.48 -30.50
N LYS B 62 -32.97 -16.60 -31.35
CA LYS B 62 -34.30 -16.95 -30.89
C LYS B 62 -34.36 -18.37 -30.31
N SER B 63 -33.56 -19.29 -30.87
CA SER B 63 -33.53 -20.67 -30.40
C SER B 63 -33.01 -20.69 -28.97
N VAL B 64 -31.88 -20.03 -28.76
CA VAL B 64 -31.33 -19.89 -27.43
C VAL B 64 -32.37 -19.31 -26.48
N PHE B 65 -33.03 -18.26 -26.95
CA PHE B 65 -33.94 -17.45 -26.14
C PHE B 65 -35.08 -18.25 -25.49
N ASP B 66 -35.52 -19.31 -26.16
CA ASP B 66 -36.55 -20.19 -25.61
C ASP B 66 -36.15 -20.76 -24.25
N SER B 67 -34.87 -21.11 -24.12
CA SER B 67 -34.32 -21.63 -22.86
C SER B 67 -34.34 -20.53 -21.81
N LEU B 68 -34.03 -19.31 -22.23
CA LEU B 68 -33.96 -18.19 -21.31
C LEU B 68 -35.34 -17.83 -20.78
N ILE B 69 -36.35 -17.94 -21.64
CA ILE B 69 -37.73 -17.69 -21.22
C ILE B 69 -38.16 -18.70 -20.13
N MET B 70 -38.01 -19.99 -20.42
CA MET B 70 -38.34 -21.03 -19.45
C MET B 70 -37.74 -20.72 -18.09
N ASN B 71 -36.43 -20.47 -18.08
CA ASN B 71 -35.69 -20.25 -16.84
C ASN B 71 -36.02 -18.92 -16.18
N TRP B 72 -36.29 -17.91 -17.00
CA TRP B 72 -36.70 -16.60 -16.50
C TRP B 72 -38.06 -16.68 -15.81
N ASN B 73 -39.00 -17.41 -16.40
CA ASN B 73 -40.34 -17.57 -15.81
C ASN B 73 -40.29 -18.35 -14.51
N ALA B 74 -39.42 -19.35 -14.46
CA ALA B 74 -39.24 -20.14 -13.26
C ALA B 74 -38.65 -19.27 -12.15
N THR B 75 -37.62 -18.50 -12.50
CA THR B 75 -36.97 -17.62 -11.53
C THR B 75 -37.96 -16.58 -11.03
N TYR B 76 -38.80 -16.08 -11.94
CA TYR B 76 -39.79 -15.05 -11.60
C TYR B 76 -40.81 -15.58 -10.59
N ASP B 77 -41.46 -16.70 -10.93
CA ASP B 77 -42.45 -17.33 -10.05
C ASP B 77 -41.84 -17.62 -8.69
N TYR B 78 -40.61 -18.10 -8.67
CA TYR B 78 -40.02 -18.55 -7.42
C TYR B 78 -39.70 -17.42 -6.44
N TYR B 79 -39.19 -16.31 -6.94
CA TYR B 79 -38.91 -15.16 -6.09
C TYR B 79 -40.18 -14.61 -5.45
N ASN B 80 -41.29 -14.60 -6.19
CA ASN B 80 -42.60 -14.17 -5.66
C ASN B 80 -43.07 -15.04 -4.51
N LYS B 81 -42.95 -16.36 -4.68
CA LYS B 81 -43.33 -17.33 -3.66
C LYS B 81 -42.50 -17.19 -2.39
N VAL B 82 -41.20 -16.98 -2.57
CA VAL B 82 -40.27 -16.88 -1.45
C VAL B 82 -40.24 -15.47 -0.83
N ASN B 83 -40.71 -14.48 -1.57
CA ASN B 83 -40.66 -13.07 -1.13
C ASN B 83 -39.35 -12.67 -0.43
N ALA B 84 -38.22 -13.07 -1.01
CA ALA B 84 -36.90 -12.71 -0.48
C ALA B 84 -36.52 -11.28 -0.88
N LYS B 85 -35.71 -10.64 -0.04
CA LYS B 85 -35.24 -9.28 -0.28
C LYS B 85 -34.57 -9.25 -1.65
N GLN B 86 -34.90 -8.22 -2.42
CA GLN B 86 -34.43 -8.12 -3.80
C GLN B 86 -33.52 -6.90 -3.95
N ALA B 87 -32.45 -7.03 -4.75
CA ALA B 87 -31.57 -5.90 -5.05
C ALA B 87 -31.94 -5.28 -6.39
N TYR B 88 -31.71 -3.98 -6.50
CA TYR B 88 -32.13 -3.23 -7.68
C TYR B 88 -31.05 -2.24 -8.11
N TYR B 89 -30.34 -2.59 -9.18
CA TYR B 89 -29.17 -1.85 -9.62
C TYR B 89 -29.58 -0.85 -10.70
N LEU B 90 -29.50 0.44 -10.39
CA LEU B 90 -29.94 1.51 -11.32
C LEU B 90 -28.77 2.23 -11.97
N SER B 91 -28.72 2.21 -13.30
CA SER B 91 -27.59 2.74 -14.04
C SER B 91 -28.03 3.30 -15.37
N MET B 92 -27.46 4.42 -15.76
CA MET B 92 -27.75 4.98 -17.09
C MET B 92 -27.08 4.16 -18.19
N GLU B 93 -26.03 3.41 -17.86
CA GLU B 93 -25.34 2.58 -18.84
C GLU B 93 -25.47 1.10 -18.57
N PHE B 94 -25.61 0.32 -19.64
CA PHE B 94 -25.40 -1.12 -19.58
C PHE B 94 -24.70 -1.50 -20.86
N LEU B 95 -23.40 -1.77 -20.76
CA LEU B 95 -22.62 -2.25 -21.91
C LEU B 95 -22.78 -3.75 -22.00
N GLN B 96 -23.96 -4.21 -22.39
CA GLN B 96 -24.28 -5.63 -22.36
C GLN B 96 -23.36 -6.47 -23.25
N GLY B 97 -22.94 -5.88 -24.35
CA GLY B 97 -22.18 -6.60 -25.37
C GLY B 97 -23.10 -7.54 -26.11
N ARG B 98 -22.49 -8.34 -26.99
CA ARG B 98 -23.21 -9.40 -27.69
C ARG B 98 -23.64 -10.45 -26.66
N ALA B 99 -24.87 -10.96 -26.80
CA ALA B 99 -25.46 -11.86 -25.84
C ALA B 99 -25.26 -13.31 -26.23
N LEU B 100 -25.20 -13.57 -27.55
CA LEU B 100 -25.27 -14.92 -28.09
C LEU B 100 -24.25 -15.92 -27.49
N THR B 101 -22.97 -15.82 -27.84
CA THR B 101 -21.99 -16.82 -27.36
C THR B 101 -22.02 -17.02 -25.84
N ASN B 102 -22.19 -15.94 -25.11
CA ASN B 102 -22.18 -16.00 -23.64
CA ASN B 102 -22.19 -15.96 -23.63
C ASN B 102 -23.43 -16.64 -23.04
N ALA B 103 -24.56 -16.53 -23.73
CA ALA B 103 -25.79 -17.20 -23.28
C ALA B 103 -25.65 -18.68 -23.54
N ILE B 104 -25.36 -19.02 -24.78
CA ILE B 104 -25.04 -20.41 -25.15
C ILE B 104 -24.03 -21.03 -24.20
N GLY B 105 -22.97 -20.28 -23.91
CA GLY B 105 -21.91 -20.71 -23.02
C GLY B 105 -22.40 -20.96 -21.60
N ASN B 106 -23.15 -20.01 -21.04
CA ASN B 106 -23.67 -20.16 -19.67
C ASN B 106 -24.67 -21.31 -19.54
N LEU B 107 -25.44 -21.57 -20.60
CA LEU B 107 -26.38 -22.70 -20.62
C LEU B 107 -25.68 -24.03 -20.87
N GLU B 108 -24.38 -23.98 -21.13
CA GLU B 108 -23.56 -25.17 -21.37
C GLU B 108 -24.00 -25.94 -22.62
N LEU B 109 -24.28 -25.22 -23.69
CA LEU B 109 -24.70 -25.84 -24.94
C LEU B 109 -23.78 -25.44 -26.10
N THR B 110 -22.61 -24.90 -25.79
CA THR B 110 -21.72 -24.35 -26.81
C THR B 110 -21.27 -25.43 -27.81
N GLY B 111 -21.07 -26.65 -27.31
CA GLY B 111 -20.70 -27.79 -28.16
C GLY B 111 -21.80 -28.18 -29.12
N GLN B 112 -23.02 -28.30 -28.58
CA GLN B 112 -24.17 -28.78 -29.39
C GLN B 112 -24.70 -27.72 -30.35
N TYR B 113 -24.64 -26.45 -29.96
CA TYR B 113 -25.03 -25.35 -30.88
C TYR B 113 -24.07 -25.19 -32.03
N ALA B 114 -22.79 -25.45 -31.78
CA ALA B 114 -21.77 -25.37 -32.81
C ALA B 114 -22.03 -26.44 -33.85
N GLU B 115 -22.36 -27.65 -33.40
CA GLU B 115 -22.66 -28.78 -34.28
C GLU B 115 -23.96 -28.54 -35.06
N ALA B 116 -25.00 -28.10 -34.36
CA ALA B 116 -26.31 -27.80 -34.98
C ALA B 116 -26.17 -26.84 -36.16
N LEU B 117 -25.27 -25.87 -36.04
CA LEU B 117 -24.99 -24.91 -37.10
C LEU B 117 -24.18 -25.49 -38.27
N LYS B 118 -23.34 -26.50 -38.01
CA LYS B 118 -22.61 -27.18 -39.09
C LYS B 118 -23.60 -27.83 -40.05
N GLN B 119 -24.61 -28.49 -39.48
CA GLN B 119 -25.66 -29.18 -40.24
C GLN B 119 -26.36 -28.22 -41.20
N LEU B 120 -26.65 -27.01 -40.73
CA LEU B 120 -27.34 -25.99 -41.53
C LEU B 120 -26.39 -25.20 -42.45
N GLY B 121 -25.16 -25.68 -42.59
CA GLY B 121 -24.18 -25.05 -43.47
C GLY B 121 -23.65 -23.73 -42.95
N HIS B 122 -23.45 -23.65 -41.63
CA HIS B 122 -23.01 -22.42 -40.96
C HIS B 122 -21.87 -22.62 -39.96
N ASN B 123 -21.30 -21.50 -39.54
CA ASN B 123 -20.16 -21.45 -38.64
C ASN B 123 -20.52 -20.55 -37.47
N LEU B 124 -20.62 -21.11 -36.26
CA LEU B 124 -21.07 -20.34 -35.10
C LEU B 124 -20.35 -19.00 -34.98
N GLU B 125 -19.02 -19.01 -35.06
CA GLU B 125 -18.24 -17.78 -34.86
C GLU B 125 -18.60 -16.68 -35.88
N ASP B 126 -18.85 -17.11 -37.11
CA ASP B 126 -19.29 -16.21 -38.18
C ASP B 126 -20.73 -15.69 -37.96
N VAL B 127 -21.61 -16.54 -37.46
CA VAL B 127 -22.98 -16.14 -37.12
C VAL B 127 -22.97 -15.12 -35.97
N ALA B 128 -22.19 -15.39 -34.93
CA ALA B 128 -22.10 -14.52 -33.77
C ALA B 128 -21.65 -13.11 -34.13
N SER B 129 -20.80 -12.98 -35.15
CA SER B 129 -20.24 -11.69 -35.56
C SER B 129 -21.24 -10.81 -36.33
N GLN B 130 -22.43 -11.34 -36.57
CA GLN B 130 -23.51 -10.57 -37.15
C GLN B 130 -24.33 -9.88 -36.08
N GLU B 131 -24.09 -10.20 -34.80
CA GLU B 131 -24.85 -9.59 -33.72
C GLU B 131 -24.46 -8.14 -33.50
N PRO B 132 -25.45 -7.24 -33.49
CA PRO B 132 -25.11 -5.85 -33.23
C PRO B 132 -24.87 -5.59 -31.74
N ASP B 133 -23.83 -4.83 -31.41
CA ASP B 133 -23.59 -4.43 -30.03
C ASP B 133 -24.70 -3.51 -29.50
N PRO B 134 -25.52 -4.01 -28.56
CA PRO B 134 -26.64 -3.20 -28.12
C PRO B 134 -26.10 -1.90 -27.64
N ALA B 135 -26.58 -0.81 -28.21
CA ALA B 135 -26.07 0.51 -27.92
C ALA B 135 -26.70 1.05 -26.63
N LEU B 136 -26.32 0.44 -25.50
CA LEU B 136 -26.98 0.69 -24.22
C LEU B 136 -26.03 1.29 -23.18
N GLY B 137 -24.79 1.55 -23.58
CA GLY B 137 -23.79 2.03 -22.65
C GLY B 137 -22.66 2.69 -23.39
N ASN B 138 -21.57 2.94 -22.69
CA ASN B 138 -20.47 3.72 -23.21
C ASN B 138 -19.15 3.16 -22.67
N GLY B 139 -18.94 3.27 -21.36
CA GLY B 139 -17.65 2.91 -20.75
C GLY B 139 -17.73 1.99 -19.55
N GLY B 140 -16.81 2.20 -18.61
CA GLY B 140 -16.60 1.29 -17.47
C GLY B 140 -17.80 1.09 -16.56
N LEU B 141 -18.50 2.19 -16.29
CA LEU B 141 -19.74 2.18 -15.48
C LEU B 141 -20.73 1.17 -16.01
N GLY B 142 -20.94 1.19 -17.31
CA GLY B 142 -21.93 0.35 -17.96
C GLY B 142 -21.49 -1.07 -18.02
N ARG B 143 -20.20 -1.28 -18.20
CA ARG B 143 -19.65 -2.61 -18.38
C ARG B 143 -19.49 -3.34 -17.05
N LEU B 144 -19.15 -2.58 -16.01
CA LEU B 144 -19.20 -3.07 -14.65
C LEU B 144 -20.61 -3.56 -14.31
N ALA B 145 -21.62 -2.75 -14.63
CA ALA B 145 -23.01 -3.10 -14.35
C ALA B 145 -23.38 -4.38 -15.07
N SER B 146 -23.00 -4.47 -16.34
CA SER B 146 -23.26 -5.67 -17.11
C SER B 146 -22.63 -6.89 -16.44
N CYS B 147 -21.34 -6.78 -16.10
CA CYS B 147 -20.65 -7.85 -15.40
C CYS B 147 -21.34 -8.19 -14.10
N PHE B 148 -21.69 -7.17 -13.31
CA PHE B 148 -22.42 -7.37 -12.05
C PHE B 148 -23.69 -8.22 -12.25
N LEU B 149 -24.42 -7.99 -13.34
CA LEU B 149 -25.63 -8.77 -13.60
C LEU B 149 -25.33 -10.25 -13.88
N ASP B 150 -24.21 -10.53 -14.54
CA ASP B 150 -23.77 -11.92 -14.78
C ASP B 150 -23.44 -12.64 -13.47
N SER B 151 -22.67 -11.95 -12.63
CA SER B 151 -22.21 -12.51 -11.38
C SER B 151 -23.34 -12.71 -10.38
N LEU B 152 -24.28 -11.77 -10.35
CA LEU B 152 -25.48 -11.91 -9.51
C LEU B 152 -26.31 -13.14 -9.88
N ALA B 153 -26.49 -13.38 -11.19
CA ALA B 153 -27.28 -14.52 -11.68
C ALA B 153 -26.53 -15.83 -11.49
N THR B 154 -25.25 -15.84 -11.85
CA THR B 154 -24.40 -17.00 -11.63
C THR B 154 -24.43 -17.40 -10.16
N LEU B 155 -24.37 -16.42 -9.26
CA LEU B 155 -24.38 -16.67 -7.80
C LEU B 155 -25.79 -16.72 -7.16
N ASN B 156 -26.84 -16.82 -7.97
CA ASN B 156 -28.22 -17.03 -7.47
C ASN B 156 -28.80 -15.91 -6.58
N TYR B 157 -28.29 -14.70 -6.69
CA TYR B 157 -28.83 -13.57 -5.91
C TYR B 157 -30.07 -12.99 -6.60
N PRO B 158 -31.13 -12.68 -5.83
CA PRO B 158 -32.30 -12.00 -6.40
C PRO B 158 -32.03 -10.50 -6.66
N ALA B 159 -31.73 -10.17 -7.91
CA ALA B 159 -31.36 -8.79 -8.28
C ALA B 159 -31.68 -8.46 -9.73
N TRP B 160 -32.29 -7.30 -9.93
CA TRP B 160 -32.61 -6.81 -11.26
C TRP B 160 -31.75 -5.62 -11.62
N GLY B 161 -31.63 -5.39 -12.91
CA GLY B 161 -31.10 -4.14 -13.44
C GLY B 161 -32.25 -3.29 -13.93
N TYR B 162 -32.19 -1.99 -13.66
CA TYR B 162 -33.09 -1.03 -14.27
C TYR B 162 -32.28 -0.05 -15.08
N GLY B 163 -32.63 0.10 -16.34
CA GLY B 163 -32.02 1.09 -17.24
C GLY B 163 -32.98 1.69 -18.26
N LEU B 164 -32.41 2.43 -19.21
CA LEU B 164 -33.16 3.02 -20.32
C LEU B 164 -32.75 2.34 -21.61
N ARG B 165 -33.74 2.12 -22.48
CA ARG B 165 -33.55 1.41 -23.73
C ARG B 165 -33.22 2.41 -24.82
N TYR B 166 -31.94 2.75 -24.94
CA TYR B 166 -31.50 3.76 -25.90
C TYR B 166 -31.60 3.25 -27.32
N ARG B 167 -31.97 4.14 -28.23
CA ARG B 167 -32.22 3.80 -29.61
C ARG B 167 -30.90 3.92 -30.38
N TYR B 168 -30.29 5.10 -30.34
CA TYR B 168 -29.14 5.40 -31.17
C TYR B 168 -27.79 5.31 -30.44
N GLY B 169 -27.82 4.99 -29.15
CA GLY B 169 -26.59 4.79 -28.37
C GLY B 169 -25.89 6.09 -28.06
N LEU B 170 -24.60 5.99 -27.80
CA LEU B 170 -23.76 7.18 -27.71
C LEU B 170 -23.43 7.64 -29.13
N PHE B 171 -22.74 6.78 -29.89
CA PHE B 171 -22.60 6.88 -31.34
C PHE B 171 -21.74 5.75 -31.86
N LYS B 172 -21.99 5.32 -33.10
CA LYS B 172 -21.06 4.45 -33.81
C LYS B 172 -19.93 5.32 -34.36
N GLN B 173 -18.70 5.05 -33.93
CA GLN B 173 -17.56 5.88 -34.31
C GLN B 173 -17.07 5.45 -35.68
N ILE B 174 -16.94 6.41 -36.61
CA ILE B 174 -16.21 6.13 -37.85
C ILE B 174 -14.92 6.95 -37.87
N ILE B 175 -13.88 6.38 -38.50
CA ILE B 175 -12.62 7.07 -38.67
C ILE B 175 -12.48 7.39 -40.15
N THR B 176 -12.47 8.68 -40.46
CA THR B 176 -12.24 9.18 -41.79
C THR B 176 -10.85 9.80 -41.74
N LYS B 177 -10.43 10.42 -42.84
CA LYS B 177 -9.16 11.14 -42.87
C LYS B 177 -9.19 12.40 -41.99
N ASP B 178 -10.41 12.83 -41.62
CA ASP B 178 -10.60 14.00 -40.75
C ASP B 178 -10.62 13.64 -39.26
N GLY B 179 -10.42 12.37 -38.94
CA GLY B 179 -10.38 11.91 -37.55
C GLY B 179 -11.70 11.28 -37.19
N GLN B 180 -12.14 11.50 -35.95
CA GLN B 180 -13.40 10.92 -35.51
C GLN B 180 -14.61 11.62 -36.09
N GLU B 181 -15.56 10.82 -36.57
CA GLU B 181 -16.91 11.29 -36.86
C GLU B 181 -17.91 10.34 -36.25
N GLU B 182 -19.03 10.90 -35.83
CA GLU B 182 -20.02 10.21 -35.02
C GLU B 182 -21.29 9.92 -35.81
N VAL B 183 -21.60 8.64 -35.93
CA VAL B 183 -22.80 8.17 -36.61
C VAL B 183 -23.68 7.45 -35.59
N ALA B 184 -24.98 7.75 -35.60
CA ALA B 184 -25.92 7.10 -34.70
C ALA B 184 -26.06 5.59 -34.98
N GLU B 185 -26.21 4.81 -33.92
CA GLU B 185 -26.26 3.36 -34.00
C GLU B 185 -27.61 2.87 -34.55
N ASN B 186 -27.62 1.64 -35.05
CA ASN B 186 -28.82 1.05 -35.63
C ASN B 186 -29.11 -0.39 -35.14
N TRP B 187 -28.73 -0.67 -33.90
CA TRP B 187 -28.89 -2.00 -33.34
C TRP B 187 -30.33 -2.50 -33.22
N LEU B 188 -31.28 -1.57 -33.25
CA LEU B 188 -32.70 -1.88 -33.09
C LEU B 188 -33.48 -1.95 -34.38
N GLU B 189 -32.86 -1.56 -35.50
CA GLU B 189 -33.57 -1.47 -36.80
C GLU B 189 -34.35 -2.70 -37.24
N MET B 190 -33.83 -3.89 -36.92
CA MET B 190 -34.55 -5.15 -37.20
C MET B 190 -35.14 -5.78 -35.95
N GLY B 191 -35.13 -5.04 -34.85
CA GLY B 191 -35.59 -5.54 -33.56
C GLY B 191 -34.47 -6.22 -32.80
N ASN B 192 -34.59 -6.22 -31.47
CA ASN B 192 -33.65 -6.91 -30.59
C ASN B 192 -34.20 -8.31 -30.21
N PRO B 193 -33.58 -9.40 -30.73
CA PRO B 193 -34.15 -10.73 -30.43
C PRO B 193 -34.06 -11.13 -28.96
N TRP B 194 -33.16 -10.46 -28.22
CA TRP B 194 -32.91 -10.76 -26.82
C TRP B 194 -33.80 -10.02 -25.84
N GLU B 195 -34.98 -9.57 -26.28
CA GLU B 195 -35.85 -8.83 -25.36
C GLU B 195 -37.30 -9.22 -25.44
N ILE B 196 -38.04 -8.84 -24.41
CA ILE B 196 -39.47 -9.11 -24.30
C ILE B 196 -40.18 -7.87 -23.81
N VAL B 197 -41.04 -7.32 -24.65
CA VAL B 197 -41.78 -6.13 -24.29
C VAL B 197 -42.83 -6.59 -23.31
N ARG B 198 -43.02 -5.83 -22.23
CA ARG B 198 -44.09 -6.15 -21.28
C ARG B 198 -45.18 -5.09 -21.38
N ASN B 199 -46.16 -5.38 -22.23
CA ASN B 199 -47.22 -4.41 -22.54
C ASN B 199 -48.11 -4.08 -21.33
N ASP B 200 -48.35 -5.04 -20.44
CA ASP B 200 -49.06 -4.74 -19.19
C ASP B 200 -48.21 -3.94 -18.19
N VAL B 201 -46.90 -3.85 -18.44
CA VAL B 201 -46.02 -3.09 -17.58
C VAL B 201 -45.79 -1.72 -18.19
N SER B 202 -46.63 -0.77 -17.79
CA SER B 202 -46.57 0.60 -18.25
C SER B 202 -46.80 1.48 -17.04
N TYR B 203 -45.95 2.50 -16.85
CA TYR B 203 -46.13 3.44 -15.74
C TYR B 203 -46.14 4.90 -16.22
N PRO B 204 -47.05 5.73 -15.67
CA PRO B 204 -46.99 7.17 -15.97
C PRO B 204 -45.79 7.87 -15.32
N VAL B 205 -45.16 8.76 -16.07
CA VAL B 205 -44.11 9.62 -15.56
C VAL B 205 -44.53 11.02 -15.95
N LYS B 206 -44.31 11.98 -15.06
CA LYS B 206 -44.85 13.32 -15.23
C LYS B 206 -43.74 14.37 -15.13
N PHE B 207 -43.82 15.38 -15.99
CA PHE B 207 -42.87 16.49 -15.95
C PHE B 207 -43.61 17.80 -15.78
N TYR B 208 -42.92 18.80 -15.25
CA TYR B 208 -43.47 20.14 -14.97
C TYR B 208 -44.67 20.03 -14.03
N GLY B 209 -45.73 20.79 -14.28
CA GLY B 209 -46.94 20.76 -13.45
C GLY B 209 -46.75 21.64 -12.25
N LYS B 210 -47.66 21.56 -11.27
CA LYS B 210 -47.56 22.31 -10.03
C LYS B 210 -48.09 21.55 -8.83
N VAL B 211 -47.68 21.97 -7.65
CA VAL B 211 -48.14 21.32 -6.43
C VAL B 211 -49.25 22.16 -5.84
N VAL B 212 -50.36 21.53 -5.51
CA VAL B 212 -51.42 22.19 -4.77
C VAL B 212 -51.76 21.31 -3.58
N GLU B 213 -52.11 21.95 -2.47
CA GLU B 213 -52.46 21.21 -1.28
C GLU B 213 -53.98 21.05 -1.28
N GLY B 214 -54.42 19.79 -1.32
CA GLY B 214 -55.84 19.47 -1.33
C GLY B 214 -56.34 19.24 0.08
N THR B 215 -57.22 20.11 0.53
CA THR B 215 -57.83 20.03 1.86
C THR B 215 -57.89 18.58 2.35
N ASP B 216 -57.07 18.27 3.35
CA ASP B 216 -56.65 16.90 3.68
C ASP B 216 -55.15 16.98 3.93
N GLY B 217 -54.69 18.21 4.16
CA GLY B 217 -53.28 18.53 4.24
C GLY B 217 -52.47 17.89 3.15
N ARG B 218 -53.15 17.26 2.19
CA ARG B 218 -52.46 16.33 1.34
C ARG B 218 -51.95 17.00 0.09
N LYS B 219 -50.66 16.80 -0.17
CA LYS B 219 -49.98 17.37 -1.33
C LYS B 219 -50.36 16.62 -2.59
N HIS B 220 -50.57 17.36 -3.68
CA HIS B 220 -50.98 16.76 -4.95
C HIS B 220 -50.24 17.41 -6.12
N TRP B 221 -49.49 16.59 -6.86
CA TRP B 221 -48.75 17.08 -8.00
C TRP B 221 -49.62 16.87 -9.24
N ILE B 222 -50.04 17.99 -9.84
CA ILE B 222 -50.93 17.96 -11.00
C ILE B 222 -50.38 18.79 -12.15
N GLY B 223 -51.00 18.65 -13.33
CA GLY B 223 -50.60 19.40 -14.52
C GLY B 223 -49.40 18.79 -15.23
N GLY B 224 -48.76 19.60 -16.06
CA GLY B 224 -47.52 19.23 -16.75
C GLY B 224 -47.63 18.24 -17.91
N GLU B 225 -46.48 17.87 -18.48
CA GLU B 225 -46.39 16.77 -19.46
C GLU B 225 -46.63 15.45 -18.75
N ASN B 226 -47.31 14.53 -19.42
CA ASN B 226 -47.39 13.13 -18.98
C ASN B 226 -46.94 12.17 -20.09
N ILE B 227 -46.00 11.28 -19.77
CA ILE B 227 -45.55 10.25 -20.70
C ILE B 227 -45.78 8.88 -20.08
N LYS B 228 -45.45 7.82 -20.81
CA LYS B 228 -45.57 6.47 -20.32
C LYS B 228 -44.23 5.82 -20.48
N ALA B 229 -43.82 5.05 -19.48
CA ALA B 229 -42.62 4.24 -19.56
C ALA B 229 -43.04 2.79 -19.68
N VAL B 230 -42.68 2.14 -20.80
CA VAL B 230 -43.04 0.73 -21.03
C VAL B 230 -41.83 -0.16 -20.82
N ALA B 231 -42.04 -1.33 -20.22
CA ALA B 231 -40.93 -2.21 -19.90
C ALA B 231 -40.53 -3.11 -21.08
N HIS B 232 -39.23 -3.18 -21.31
CA HIS B 232 -38.64 -4.16 -22.22
C HIS B 232 -37.61 -4.95 -21.42
N ASP B 233 -37.86 -6.25 -21.23
CA ASP B 233 -37.01 -7.11 -20.39
C ASP B 233 -35.90 -7.75 -21.18
N VAL B 234 -34.70 -7.78 -20.58
CA VAL B 234 -33.57 -8.58 -21.08
C VAL B 234 -33.07 -9.54 -20.00
N PRO B 235 -33.40 -10.85 -20.14
CA PRO B 235 -32.99 -11.91 -19.24
C PRO B 235 -31.51 -11.99 -19.12
N ILE B 236 -30.99 -12.24 -17.92
CA ILE B 236 -29.55 -12.48 -17.71
C ILE B 236 -29.36 -13.93 -17.30
N PRO B 237 -28.95 -14.79 -18.25
CA PRO B 237 -28.66 -16.17 -17.88
C PRO B 237 -27.40 -16.27 -17.02
N GLY B 238 -27.52 -16.92 -15.87
CA GLY B 238 -26.37 -17.22 -15.01
C GLY B 238 -25.65 -18.46 -15.53
N TYR B 239 -24.42 -18.65 -15.05
CA TYR B 239 -23.59 -19.79 -15.46
C TYR B 239 -23.82 -21.02 -14.59
N LYS B 240 -24.13 -22.14 -15.25
CA LYS B 240 -24.40 -23.39 -14.55
C LYS B 240 -25.36 -23.13 -13.41
N THR B 241 -26.50 -22.57 -13.78
CA THR B 241 -27.59 -22.34 -12.86
C THR B 241 -28.84 -22.03 -13.69
N LYS B 242 -29.99 -22.39 -13.16
CA LYS B 242 -31.25 -22.09 -13.81
C LYS B 242 -31.72 -20.70 -13.43
N THR B 243 -31.06 -20.07 -12.46
CA THR B 243 -31.37 -18.69 -12.12
C THR B 243 -31.16 -17.79 -13.34
N THR B 244 -32.22 -17.09 -13.74
CA THR B 244 -32.14 -16.12 -14.82
C THR B 244 -32.79 -14.81 -14.38
N ASN B 245 -31.94 -13.86 -14.00
CA ASN B 245 -32.38 -12.54 -13.54
C ASN B 245 -32.78 -11.63 -14.72
N ASN B 246 -32.96 -10.34 -14.46
CA ASN B 246 -33.56 -9.47 -15.45
C ASN B 246 -32.92 -8.09 -15.54
N LEU B 247 -32.85 -7.57 -16.77
CA LEU B 247 -32.54 -6.17 -16.99
C LEU B 247 -33.78 -5.51 -17.58
N ARG B 248 -34.50 -4.77 -16.73
CA ARG B 248 -35.70 -4.07 -17.17
C ARG B 248 -35.30 -2.74 -17.81
N LEU B 249 -35.68 -2.54 -19.06
CA LEU B 249 -35.32 -1.34 -19.81
C LEU B 249 -36.55 -0.55 -20.23
N TRP B 250 -36.57 0.72 -19.83
CA TRP B 250 -37.73 1.57 -20.07
C TRP B 250 -37.65 2.21 -21.43
N SER B 251 -38.74 2.12 -22.17
CA SER B 251 -38.93 2.84 -23.43
C SER B 251 -40.04 3.85 -23.25
N THR B 252 -39.74 5.13 -23.49
CA THR B 252 -40.68 6.22 -23.26
C THR B 252 -41.54 6.52 -24.49
N THR B 253 -42.82 6.81 -24.29
CA THR B 253 -43.75 7.01 -25.39
C THR B 253 -45.05 7.69 -24.92
N VAL B 254 -45.98 7.91 -25.84
CA VAL B 254 -47.31 8.43 -25.52
C VAL B 254 -48.37 7.63 -26.28
N PRO B 255 -49.63 7.68 -25.81
CA PRO B 255 -50.71 6.98 -26.50
C PRO B 255 -51.04 7.61 -27.84
N SER B 256 -51.41 6.79 -28.83
CA SER B 256 -51.63 7.30 -30.18
C SER B 256 -52.60 8.45 -30.17
N GLN B 257 -53.54 8.46 -29.22
CA GLN B 257 -54.50 9.56 -29.09
C GLN B 257 -53.85 10.92 -28.83
N ASN B 258 -52.58 10.93 -28.46
CA ASN B 258 -51.84 12.17 -28.28
C ASN B 258 -51.29 12.73 -29.58
N PHE B 259 -51.51 12.02 -30.69
CA PHE B 259 -51.17 12.50 -32.03
C PHE B 259 -52.24 13.48 -32.51
N ASP B 260 -51.82 14.63 -33.03
CA ASP B 260 -52.74 15.73 -33.33
C ASP B 260 -53.14 15.73 -34.80
N LEU B 261 -54.28 15.10 -35.10
CA LEU B 261 -54.74 14.97 -36.46
C LEU B 261 -55.16 16.30 -37.08
N GLY B 262 -55.63 17.21 -36.26
CA GLY B 262 -55.95 18.57 -36.72
C GLY B 262 -54.72 19.26 -37.24
N ALA B 263 -53.65 19.18 -36.47
CA ALA B 263 -52.36 19.72 -36.87
C ALA B 263 -51.90 19.09 -38.18
N PHE B 264 -51.96 17.75 -38.21
CA PHE B 264 -51.51 16.98 -39.38
C PHE B 264 -52.27 17.30 -40.66
N ASN B 265 -53.60 17.38 -40.54
CA ASN B 265 -54.47 17.57 -41.68
C ASN B 265 -54.47 19.00 -42.16
N ALA B 266 -54.00 19.91 -41.31
CA ALA B 266 -53.84 21.30 -41.73
C ALA B 266 -52.48 21.51 -42.41
N GLY B 267 -51.64 20.49 -42.43
CA GLY B 267 -50.35 20.58 -43.11
C GLY B 267 -49.16 20.56 -42.17
N ASP B 268 -49.40 20.88 -40.89
CA ASP B 268 -48.33 20.92 -39.90
C ASP B 268 -48.08 19.54 -39.30
N HIS B 269 -47.38 18.71 -40.07
CA HIS B 269 -47.15 17.32 -39.70
C HIS B 269 -46.19 17.18 -38.54
N ALA B 270 -45.30 18.17 -38.36
CA ALA B 270 -44.32 18.10 -37.28
C ALA B 270 -44.98 18.41 -35.96
N LYS B 271 -45.88 19.39 -35.99
CA LYS B 271 -46.63 19.76 -34.81
C LYS B 271 -47.53 18.61 -34.40
N ALA B 272 -48.08 17.92 -35.39
CA ALA B 272 -48.92 16.78 -35.09
C ALA B 272 -48.15 15.70 -34.38
N ASN B 273 -46.83 15.71 -34.53
CA ASN B 273 -45.94 14.67 -34.02
C ASN B 273 -45.18 15.04 -32.74
N GLU B 274 -45.18 16.33 -32.44
CA GLU B 274 -44.53 16.93 -31.28
C GLU B 274 -44.59 16.11 -30.01
N ALA B 275 -45.79 15.69 -29.60
CA ALA B 275 -45.94 14.97 -28.33
C ALA B 275 -45.22 13.63 -28.32
N HIS B 276 -45.33 12.88 -29.42
CA HIS B 276 -44.55 11.66 -29.58
C HIS B 276 -43.04 11.92 -29.61
N LEU B 277 -42.60 12.95 -30.33
CA LEU B 277 -41.17 13.28 -30.33
C LEU B 277 -40.68 13.54 -28.89
N ASN B 278 -41.41 14.35 -28.13
CA ASN B 278 -40.95 14.73 -26.80
C ASN B 278 -40.93 13.58 -25.81
N ALA B 279 -41.81 12.61 -26.00
CA ALA B 279 -41.76 11.42 -25.17
C ALA B 279 -40.57 10.60 -25.61
N GLU B 280 -40.52 10.29 -26.90
CA GLU B 280 -39.61 9.29 -27.44
C GLU B 280 -38.13 9.68 -27.38
N LYS B 281 -37.86 10.99 -27.49
CA LYS B 281 -36.50 11.50 -27.56
C LYS B 281 -35.72 11.25 -26.29
N ILE B 282 -36.44 11.08 -25.18
CA ILE B 282 -35.84 10.67 -23.92
C ILE B 282 -34.97 9.42 -24.11
N CYS B 283 -35.37 8.53 -25.02
CA CYS B 283 -34.66 7.27 -25.23
C CYS B 283 -33.81 7.22 -26.49
N HIS B 284 -33.52 8.36 -27.10
CA HIS B 284 -32.75 8.35 -28.35
C HIS B 284 -31.25 8.23 -28.11
N VAL B 285 -30.73 9.10 -27.25
CA VAL B 285 -29.29 9.24 -27.14
C VAL B 285 -28.81 9.13 -25.70
N LEU B 286 -27.78 8.31 -25.50
CA LEU B 286 -27.12 8.15 -24.21
C LEU B 286 -26.26 9.37 -23.88
N TYR B 287 -26.45 9.90 -22.68
CA TYR B 287 -25.79 11.14 -22.23
C TYR B 287 -25.85 12.21 -23.31
N PRO B 288 -27.06 12.66 -23.67
CA PRO B 288 -27.14 13.68 -24.69
C PRO B 288 -26.33 14.90 -24.31
N GLY B 289 -25.86 15.64 -25.30
CA GLY B 289 -25.14 16.88 -25.05
C GLY B 289 -26.03 17.82 -24.27
N ASP B 290 -25.44 18.49 -23.26
CA ASP B 290 -26.21 19.27 -22.31
C ASP B 290 -25.67 20.69 -22.05
N GLU B 291 -24.96 21.27 -23.01
CA GLU B 291 -24.52 22.67 -22.94
C GLU B 291 -25.66 23.65 -23.21
N SER B 292 -26.83 23.12 -23.58
CA SER B 292 -28.04 23.90 -23.82
C SER B 292 -29.06 23.59 -22.75
N SER B 293 -29.88 24.57 -22.40
CA SER B 293 -30.93 24.33 -21.41
C SER B 293 -31.86 23.21 -21.89
N GLU B 294 -32.03 23.13 -23.21
CA GLU B 294 -32.87 22.07 -23.78
CA GLU B 294 -32.83 22.09 -23.85
C GLU B 294 -32.24 20.69 -23.62
N GLY B 295 -30.91 20.62 -23.71
CA GLY B 295 -30.16 19.38 -23.50
C GLY B 295 -30.05 18.96 -22.05
N LYS B 296 -30.01 19.92 -21.14
CA LYS B 296 -30.05 19.64 -19.70
C LYS B 296 -31.40 19.11 -19.29
N ILE B 297 -32.47 19.79 -19.69
CA ILE B 297 -33.82 19.36 -19.34
C ILE B 297 -33.99 17.90 -19.71
N LEU B 298 -33.49 17.53 -20.90
CA LEU B 298 -33.57 16.16 -21.43
C LEU B 298 -32.72 15.23 -20.60
N ARG B 299 -31.51 15.67 -20.28
CA ARG B 299 -30.63 14.93 -19.42
C ARG B 299 -31.38 14.57 -18.11
N LEU B 300 -32.14 15.54 -17.60
CA LEU B 300 -32.84 15.45 -16.32
C LEU B 300 -34.12 14.61 -16.40
N LYS B 301 -34.80 14.70 -17.54
CA LYS B 301 -35.98 13.88 -17.82
C LYS B 301 -35.59 12.41 -17.92
N GLN B 302 -34.49 12.15 -18.60
CA GLN B 302 -33.96 10.80 -18.67
C GLN B 302 -33.79 10.20 -17.28
N GLN B 303 -33.13 10.98 -16.42
CA GLN B 303 -32.84 10.57 -15.05
C GLN B 303 -34.13 10.34 -14.25
N TYR B 304 -35.05 11.30 -14.27
CA TYR B 304 -36.31 11.15 -13.53
C TYR B 304 -37.16 9.96 -14.02
N THR B 305 -37.18 9.76 -15.33
CA THR B 305 -37.89 8.64 -15.93
C THR B 305 -37.39 7.33 -15.36
N LEU B 306 -36.06 7.13 -15.42
CA LEU B 306 -35.42 5.94 -14.89
C LEU B 306 -35.85 5.70 -13.46
N CYS B 307 -35.73 6.74 -12.65
CA CYS B 307 -36.03 6.67 -11.22
C CYS B 307 -37.49 6.36 -10.98
N SER B 308 -38.35 7.23 -11.51
CA SER B 308 -39.79 7.17 -11.21
C SER B 308 -40.42 5.89 -11.72
N ALA B 309 -40.10 5.52 -12.95
CA ALA B 309 -40.57 4.28 -13.55
C ALA B 309 -40.09 3.07 -12.73
N SER B 310 -38.80 3.02 -12.44
CA SER B 310 -38.26 1.90 -11.68
C SER B 310 -38.86 1.74 -10.28
N LEU B 311 -38.94 2.83 -9.51
CA LEU B 311 -39.48 2.73 -8.14
C LEU B 311 -40.97 2.43 -8.17
N GLN B 312 -41.71 3.06 -9.08
CA GLN B 312 -43.11 2.71 -9.26
C GLN B 312 -43.25 1.20 -9.42
N ASP B 313 -42.37 0.62 -10.22
CA ASP B 313 -42.36 -0.82 -10.47
C ASP B 313 -42.00 -1.66 -9.22
N ILE B 314 -41.00 -1.19 -8.49
CA ILE B 314 -40.52 -1.86 -7.28
C ILE B 314 -41.62 -1.84 -6.21
N ILE B 315 -42.15 -0.65 -5.97
CA ILE B 315 -43.28 -0.47 -5.08
C ILE B 315 -44.37 -1.48 -5.44
N SER B 316 -44.66 -1.57 -6.74
CA SER B 316 -45.75 -2.43 -7.23
C SER B 316 -45.56 -3.89 -6.86
N ARG B 317 -44.33 -4.39 -7.04
CA ARG B 317 -44.04 -5.80 -6.78
C ARG B 317 -43.98 -6.11 -5.29
N PHE B 318 -43.56 -5.12 -4.49
CA PHE B 318 -43.56 -5.24 -3.03
C PHE B 318 -44.99 -5.51 -2.53
N GLU B 319 -45.91 -4.65 -2.94
CA GLU B 319 -47.31 -4.77 -2.52
C GLU B 319 -47.88 -6.10 -2.93
N SER B 320 -47.71 -6.46 -4.20
CA SER B 320 -48.36 -7.65 -4.74
C SER B 320 -47.86 -8.91 -4.04
N ARG B 321 -46.57 -8.94 -3.68
CA ARG B 321 -46.02 -10.07 -2.94
C ARG B 321 -46.49 -10.12 -1.48
N ALA B 322 -46.62 -8.96 -0.84
CA ALA B 322 -47.01 -8.89 0.58
C ALA B 322 -48.46 -9.31 0.84
N GLY B 323 -49.34 -8.97 -0.11
CA GLY B 323 -50.75 -9.34 -0.02
C GLY B 323 -51.49 -8.63 1.10
N ASP B 324 -52.24 -9.40 1.89
CA ASP B 324 -53.00 -8.85 3.01
C ASP B 324 -52.11 -8.18 4.05
N SER B 325 -51.09 -8.90 4.51
CA SER B 325 -50.16 -8.38 5.50
C SER B 325 -49.18 -7.39 4.87
N LEU B 326 -49.54 -6.10 4.86
CA LEU B 326 -48.75 -5.09 4.17
C LEU B 326 -48.23 -4.01 5.12
N ASN B 327 -46.99 -4.15 5.56
CA ASN B 327 -46.37 -3.19 6.47
C ASN B 327 -45.20 -2.51 5.81
N TRP B 328 -45.30 -1.19 5.65
CA TRP B 328 -44.25 -0.43 4.98
C TRP B 328 -42.98 -0.34 5.81
N GLU B 329 -43.08 -0.57 7.13
CA GLU B 329 -41.88 -0.66 7.95
C GLU B 329 -40.96 -1.76 7.40
N ASP B 330 -41.55 -2.74 6.71
CA ASP B 330 -40.80 -3.84 6.11
C ASP B 330 -40.17 -3.54 4.76
N PHE B 331 -40.39 -2.35 4.21
CA PHE B 331 -39.91 -2.05 2.87
C PHE B 331 -38.39 -2.22 2.75
N PRO B 332 -37.61 -1.60 3.65
CA PRO B 332 -36.17 -1.77 3.52
C PRO B 332 -35.66 -3.17 3.84
N SER B 333 -36.48 -4.01 4.48
CA SER B 333 -36.09 -5.39 4.72
C SER B 333 -36.36 -6.27 3.49
N LYS B 334 -37.13 -5.75 2.53
CA LYS B 334 -37.44 -6.47 1.29
C LYS B 334 -36.89 -5.80 0.03
N VAL B 335 -36.44 -4.55 0.15
CA VAL B 335 -35.97 -3.81 -0.99
C VAL B 335 -34.61 -3.16 -0.68
N ALA B 336 -33.68 -3.30 -1.62
CA ALA B 336 -32.41 -2.58 -1.63
C ALA B 336 -32.23 -1.98 -3.02
N VAL B 337 -32.20 -0.65 -3.08
CA VAL B 337 -32.03 0.07 -4.35
C VAL B 337 -30.65 0.69 -4.39
N GLN B 338 -29.92 0.49 -5.49
CA GLN B 338 -28.52 0.95 -5.59
C GLN B 338 -28.34 1.99 -6.68
N MET B 339 -28.02 3.21 -6.27
CA MET B 339 -27.74 4.29 -7.20
C MET B 339 -26.30 4.22 -7.66
N ASN B 340 -26.13 3.87 -8.93
CA ASN B 340 -24.84 3.88 -9.55
C ASN B 340 -24.48 5.30 -10.03
N ASP B 341 -23.53 5.94 -9.34
CA ASP B 341 -23.19 7.36 -9.56
C ASP B 341 -24.40 8.29 -9.32
N THR B 342 -24.31 9.57 -9.65
CA THR B 342 -25.37 10.54 -9.29
C THR B 342 -26.55 10.63 -10.25
N HIS B 343 -26.50 9.95 -11.39
CA HIS B 343 -27.59 10.04 -12.35
C HIS B 343 -28.97 9.66 -11.72
N PRO B 344 -29.03 8.54 -10.96
CA PRO B 344 -30.31 8.15 -10.33
C PRO B 344 -30.61 8.71 -8.93
N THR B 345 -30.00 9.85 -8.56
CA THR B 345 -30.22 10.50 -7.24
C THR B 345 -31.69 10.77 -6.90
N LEU B 346 -32.48 11.09 -7.91
CA LEU B 346 -33.89 11.37 -7.74
C LEU B 346 -34.67 10.18 -7.18
N CYS B 347 -34.10 8.97 -7.23
CA CYS B 347 -34.65 7.85 -6.47
C CYS B 347 -35.05 8.29 -5.05
N ILE B 348 -34.15 9.03 -4.40
CA ILE B 348 -34.34 9.45 -3.01
C ILE B 348 -35.64 10.23 -2.85
N PRO B 349 -35.72 11.46 -3.39
CA PRO B 349 -36.94 12.23 -3.18
C PRO B 349 -38.16 11.61 -3.84
N GLU B 350 -37.95 10.83 -4.91
CA GLU B 350 -39.04 10.11 -5.56
C GLU B 350 -39.64 9.07 -4.63
N LEU B 351 -38.80 8.32 -3.95
CA LEU B 351 -39.29 7.37 -2.98
C LEU B 351 -40.14 8.10 -1.93
N MET B 352 -39.63 9.24 -1.43
CA MET B 352 -40.37 10.05 -0.45
C MET B 352 -41.73 10.47 -0.98
N ARG B 353 -41.75 11.02 -2.19
CA ARG B 353 -42.98 11.47 -2.83
C ARG B 353 -44.03 10.37 -2.80
N ILE B 354 -43.66 9.19 -3.27
CA ILE B 354 -44.59 8.07 -3.38
C ILE B 354 -45.08 7.61 -2.01
N LEU B 355 -44.17 7.34 -1.09
CA LEU B 355 -44.55 6.84 0.23
C LEU B 355 -45.49 7.83 0.93
N MET B 356 -45.17 9.11 0.83
CA MET B 356 -45.99 10.17 1.42
C MET B 356 -47.28 10.42 0.66
N ASP B 357 -47.18 10.92 -0.57
CA ASP B 357 -48.35 11.38 -1.30
C ASP B 357 -49.29 10.26 -1.76
N ILE B 358 -48.74 9.08 -2.02
CA ILE B 358 -49.53 8.00 -2.63
C ILE B 358 -49.92 6.93 -1.63
N LYS B 359 -49.04 6.63 -0.68
CA LYS B 359 -49.33 5.59 0.30
C LYS B 359 -49.76 6.17 1.64
N GLY B 360 -49.45 7.44 1.88
CA GLY B 360 -49.95 8.14 3.06
C GLY B 360 -49.05 8.12 4.28
N LEU B 361 -47.78 7.80 4.11
CA LEU B 361 -46.85 7.79 5.23
C LEU B 361 -46.41 9.21 5.62
N SER B 362 -46.10 9.39 6.91
CA SER B 362 -45.57 10.64 7.43
C SER B 362 -44.12 10.80 6.98
N TRP B 363 -43.54 11.98 7.23
CA TRP B 363 -42.18 12.29 6.78
C TRP B 363 -41.15 11.34 7.36
N ASN B 364 -41.16 11.17 8.67
CA ASN B 364 -40.17 10.35 9.36
C ASN B 364 -40.28 8.87 9.05
N GLU B 365 -41.51 8.39 8.87
CA GLU B 365 -41.77 7.01 8.46
C GLU B 365 -41.20 6.80 7.06
N ALA B 366 -41.46 7.74 6.17
CA ALA B 366 -40.98 7.66 4.80
C ALA B 366 -39.47 7.80 4.73
N TRP B 367 -38.92 8.78 5.43
CA TRP B 367 -37.48 9.02 5.45
C TRP B 367 -36.71 7.85 6.04
N SER B 368 -37.20 7.30 7.15
CA SER B 368 -36.59 6.12 7.78
C SER B 368 -36.48 4.98 6.80
N ILE B 369 -37.58 4.72 6.10
CA ILE B 369 -37.65 3.70 5.06
C ILE B 369 -36.72 4.02 3.90
N THR B 370 -36.68 5.29 3.51
CA THR B 370 -35.85 5.75 2.39
C THR B 370 -34.38 5.55 2.72
N GLU B 371 -33.96 6.11 3.84
CA GLU B 371 -32.58 6.06 4.29
C GLU B 371 -32.02 4.62 4.26
N ARG B 372 -32.85 3.66 4.64
CA ARG B 372 -32.43 2.25 4.74
C ARG B 372 -32.64 1.41 3.47
N THR B 373 -33.27 1.99 2.46
CA THR B 373 -33.48 1.30 1.18
C THR B 373 -32.38 1.62 0.16
N VAL B 374 -31.92 2.87 0.18
CA VAL B 374 -31.06 3.41 -0.86
C VAL B 374 -29.59 3.33 -0.46
N ALA B 375 -28.72 3.12 -1.43
CA ALA B 375 -27.27 3.21 -1.22
C ALA B 375 -26.61 3.78 -2.47
N TYR B 376 -25.48 4.46 -2.29
CA TYR B 376 -24.82 5.20 -3.36
C TYR B 376 -23.43 4.64 -3.66
N THR B 377 -23.19 4.27 -4.90
CA THR B 377 -21.83 3.92 -5.35
C THR B 377 -21.27 5.10 -6.16
N ASN B 378 -20.09 5.58 -5.80
CA ASN B 378 -19.40 6.64 -6.53
C ASN B 378 -18.32 6.06 -7.46
N HIS B 379 -18.29 6.49 -8.72
CA HIS B 379 -17.42 5.87 -9.75
C HIS B 379 -16.31 6.72 -10.33
N THR B 380 -16.34 8.01 -10.09
CA THR B 380 -15.21 8.88 -10.39
C THR B 380 -15.28 10.09 -9.49
N VAL B 381 -14.11 10.73 -9.34
CA VAL B 381 -14.00 12.01 -8.66
C VAL B 381 -13.92 13.14 -9.73
N LEU B 382 -14.41 12.81 -10.95
CA LEU B 382 -14.48 13.77 -12.07
C LEU B 382 -15.78 14.58 -11.99
N PRO B 383 -15.75 15.86 -12.45
CA PRO B 383 -16.89 16.77 -12.25
C PRO B 383 -18.18 16.32 -12.98
N GLU B 384 -18.01 15.90 -14.23
CA GLU B 384 -19.15 15.53 -15.09
CA GLU B 384 -19.14 15.49 -15.09
C GLU B 384 -19.96 14.40 -14.41
N ALA B 385 -19.29 13.59 -13.60
CA ALA B 385 -19.88 12.46 -12.88
C ALA B 385 -20.69 12.84 -11.63
N LEU B 386 -20.23 13.84 -10.87
CA LEU B 386 -20.97 14.30 -9.68
C LEU B 386 -21.66 15.65 -9.90
N GLU B 387 -22.94 15.55 -10.27
CA GLU B 387 -23.66 16.64 -10.90
C GLU B 387 -24.14 17.70 -9.94
N LYS B 388 -24.21 18.90 -10.47
CA LYS B 388 -24.89 20.02 -9.84
C LYS B 388 -25.90 20.49 -10.88
N TRP B 389 -27.12 20.80 -10.44
CA TRP B 389 -28.16 21.30 -11.34
C TRP B 389 -28.55 22.70 -10.92
N SER B 390 -28.95 23.52 -11.90
CA SER B 390 -29.63 24.77 -11.61
C SER B 390 -30.93 24.44 -10.88
N LEU B 391 -31.16 25.13 -9.76
CA LEU B 391 -32.41 24.97 -9.03
C LEU B 391 -33.59 25.44 -9.86
N ASP B 392 -33.43 26.54 -10.60
CA ASP B 392 -34.50 27.07 -11.45
C ASP B 392 -34.99 26.05 -12.47
N ILE B 393 -34.05 25.42 -13.16
CA ILE B 393 -34.41 24.39 -14.13
C ILE B 393 -35.15 23.27 -13.43
N MET B 394 -34.64 22.84 -12.28
CA MET B 394 -35.25 21.71 -11.59
C MET B 394 -36.59 22.05 -10.91
N GLN B 395 -36.69 23.27 -10.36
CA GLN B 395 -37.93 23.76 -9.73
C GLN B 395 -39.05 23.81 -10.76
N LYS B 396 -38.71 24.17 -11.99
CA LYS B 396 -39.66 24.26 -13.10
C LYS B 396 -40.11 22.86 -13.54
N LEU B 397 -39.17 21.93 -13.65
CA LEU B 397 -39.45 20.59 -14.15
C LEU B 397 -40.06 19.66 -13.10
N LEU B 398 -39.55 19.73 -11.89
CA LEU B 398 -40.00 18.86 -10.80
C LEU B 398 -40.28 19.66 -9.52
N PRO B 399 -41.36 20.45 -9.51
CA PRO B 399 -41.60 21.33 -8.35
C PRO B 399 -41.81 20.61 -7.01
N ARG B 400 -42.49 19.46 -7.06
CA ARG B 400 -42.77 18.66 -5.87
C ARG B 400 -41.50 18.07 -5.24
N HIS B 401 -40.56 17.66 -6.08
CA HIS B 401 -39.31 17.08 -5.59
C HIS B 401 -38.41 18.12 -4.96
N VAL B 402 -38.50 19.36 -5.42
CA VAL B 402 -37.69 20.44 -4.85
C VAL B 402 -38.21 20.82 -3.47
N GLU B 403 -39.53 20.89 -3.30
CA GLU B 403 -40.12 21.02 -1.99
C GLU B 403 -39.49 19.99 -1.05
N ILE B 404 -39.46 18.73 -1.49
CA ILE B 404 -38.96 17.63 -0.66
C ILE B 404 -37.47 17.80 -0.35
N ILE B 405 -36.68 18.12 -1.37
CA ILE B 405 -35.25 18.34 -1.18
C ILE B 405 -34.98 19.53 -0.26
N GLU B 406 -35.80 20.57 -0.34
CA GLU B 406 -35.67 21.70 0.59
C GLU B 406 -35.80 21.23 2.05
N THR B 407 -36.82 20.40 2.27
CA THR B 407 -37.12 19.84 3.59
C THR B 407 -35.95 18.96 4.07
N ILE B 408 -35.43 18.12 3.17
CA ILE B 408 -34.28 17.27 3.48
C ILE B 408 -33.10 18.14 3.90
N ASP B 409 -32.89 19.23 3.18
CA ASP B 409 -31.76 20.12 3.43
C ASP B 409 -31.95 20.87 4.74
N GLU B 410 -33.19 21.21 5.08
CA GLU B 410 -33.47 21.81 6.38
C GLU B 410 -33.06 20.81 7.48
N GLU B 411 -33.49 19.56 7.32
CA GLU B 411 -33.13 18.49 8.24
C GLU B 411 -31.62 18.36 8.38
N LEU B 412 -30.95 18.13 7.25
CA LEU B 412 -29.51 17.96 7.23
C LEU B 412 -28.80 19.02 8.06
N MET B 413 -29.26 20.26 7.96
CA MET B 413 -28.63 21.38 8.62
C MET B 413 -28.90 21.42 10.11
N ASN B 414 -30.10 20.97 10.51
CA ASN B 414 -30.41 20.80 11.93
C ASN B 414 -29.57 19.71 12.59
N ASN B 415 -29.24 18.68 11.82
CA ASN B 415 -28.34 17.62 12.27
C ASN B 415 -26.89 18.10 12.39
N ILE B 416 -26.49 18.98 11.47
CA ILE B 416 -25.19 19.63 11.54
C ILE B 416 -25.11 20.54 12.76
N VAL B 417 -26.18 21.32 12.99
CA VAL B 417 -26.26 22.18 14.17
C VAL B 417 -26.12 21.37 15.47
N SER B 418 -26.89 20.29 15.55
CA SER B 418 -26.87 19.40 16.72
C SER B 418 -25.50 18.80 17.00
N LYS B 419 -24.67 18.67 15.97
CA LYS B 419 -23.39 17.97 16.09
C LYS B 419 -22.14 18.86 16.15
N TYR B 420 -22.30 20.18 16.20
CA TYR B 420 -21.12 21.05 16.04
C TYR B 420 -21.07 22.32 16.88
N GLY B 421 -21.90 23.30 16.51
CA GLY B 421 -21.66 24.68 16.90
C GLY B 421 -22.77 25.41 17.64
N THR B 422 -22.98 26.66 17.23
CA THR B 422 -23.52 27.76 18.05
C THR B 422 -22.37 28.30 18.90
N ALA B 423 -21.66 27.39 19.58
CA ALA B 423 -20.43 27.71 20.30
C ALA B 423 -19.40 28.31 19.35
N ASP B 424 -18.80 27.48 18.51
CA ASP B 424 -18.08 27.99 17.36
C ASP B 424 -19.15 28.25 16.29
N ILE B 425 -18.86 29.14 15.34
CA ILE B 425 -19.77 29.37 14.19
C ILE B 425 -19.04 29.41 12.85
N SER B 426 -18.01 30.23 12.75
CA SER B 426 -17.27 30.29 11.49
C SER B 426 -16.94 28.87 11.08
N LEU B 427 -16.71 28.00 12.06
CA LEU B 427 -16.58 26.57 11.80
C LEU B 427 -17.89 25.98 11.27
N LEU B 428 -18.99 26.22 11.98
CA LEU B 428 -20.31 25.73 11.57
C LEU B 428 -20.67 26.20 10.16
N LYS B 429 -20.32 27.44 9.86
CA LYS B 429 -20.44 28.03 8.53
C LYS B 429 -19.75 27.19 7.45
N GLN B 430 -18.55 26.72 7.78
CA GLN B 430 -17.74 25.86 6.92
C GLN B 430 -18.39 24.49 6.74
N LYS B 431 -18.83 23.90 7.85
CA LYS B 431 -19.53 22.62 7.85
C LYS B 431 -20.80 22.69 7.00
N LEU B 432 -21.52 23.81 7.09
CA LEU B 432 -22.78 23.98 6.35
C LEU B 432 -22.57 24.11 4.85
N LYS B 433 -21.50 24.79 4.44
CA LYS B 433 -21.17 24.93 3.01
C LYS B 433 -20.84 23.60 2.37
N ASP B 434 -19.95 22.84 2.99
CA ASP B 434 -19.51 21.56 2.43
C ASP B 434 -20.67 20.62 2.17
N MET B 435 -21.64 20.62 3.08
CA MET B 435 -22.68 19.59 3.08
C MET B 435 -24.04 20.04 2.53
N ARG B 436 -24.27 21.36 2.47
CA ARG B 436 -25.52 21.89 1.92
C ARG B 436 -25.87 21.24 0.60
N ILE B 437 -27.11 20.78 0.45
CA ILE B 437 -27.58 20.23 -0.82
C ILE B 437 -27.99 21.37 -1.73
N LEU B 438 -28.73 22.33 -1.18
CA LEU B 438 -29.09 23.53 -1.92
C LEU B 438 -28.08 24.63 -1.63
N ASP B 439 -27.26 24.94 -2.63
CA ASP B 439 -26.24 25.98 -2.48
C ASP B 439 -26.76 27.34 -2.93
N ASN B 440 -26.26 28.38 -2.26
CA ASN B 440 -26.67 29.77 -2.49
C ASN B 440 -28.18 29.98 -2.38
N VAL B 441 -28.73 29.50 -1.26
CA VAL B 441 -30.15 29.62 -0.94
C VAL B 441 -30.28 30.22 0.46
N ASP B 442 -31.37 30.94 0.70
CA ASP B 442 -31.67 31.46 2.04
C ASP B 442 -31.82 30.29 3.02
N LEU B 443 -31.09 30.34 4.13
CA LEU B 443 -31.21 29.32 5.17
C LEU B 443 -32.59 29.34 5.82
N PRO B 444 -33.08 28.16 6.25
CA PRO B 444 -34.30 28.11 7.07
C PRO B 444 -34.19 28.94 8.35
N ALA B 445 -35.33 29.45 8.82
CA ALA B 445 -35.36 30.38 9.97
C ALA B 445 -34.56 29.89 11.18
N SER B 446 -34.63 28.58 11.42
CA SER B 446 -33.92 27.93 12.52
C SER B 446 -32.41 28.21 12.49
N VAL B 447 -31.81 27.98 11.33
CA VAL B 447 -30.35 28.10 11.15
C VAL B 447 -29.92 29.57 11.03
N ALA B 448 -30.67 30.33 10.23
CA ALA B 448 -30.41 31.75 10.02
C ALA B 448 -30.19 32.53 11.31
N LYS B 449 -31.02 32.20 12.32
CA LYS B 449 -30.97 32.82 13.65
C LYS B 449 -29.54 32.98 14.18
N LEU B 450 -28.69 31.99 13.91
CA LEU B 450 -27.34 31.92 14.47
C LEU B 450 -26.34 32.92 13.90
N PHE B 451 -26.71 33.55 12.80
CA PHE B 451 -25.80 34.42 12.06
C PHE B 451 -26.22 35.89 12.11
N ILE B 452 -26.66 36.36 13.27
CA ILE B 452 -27.08 37.74 13.45
C ILE B 452 -25.94 38.52 14.12
N LYS B 453 -25.80 39.79 13.78
CA LYS B 453 -24.68 40.63 14.25
C LYS B 453 -25.05 41.51 15.44
N GLU B 511 -28.42 42.92 11.41
CA GLU B 511 -29.13 41.94 10.61
C GLU B 511 -28.27 40.70 10.31
N LEU B 512 -28.81 39.80 9.50
CA LEU B 512 -28.15 38.52 9.15
C LEU B 512 -26.77 38.68 8.52
N ASP B 513 -25.90 37.72 8.77
CA ASP B 513 -24.64 37.63 8.06
C ASP B 513 -24.99 37.24 6.62
N PRO B 514 -24.40 37.97 5.64
CA PRO B 514 -24.56 37.69 4.22
C PRO B 514 -24.59 36.22 3.82
N PHE B 515 -23.82 35.37 4.49
CA PHE B 515 -23.76 33.95 4.11
C PHE B 515 -25.13 33.26 4.12
N ALA B 516 -25.99 33.66 5.06
CA ALA B 516 -27.31 33.05 5.23
C ALA B 516 -28.35 33.66 4.30
N LYS B 517 -27.91 34.10 3.14
CA LYS B 517 -28.72 34.89 2.23
C LYS B 517 -28.35 34.50 0.81
N TYR B 518 -29.36 34.41 -0.04
CA TYR B 518 -29.17 34.16 -1.46
C TYR B 518 -28.45 35.36 -2.09
N ASP B 519 -27.34 35.08 -2.76
CA ASP B 519 -26.55 36.09 -3.46
C ASP B 519 -26.77 35.96 -4.97
N PRO B 520 -27.50 36.93 -5.56
CA PRO B 520 -27.81 36.83 -6.99
C PRO B 520 -26.59 36.85 -7.91
N GLN B 521 -25.43 37.25 -7.39
CA GLN B 521 -24.19 37.23 -8.17
C GLN B 521 -23.88 35.86 -8.68
N PHE B 522 -24.34 34.84 -7.97
CA PHE B 522 -24.11 33.45 -8.34
C PHE B 522 -25.41 32.72 -8.59
N PRO B 523 -25.34 31.49 -9.14
CA PRO B 523 -26.58 30.74 -9.33
C PRO B 523 -27.02 30.00 -8.07
N ARG B 524 -28.26 29.53 -8.09
CA ARG B 524 -28.80 28.69 -7.03
C ARG B 524 -28.63 27.25 -7.47
N VAL B 525 -28.01 26.40 -6.67
CA VAL B 525 -27.51 25.11 -7.16
C VAL B 525 -27.92 23.92 -6.30
N VAL B 526 -28.32 22.83 -6.97
CA VAL B 526 -28.66 21.59 -6.29
C VAL B 526 -27.53 20.60 -6.51
N ARG B 527 -26.89 20.19 -5.42
CA ARG B 527 -25.69 19.37 -5.48
C ARG B 527 -26.04 17.92 -5.18
N MET B 528 -26.17 17.14 -6.24
CA MET B 528 -26.78 15.81 -6.17
C MET B 528 -25.93 14.79 -5.40
N ALA B 529 -24.62 15.01 -5.38
CA ALA B 529 -23.71 14.16 -4.61
C ALA B 529 -24.00 14.25 -3.11
N ASN B 530 -24.13 15.48 -2.62
CA ASN B 530 -24.41 15.69 -1.22
C ASN B 530 -25.74 15.04 -0.86
N LEU B 531 -26.74 15.17 -1.73
CA LEU B 531 -28.07 14.57 -1.50
C LEU B 531 -28.01 13.04 -1.42
N CYS B 532 -27.20 12.42 -2.28
CA CYS B 532 -27.05 10.98 -2.26
C CYS B 532 -26.50 10.55 -0.92
N VAL B 533 -25.45 11.22 -0.46
CA VAL B 533 -24.85 10.86 0.83
C VAL B 533 -25.86 11.02 1.97
N VAL B 534 -26.64 12.07 1.94
CA VAL B 534 -27.67 12.28 2.95
C VAL B 534 -28.71 11.17 2.90
N GLY B 535 -29.07 10.76 1.68
CA GLY B 535 -30.17 9.83 1.47
C GLY B 535 -29.83 8.35 1.57
N GLY B 536 -28.55 8.00 1.49
CA GLY B 536 -28.13 6.59 1.48
C GLY B 536 -27.64 6.10 2.83
N HIS B 537 -27.82 4.81 3.11
CA HIS B 537 -27.20 4.21 4.28
C HIS B 537 -25.73 3.86 4.01
N SER B 538 -25.42 3.50 2.77
CA SER B 538 -24.07 3.09 2.42
C SER B 538 -23.54 3.89 1.22
N VAL B 539 -22.30 4.36 1.35
CA VAL B 539 -21.62 5.14 0.33
C VAL B 539 -20.28 4.45 0.07
N ASN B 540 -20.13 3.87 -1.12
CA ASN B 540 -18.88 3.15 -1.41
C ASN B 540 -18.15 3.68 -2.64
N GLY B 541 -16.83 3.55 -2.59
CA GLY B 541 -16.00 3.69 -3.77
C GLY B 541 -15.73 2.31 -4.34
N VAL B 542 -14.88 2.28 -5.36
CA VAL B 542 -14.69 1.15 -6.26
C VAL B 542 -13.22 0.72 -6.34
N ALA B 543 -12.43 1.13 -5.35
CA ALA B 543 -11.05 0.70 -5.20
C ALA B 543 -10.51 1.25 -3.89
N GLU B 544 -9.54 0.56 -3.29
CA GLU B 544 -9.06 0.93 -1.97
C GLU B 544 -8.54 2.38 -1.92
N ILE B 545 -7.71 2.74 -2.89
CA ILE B 545 -7.23 4.12 -3.03
C ILE B 545 -8.41 5.08 -3.16
N HIS B 546 -9.27 4.80 -4.12
CA HIS B 546 -10.41 5.65 -4.42
C HIS B 546 -11.37 5.83 -3.25
N SER B 547 -11.80 4.72 -2.67
CA SER B 547 -12.71 4.78 -1.53
C SER B 547 -12.16 5.64 -0.39
N GLU B 548 -10.83 5.69 -0.28
CA GLU B 548 -10.18 6.59 0.70
C GLU B 548 -10.19 8.03 0.23
N ILE B 549 -9.96 8.27 -1.06
CA ILE B 549 -10.08 9.62 -1.62
C ILE B 549 -11.47 10.15 -1.30
N VAL B 550 -12.47 9.32 -1.52
CA VAL B 550 -13.85 9.68 -1.21
C VAL B 550 -13.96 10.15 0.24
N LYS B 551 -13.46 9.35 1.17
CA LYS B 551 -13.53 9.67 2.59
C LYS B 551 -12.75 10.92 2.99
N GLN B 552 -11.59 11.14 2.37
CA GLN B 552 -10.64 12.17 2.82
C GLN B 552 -10.72 13.49 2.03
N ASP B 553 -10.97 13.41 0.72
CA ASP B 553 -11.01 14.60 -0.12
C ASP B 553 -12.45 15.02 -0.44
N VAL B 554 -13.22 14.10 -1.01
CA VAL B 554 -14.49 14.43 -1.65
C VAL B 554 -15.63 14.71 -0.69
N PHE B 555 -15.88 13.79 0.24
CA PHE B 555 -16.98 13.94 1.21
C PHE B 555 -16.47 13.96 2.64
N ASN B 556 -15.43 14.74 2.91
CA ASN B 556 -14.74 14.67 4.20
C ASN B 556 -15.62 15.02 5.42
N SER B 557 -16.34 16.12 5.34
CA SER B 557 -17.23 16.53 6.43
C SER B 557 -18.27 15.45 6.70
N PHE B 558 -18.70 14.79 5.63
CA PHE B 558 -19.70 13.73 5.75
C PHE B 558 -19.12 12.53 6.44
N TYR B 559 -17.90 12.15 6.03
CA TYR B 559 -17.21 11.02 6.64
C TYR B 559 -17.09 11.24 8.12
N GLU B 560 -16.70 12.45 8.50
CA GLU B 560 -16.64 12.81 9.91
C GLU B 560 -17.97 12.61 10.60
N MET B 561 -19.06 13.03 9.96
CA MET B 561 -20.39 12.98 10.58
C MET B 561 -20.98 11.58 10.68
N TRP B 562 -20.83 10.78 9.63
CA TRP B 562 -21.36 9.42 9.61
C TRP B 562 -20.31 8.48 9.03
N PRO B 563 -19.25 8.18 9.80
CA PRO B 563 -18.17 7.40 9.21
C PRO B 563 -18.63 6.00 8.80
N THR B 564 -19.59 5.44 9.54
CA THR B 564 -20.10 4.10 9.25
C THR B 564 -20.77 3.99 7.86
N LYS B 565 -21.32 5.09 7.35
CA LYS B 565 -21.81 5.09 5.96
C LYS B 565 -20.76 4.62 4.96
N PHE B 566 -19.51 5.04 5.17
CA PHE B 566 -18.50 5.02 4.11
C PHE B 566 -17.81 3.69 3.97
N GLN B 567 -17.82 3.15 2.76
CA GLN B 567 -17.31 1.82 2.50
C GLN B 567 -16.44 1.78 1.26
N ASN B 568 -15.93 0.59 0.96
CA ASN B 568 -15.19 0.30 -0.25
C ASN B 568 -15.63 -1.03 -0.84
N LYS B 569 -15.84 -1.08 -2.16
CA LYS B 569 -16.12 -2.32 -2.87
C LYS B 569 -15.34 -2.39 -4.16
N THR B 570 -14.08 -2.78 -4.09
CA THR B 570 -13.24 -2.85 -5.27
C THR B 570 -13.93 -3.59 -6.42
N ASN B 571 -13.83 -3.01 -7.61
CA ASN B 571 -14.50 -3.53 -8.80
C ASN B 571 -13.98 -4.85 -9.28
N GLY B 572 -14.68 -5.42 -10.24
CA GLY B 572 -14.24 -6.62 -10.89
C GLY B 572 -14.89 -6.82 -12.23
N VAL B 573 -14.41 -7.84 -12.95
CA VAL B 573 -14.99 -8.25 -14.22
C VAL B 573 -15.31 -9.76 -14.21
N THR B 574 -16.42 -10.14 -14.85
CA THR B 574 -16.81 -11.55 -14.94
C THR B 574 -15.82 -12.37 -15.79
N PRO B 575 -15.30 -13.48 -15.23
CA PRO B 575 -14.35 -14.32 -15.97
C PRO B 575 -15.00 -15.23 -17.01
N ARG B 576 -16.32 -15.25 -17.08
CA ARG B 576 -16.99 -16.06 -18.07
C ARG B 576 -16.92 -15.38 -19.43
N ARG B 577 -17.40 -14.14 -19.53
CA ARG B 577 -17.18 -13.34 -20.75
C ARG B 577 -15.70 -13.01 -21.01
N TRP B 578 -14.95 -12.70 -19.96
CA TRP B 578 -13.61 -12.15 -20.14
C TRP B 578 -12.45 -13.14 -20.07
N ILE B 579 -12.74 -14.42 -19.87
CA ILE B 579 -11.74 -15.48 -20.07
C ILE B 579 -12.35 -16.60 -20.87
N ARG B 580 -13.37 -17.24 -20.29
CA ARG B 580 -13.90 -18.48 -20.80
C ARG B 580 -14.36 -18.37 -22.24
N PHE B 581 -15.08 -17.28 -22.55
CA PHE B 581 -15.74 -17.16 -23.85
C PHE B 581 -15.06 -16.25 -24.87
N CYS B 582 -14.32 -15.23 -24.42
CA CYS B 582 -13.46 -14.46 -25.33
C CYS B 582 -12.14 -15.18 -25.60
N ASN B 583 -11.74 -16.07 -24.69
CA ASN B 583 -10.46 -16.77 -24.84
C ASN B 583 -10.54 -18.27 -24.58
N PRO B 584 -11.17 -19.02 -25.52
CA PRO B 584 -11.25 -20.48 -25.40
C PRO B 584 -9.88 -21.16 -25.37
N GLU B 585 -8.91 -20.59 -26.10
CA GLU B 585 -7.59 -21.18 -26.23
C GLU B 585 -6.89 -21.19 -24.89
N LEU B 586 -6.89 -20.05 -24.22
CA LEU B 586 -6.29 -20.00 -22.90
C LEU B 586 -7.08 -20.88 -21.93
N SER B 587 -8.40 -20.88 -22.07
CA SER B 587 -9.27 -21.61 -21.15
C SER B 587 -9.01 -23.12 -21.14
N THR B 588 -8.67 -23.67 -22.31
CA THR B 588 -8.28 -25.08 -22.39
C THR B 588 -6.98 -25.34 -21.60
N ILE B 589 -6.01 -24.44 -21.75
CA ILE B 589 -4.73 -24.52 -21.03
C ILE B 589 -4.94 -24.44 -19.52
N ILE B 590 -5.74 -23.48 -19.08
CA ILE B 590 -6.01 -23.27 -17.66
C ILE B 590 -6.60 -24.54 -17.04
N SER B 591 -7.62 -25.11 -17.70
CA SER B 591 -8.33 -26.27 -17.18
C SER B 591 -7.47 -27.52 -17.15
N LYS B 592 -6.57 -27.64 -18.12
CA LYS B 592 -5.62 -28.75 -18.15
C LYS B 592 -4.77 -28.73 -16.89
N TRP B 593 -4.07 -27.62 -16.68
CA TRP B 593 -3.05 -27.52 -15.63
C TRP B 593 -3.57 -27.32 -14.19
N ILE B 594 -4.82 -26.90 -14.02
CA ILE B 594 -5.43 -26.89 -12.69
C ILE B 594 -6.21 -28.19 -12.41
N GLY B 595 -6.72 -28.83 -13.46
CA GLY B 595 -7.47 -30.08 -13.30
C GLY B 595 -8.85 -29.97 -13.90
N SER B 596 -9.70 -29.16 -13.28
CA SER B 596 -11.07 -28.89 -13.76
C SER B 596 -11.14 -27.57 -14.51
N ASP B 597 -12.33 -27.26 -15.02
CA ASP B 597 -12.67 -25.92 -15.51
C ASP B 597 -13.58 -25.23 -14.50
N ASP B 598 -13.41 -25.62 -13.23
CA ASP B 598 -14.27 -25.15 -12.15
C ASP B 598 -13.95 -23.69 -11.80
N TRP B 599 -12.70 -23.31 -12.08
CA TRP B 599 -12.20 -21.96 -11.86
C TRP B 599 -13.10 -20.90 -12.50
N ILE B 600 -13.79 -21.27 -13.56
CA ILE B 600 -14.74 -20.37 -14.19
C ILE B 600 -15.68 -19.79 -13.14
N LEU B 601 -16.30 -20.66 -12.35
CA LEU B 601 -17.22 -20.25 -11.26
C LEU B 601 -16.45 -19.93 -9.98
N ASN B 602 -15.55 -20.84 -9.58
CA ASN B 602 -14.69 -20.65 -8.40
C ASN B 602 -13.28 -20.25 -8.82
N THR B 603 -13.15 -18.98 -9.22
CA THR B 603 -11.96 -18.40 -9.85
C THR B 603 -10.72 -18.33 -8.95
N ASP B 604 -10.92 -18.57 -7.65
CA ASP B 604 -9.82 -18.71 -6.69
C ASP B 604 -8.78 -19.71 -7.19
N LYS B 605 -9.25 -20.79 -7.81
CA LYS B 605 -8.38 -21.88 -8.28
C LYS B 605 -7.48 -21.56 -9.47
N LEU B 606 -7.34 -20.27 -9.80
CA LEU B 606 -6.31 -19.84 -10.75
C LEU B 606 -4.98 -19.69 -10.05
N ALA B 607 -5.00 -19.47 -8.74
CA ALA B 607 -3.76 -19.34 -7.95
C ALA B 607 -2.85 -20.54 -8.10
N GLY B 608 -3.45 -21.72 -8.33
CA GLY B 608 -2.69 -22.96 -8.52
C GLY B 608 -1.75 -22.97 -9.70
N LEU B 609 -1.84 -21.94 -10.55
CA LEU B 609 -0.92 -21.78 -11.67
C LEU B 609 0.46 -21.23 -11.25
N LYS B 610 0.52 -20.54 -10.11
CA LYS B 610 1.77 -19.99 -9.60
C LYS B 610 2.95 -20.94 -9.75
N LYS B 611 2.82 -22.13 -9.17
CA LYS B 611 3.90 -23.11 -9.13
C LYS B 611 4.38 -23.60 -10.51
N PHE B 612 3.52 -23.57 -11.52
CA PHE B 612 3.89 -23.95 -12.89
C PHE B 612 4.49 -22.81 -13.73
N ALA B 613 4.58 -21.60 -13.18
CA ALA B 613 4.99 -20.40 -13.93
C ALA B 613 6.28 -20.54 -14.76
N ASP B 614 7.21 -21.37 -14.27
CA ASP B 614 8.50 -21.59 -14.96
C ASP B 614 8.53 -22.85 -15.83
N ASP B 615 7.50 -23.68 -15.71
CA ASP B 615 7.42 -24.91 -16.50
C ASP B 615 7.50 -24.58 -17.97
N GLU B 616 8.50 -25.16 -18.62
CA GLU B 616 8.80 -24.88 -20.01
C GLU B 616 7.70 -25.34 -20.96
N ASP B 617 7.01 -26.43 -20.61
CA ASP B 617 5.91 -26.93 -21.45
C ASP B 617 4.64 -26.09 -21.29
N LEU B 618 4.33 -25.65 -20.07
CA LEU B 618 3.23 -24.70 -19.85
C LEU B 618 3.50 -23.40 -20.61
N GLN B 619 4.74 -22.91 -20.48
CA GLN B 619 5.19 -21.72 -21.19
C GLN B 619 5.06 -21.83 -22.70
N SER B 620 5.27 -23.03 -23.25
CA SER B 620 5.16 -23.21 -24.70
C SER B 620 3.72 -23.12 -25.17
N GLU B 621 2.80 -23.71 -24.40
CA GLU B 621 1.35 -23.70 -24.69
C GLU B 621 0.79 -22.29 -24.61
N TRP B 622 1.21 -21.61 -23.54
CA TRP B 622 0.76 -20.26 -23.22
C TRP B 622 1.21 -19.23 -24.24
N ARG B 623 2.38 -19.44 -24.86
CA ARG B 623 2.90 -18.51 -25.87
C ARG B 623 2.24 -18.72 -27.21
N THR B 624 1.90 -19.98 -27.50
CA THR B 624 1.23 -20.34 -28.73
C THR B 624 -0.21 -19.82 -28.76
N ALA B 625 -0.89 -19.94 -27.61
CA ALA B 625 -2.25 -19.40 -27.42
C ALA B 625 -2.27 -17.92 -27.76
N LYS B 626 -1.39 -17.17 -27.09
CA LYS B 626 -1.27 -15.74 -27.32
C LYS B 626 -1.05 -15.46 -28.80
N ARG B 627 -0.10 -16.16 -29.42
CA ARG B 627 0.15 -15.97 -30.85
C ARG B 627 -1.06 -16.30 -31.72
N ASN B 628 -1.78 -17.37 -31.39
CA ASN B 628 -2.99 -17.74 -32.13
C ASN B 628 -4.07 -16.66 -32.04
N ASN B 629 -4.21 -16.09 -30.85
CA ASN B 629 -5.20 -15.04 -30.61
C ASN B 629 -4.81 -13.72 -31.27
N LYS B 630 -3.53 -13.54 -31.54
CA LYS B 630 -3.07 -12.34 -32.25
C LYS B 630 -3.38 -12.38 -33.74
N MET B 631 -3.43 -13.59 -34.32
CA MET B 631 -3.68 -13.73 -35.75
CA MET B 631 -3.69 -13.72 -35.75
C MET B 631 -5.08 -13.21 -36.10
N LYS B 632 -5.98 -13.23 -35.12
CA LYS B 632 -7.34 -12.71 -35.29
C LYS B 632 -7.41 -11.18 -35.23
N VAL B 633 -6.54 -10.58 -34.43
CA VAL B 633 -6.42 -9.12 -34.39
C VAL B 633 -5.79 -8.55 -35.67
N VAL B 634 -4.92 -9.33 -36.31
CA VAL B 634 -4.41 -8.95 -37.61
C VAL B 634 -5.56 -8.91 -38.61
N SER B 635 -6.44 -9.91 -38.58
CA SER B 635 -7.61 -9.92 -39.47
C SER B 635 -8.51 -8.72 -39.19
N LEU B 636 -8.67 -8.40 -37.91
CA LEU B 636 -9.49 -7.28 -37.49
C LEU B 636 -8.95 -5.95 -38.00
N ILE B 637 -7.65 -5.72 -37.79
CA ILE B 637 -7.00 -4.47 -38.17
C ILE B 637 -7.01 -4.31 -39.67
N ARG B 638 -6.62 -5.38 -40.35
CA ARG B 638 -6.73 -5.48 -41.80
C ARG B 638 -8.12 -5.08 -42.29
N ASP B 639 -9.16 -5.69 -41.71
CA ASP B 639 -10.54 -5.44 -42.13
C ASP B 639 -11.02 -4.02 -41.80
N LYS B 640 -10.81 -3.58 -40.55
CA LYS B 640 -11.39 -2.34 -40.04
C LYS B 640 -10.63 -1.08 -40.45
N THR B 641 -9.31 -1.18 -40.58
CA THR B 641 -8.43 -0.05 -40.93
C THR B 641 -7.64 -0.20 -42.24
N GLY B 642 -7.47 -1.43 -42.72
CA GLY B 642 -6.69 -1.68 -43.93
C GLY B 642 -5.24 -2.04 -43.67
N TYR B 643 -4.68 -1.52 -42.58
CA TYR B 643 -3.26 -1.72 -42.30
C TYR B 643 -2.90 -3.20 -42.16
N ILE B 644 -1.75 -3.55 -42.72
CA ILE B 644 -1.22 -4.90 -42.66
C ILE B 644 -0.19 -4.93 -41.56
N VAL B 645 -0.35 -5.84 -40.60
CA VAL B 645 0.57 -5.94 -39.46
C VAL B 645 0.86 -7.39 -39.12
N SER B 646 2.10 -7.67 -38.73
CA SER B 646 2.56 -9.04 -38.48
C SER B 646 2.35 -9.43 -37.02
N PRO B 647 1.95 -10.68 -36.79
CA PRO B 647 1.70 -11.15 -35.44
C PRO B 647 2.98 -11.38 -34.65
N ASP B 648 4.14 -11.22 -35.27
CA ASP B 648 5.44 -11.48 -34.65
C ASP B 648 6.05 -10.24 -34.01
N ALA B 649 5.20 -9.28 -33.65
CA ALA B 649 5.59 -8.12 -32.87
C ALA B 649 4.89 -8.13 -31.51
N MET B 650 5.34 -7.28 -30.61
CA MET B 650 4.70 -7.13 -29.30
C MET B 650 3.43 -6.32 -29.51
N PHE B 651 2.30 -6.90 -29.11
CA PHE B 651 1.02 -6.19 -29.21
C PHE B 651 0.86 -5.32 -27.96
N ASP B 652 1.08 -4.01 -28.18
CA ASP B 652 0.99 -2.96 -27.15
C ASP B 652 -0.34 -2.22 -27.35
N VAL B 653 -1.23 -2.30 -26.36
CA VAL B 653 -2.62 -1.85 -26.53
C VAL B 653 -3.06 -0.79 -25.51
N GLN B 654 -3.87 0.16 -25.96
CA GLN B 654 -4.51 1.13 -25.07
C GLN B 654 -5.91 1.42 -25.57
N VAL B 655 -6.90 0.78 -24.95
CA VAL B 655 -8.29 0.99 -25.34
C VAL B 655 -9.11 1.53 -24.16
N LYS B 656 -9.55 2.78 -24.33
CA LYS B 656 -10.20 3.57 -23.29
C LYS B 656 -10.90 4.77 -23.93
N ARG B 657 -11.91 5.29 -23.24
CA ARG B 657 -12.52 6.55 -23.64
C ARG B 657 -11.43 7.57 -23.85
N ILE B 658 -11.54 8.37 -24.91
CA ILE B 658 -10.50 9.33 -25.27
C ILE B 658 -10.63 10.57 -24.40
N HIS B 659 -9.87 10.62 -23.33
CA HIS B 659 -9.97 11.73 -22.39
C HIS B 659 -8.57 12.24 -22.16
N GLU B 660 -8.44 13.54 -21.93
CA GLU B 660 -7.13 14.10 -21.65
C GLU B 660 -6.49 13.45 -20.44
N TYR B 661 -7.30 13.11 -19.44
CA TYR B 661 -6.81 12.53 -18.18
C TYR B 661 -6.41 11.08 -18.32
N LYS B 662 -6.94 10.39 -19.34
CA LYS B 662 -6.54 9.00 -19.57
C LYS B 662 -5.20 8.98 -20.29
N ARG B 663 -4.87 10.10 -20.92
CA ARG B 663 -3.54 10.39 -21.44
C ARG B 663 -3.12 9.48 -22.59
N GLN B 664 -4.02 9.32 -23.56
CA GLN B 664 -3.61 8.71 -24.81
C GLN B 664 -2.51 9.59 -25.38
N LEU B 665 -2.58 10.88 -25.12
CA LEU B 665 -1.59 11.83 -25.61
C LEU B 665 -0.18 11.46 -25.16
N LEU B 666 -0.07 10.96 -23.92
CA LEU B 666 1.23 10.57 -23.36
C LEU B 666 1.80 9.37 -24.08
N ASN B 667 0.94 8.40 -24.40
CA ASN B 667 1.38 7.20 -25.10
C ASN B 667 1.94 7.55 -26.48
N ILE B 668 1.16 8.32 -27.23
CA ILE B 668 1.49 8.60 -28.61
C ILE B 668 2.75 9.45 -28.74
N LEU B 669 2.92 10.41 -27.83
CA LEU B 669 4.15 11.19 -27.82
C LEU B 669 5.37 10.31 -27.48
N GLY B 670 5.19 9.32 -26.62
CA GLY B 670 6.25 8.35 -26.35
C GLY B 670 6.60 7.55 -27.60
N ILE B 671 5.57 7.20 -28.36
CA ILE B 671 5.78 6.51 -29.62
C ILE B 671 6.55 7.41 -30.59
N VAL B 672 6.11 8.64 -30.75
CA VAL B 672 6.80 9.62 -31.60
C VAL B 672 8.27 9.76 -31.20
N TYR B 673 8.55 9.72 -29.90
CA TYR B 673 9.95 9.76 -29.45
C TYR B 673 10.68 8.54 -29.97
N ARG B 674 10.09 7.36 -29.81
CA ARG B 674 10.71 6.13 -30.30
C ARG B 674 10.92 6.15 -31.82
N TYR B 675 9.90 6.61 -32.55
CA TYR B 675 9.99 6.74 -34.02
C TYR B 675 11.17 7.63 -34.44
N LYS B 676 11.27 8.80 -33.84
CA LYS B 676 12.35 9.73 -34.13
C LYS B 676 13.70 9.06 -33.93
N LYS B 677 13.89 8.40 -32.78
CA LYS B 677 15.15 7.69 -32.48
C LYS B 677 15.49 6.68 -33.57
N MET B 678 14.51 5.86 -33.95
CA MET B 678 14.69 4.89 -35.03
C MET B 678 15.17 5.56 -36.32
N LYS B 679 14.65 6.74 -36.61
CA LYS B 679 14.97 7.46 -37.85
C LYS B 679 16.39 8.03 -37.87
N GLU B 680 16.98 8.23 -36.69
CA GLU B 680 18.34 8.77 -36.58
C GLU B 680 19.27 7.67 -36.07
N MET B 681 19.32 6.58 -36.83
CA MET B 681 19.94 5.33 -36.41
C MET B 681 20.02 4.37 -37.61
N SER B 682 21.01 3.47 -37.58
CA SER B 682 21.19 2.50 -38.68
C SER B 682 20.21 1.33 -38.60
N ALA B 683 19.84 0.78 -39.77
CA ALA B 683 18.94 -0.37 -39.86
C ALA B 683 19.36 -1.58 -39.00
N LYS B 684 20.67 -1.76 -38.82
CA LYS B 684 21.20 -2.81 -37.95
C LYS B 684 20.94 -2.49 -36.47
N ASP B 685 21.17 -1.25 -36.09
CA ASP B 685 21.02 -0.80 -34.70
C ASP B 685 19.57 -0.77 -34.26
N ARG B 686 18.70 -0.25 -35.11
CA ARG B 686 17.26 -0.25 -34.83
C ARG B 686 16.78 -1.58 -34.26
N ARG B 687 17.27 -2.68 -34.82
CA ARG B 687 16.89 -4.03 -34.36
C ARG B 687 17.41 -4.34 -32.96
N LYS B 688 18.64 -3.92 -32.68
CA LYS B 688 19.25 -4.16 -31.38
C LYS B 688 18.69 -3.25 -30.29
N SER B 689 18.16 -2.08 -30.68
CA SER B 689 17.67 -1.08 -29.72
C SER B 689 16.18 -1.21 -29.39
N PHE B 690 15.38 -1.67 -30.34
CA PHE B 690 13.91 -1.67 -30.21
C PHE B 690 13.30 -3.00 -30.59
N VAL B 691 12.43 -3.49 -29.73
CA VAL B 691 11.68 -4.70 -29.99
C VAL B 691 10.55 -4.35 -30.96
N PRO B 692 10.28 -5.23 -31.94
CA PRO B 692 9.15 -4.99 -32.86
C PRO B 692 7.81 -4.86 -32.14
N ARG B 693 7.03 -3.83 -32.48
CA ARG B 693 5.76 -3.55 -31.80
C ARG B 693 4.63 -3.30 -32.78
N VAL B 694 3.42 -3.61 -32.33
CA VAL B 694 2.18 -3.12 -32.93
C VAL B 694 1.45 -2.35 -31.85
N CYS B 695 1.37 -1.04 -32.01
CA CYS B 695 0.75 -0.18 -31.01
C CYS B 695 -0.69 0.17 -31.36
N ILE B 696 -1.62 -0.35 -30.57
CA ILE B 696 -3.02 -0.27 -30.90
C ILE B 696 -3.74 0.70 -29.96
N PHE B 697 -4.45 1.64 -30.57
CA PHE B 697 -5.30 2.55 -29.83
C PHE B 697 -6.76 2.24 -30.17
N GLY B 698 -7.67 2.91 -29.48
CA GLY B 698 -9.09 2.70 -29.69
C GLY B 698 -9.86 3.49 -28.64
N GLY B 699 -11.11 3.77 -28.93
CA GLY B 699 -11.96 4.45 -27.97
C GLY B 699 -12.62 5.68 -28.56
N LYS B 700 -13.68 6.12 -27.88
CA LYS B 700 -14.54 7.19 -28.37
C LYS B 700 -14.27 8.46 -27.61
N ALA B 701 -14.14 9.56 -28.34
CA ALA B 701 -14.12 10.90 -27.75
C ALA B 701 -15.53 11.41 -27.68
N PHE B 702 -15.87 12.07 -26.58
CA PHE B 702 -17.21 12.64 -26.47
C PHE B 702 -17.32 13.68 -27.58
N ALA B 703 -18.46 13.67 -28.25
CA ALA B 703 -18.64 14.36 -29.52
C ALA B 703 -18.21 15.83 -29.49
N THR B 704 -18.53 16.53 -28.40
CA THR B 704 -18.22 17.95 -28.27
C THR B 704 -16.85 18.23 -27.64
N TYR B 705 -16.23 17.22 -27.06
CA TYR B 705 -14.93 17.36 -26.39
C TYR B 705 -13.82 17.62 -27.44
N VAL B 706 -13.58 18.90 -27.70
CA VAL B 706 -12.76 19.31 -28.84
C VAL B 706 -11.33 18.76 -28.82
N GLN B 707 -10.67 18.89 -27.67
CA GLN B 707 -9.28 18.46 -27.56
C GLN B 707 -9.16 16.94 -27.68
N ALA B 708 -10.10 16.22 -27.08
CA ALA B 708 -10.11 14.76 -27.17
C ALA B 708 -10.20 14.31 -28.64
N LYS B 709 -11.09 14.96 -29.40
CA LYS B 709 -11.25 14.62 -30.82
C LYS B 709 -10.00 14.93 -31.59
N ARG B 710 -9.34 16.01 -31.19
CA ARG B 710 -8.08 16.40 -31.83
C ARG B 710 -7.02 15.32 -31.61
N ILE B 711 -7.08 14.65 -30.46
CA ILE B 711 -6.09 13.62 -30.11
C ILE B 711 -6.26 12.36 -30.94
N VAL B 712 -7.50 11.96 -31.22
CA VAL B 712 -7.69 10.79 -32.08
C VAL B 712 -7.15 11.10 -33.47
N LYS B 713 -7.36 12.33 -33.93
CA LYS B 713 -6.90 12.85 -35.22
C LYS B 713 -5.39 12.76 -35.31
N PHE B 714 -4.73 13.33 -34.32
CA PHE B 714 -3.29 13.24 -34.21
C PHE B 714 -2.82 11.78 -34.30
N ILE B 715 -3.46 10.88 -33.55
CA ILE B 715 -3.04 9.48 -33.52
C ILE B 715 -3.14 8.83 -34.91
N THR B 716 -4.22 9.13 -35.63
CA THR B 716 -4.42 8.61 -36.98
C THR B 716 -3.39 9.12 -37.99
N ASP B 717 -2.96 10.38 -37.83
CA ASP B 717 -1.93 10.98 -38.70
C ASP B 717 -0.58 10.35 -38.51
N VAL B 718 -0.22 10.10 -37.26
CA VAL B 718 1.03 9.47 -36.96
C VAL B 718 1.04 8.08 -37.61
N ALA B 719 -0.02 7.31 -37.41
CA ALA B 719 -0.13 5.97 -37.99
C ALA B 719 0.10 5.97 -39.50
N ALA B 720 -0.55 6.91 -40.19
CA ALA B 720 -0.34 7.12 -41.62
C ALA B 720 1.14 7.30 -41.96
N THR B 721 1.79 8.24 -41.28
CA THR B 721 3.20 8.48 -41.46
C THR B 721 4.01 7.21 -41.15
N VAL B 722 3.85 6.67 -39.95
CA VAL B 722 4.74 5.60 -39.47
C VAL B 722 4.59 4.31 -40.27
N ASN B 723 3.36 3.88 -40.52
CA ASN B 723 3.10 2.55 -41.11
C ASN B 723 3.54 2.38 -42.56
N TYR B 724 3.69 3.47 -43.30
CA TYR B 724 4.06 3.39 -44.71
C TYR B 724 5.55 3.75 -44.98
N ASP B 725 6.34 3.92 -43.93
CA ASP B 725 7.75 4.35 -44.06
C ASP B 725 8.65 3.14 -44.31
N PRO B 726 9.33 3.09 -45.49
CA PRO B 726 10.23 1.98 -45.85
C PRO B 726 11.29 1.63 -44.79
N ASP B 727 11.79 2.66 -44.10
CA ASP B 727 12.82 2.50 -43.07
C ASP B 727 12.34 1.68 -41.87
N ILE B 728 11.08 1.85 -41.51
CA ILE B 728 10.54 1.25 -40.29
C ILE B 728 10.10 -0.20 -40.50
N GLY B 729 9.30 -0.44 -41.54
CA GLY B 729 8.77 -1.77 -41.81
C GLY B 729 7.98 -2.31 -40.64
N ASP B 730 8.21 -3.57 -40.29
CA ASP B 730 7.54 -4.22 -39.16
C ASP B 730 8.32 -4.10 -37.85
N LEU B 731 9.12 -3.04 -37.70
CA LEU B 731 9.71 -2.72 -36.41
C LEU B 731 8.71 -1.95 -35.57
N LEU B 732 7.84 -1.18 -36.24
CA LEU B 732 6.81 -0.40 -35.55
C LEU B 732 5.57 -0.18 -36.42
N LYS B 733 4.42 -0.44 -35.82
CA LYS B 733 3.12 -0.13 -36.42
C LYS B 733 2.22 0.57 -35.41
N VAL B 734 1.45 1.56 -35.89
CA VAL B 734 0.43 2.23 -35.08
C VAL B 734 -0.93 2.16 -35.74
N VAL B 735 -1.93 1.80 -34.97
CA VAL B 735 -3.25 1.53 -35.51
C VAL B 735 -4.28 2.09 -34.53
N PHE B 736 -5.20 2.92 -35.03
CA PHE B 736 -6.37 3.35 -34.25
C PHE B 736 -7.56 2.54 -34.69
N VAL B 737 -8.00 1.61 -33.85
CA VAL B 737 -9.10 0.72 -34.21
C VAL B 737 -10.43 1.44 -33.94
N PRO B 738 -11.24 1.65 -34.99
CA PRO B 738 -12.48 2.41 -34.86
C PRO B 738 -13.57 1.67 -34.14
N ASP B 739 -14.49 2.43 -33.56
CA ASP B 739 -15.72 1.93 -32.96
C ASP B 739 -15.46 0.86 -31.89
N TYR B 740 -14.46 1.08 -31.06
CA TYR B 740 -14.20 0.23 -29.91
C TYR B 740 -15.46 -0.01 -29.07
N ASN B 741 -15.66 -1.28 -28.71
CA ASN B 741 -16.84 -1.71 -27.97
C ASN B 741 -16.59 -3.13 -27.45
N VAL B 742 -17.56 -3.68 -26.73
CA VAL B 742 -17.37 -4.98 -26.12
C VAL B 742 -16.83 -5.97 -27.15
N SER B 743 -17.50 -6.11 -28.29
CA SER B 743 -17.05 -7.04 -29.33
C SER B 743 -15.56 -6.87 -29.67
N VAL B 744 -15.17 -5.62 -29.88
CA VAL B 744 -13.80 -5.33 -30.26
C VAL B 744 -12.87 -5.69 -29.11
N ALA B 745 -13.25 -5.33 -27.89
CA ALA B 745 -12.44 -5.72 -26.73
C ALA B 745 -12.19 -7.23 -26.70
N GLU B 746 -13.23 -8.01 -26.97
CA GLU B 746 -13.17 -9.47 -26.90
C GLU B 746 -12.13 -10.11 -27.82
N THR B 747 -11.89 -9.48 -28.97
CA THR B 747 -10.83 -9.88 -29.88
C THR B 747 -9.48 -9.30 -29.41
N LEU B 748 -9.50 -8.02 -29.04
CA LEU B 748 -8.26 -7.30 -28.75
C LEU B 748 -7.56 -7.85 -27.50
N ILE B 749 -8.34 -8.03 -26.42
CA ILE B 749 -7.78 -8.29 -25.07
C ILE B 749 -6.98 -9.59 -24.98
N PRO B 750 -7.57 -10.73 -25.35
CA PRO B 750 -6.81 -11.99 -25.35
C PRO B 750 -5.54 -11.97 -26.19
N ALA B 751 -5.46 -11.06 -27.17
CA ALA B 751 -4.29 -10.96 -28.03
C ALA B 751 -3.17 -10.07 -27.49
N SER B 752 -3.45 -9.31 -26.43
CA SER B 752 -2.57 -8.24 -25.97
C SER B 752 -1.49 -8.76 -25.04
N GLU B 753 -0.26 -8.30 -25.27
CA GLU B 753 0.89 -8.65 -24.44
C GLU B 753 1.25 -7.52 -23.48
N LEU B 754 1.10 -6.29 -23.95
CA LEU B 754 1.23 -5.12 -23.10
C LEU B 754 -0.03 -4.29 -23.22
N SER B 755 -0.57 -3.85 -22.10
CA SER B 755 -1.69 -2.92 -22.09
C SER B 755 -1.35 -1.72 -21.22
N GLN B 756 -1.82 -0.56 -21.64
CA GLN B 756 -1.43 0.69 -21.01
C GLN B 756 -2.55 1.30 -20.19
N HIS B 757 -2.19 1.77 -19.01
CA HIS B 757 -3.14 2.30 -18.05
C HIS B 757 -2.45 3.45 -17.33
N ILE B 758 -2.27 4.53 -18.07
CA ILE B 758 -1.31 5.57 -17.72
C ILE B 758 -1.96 6.89 -17.29
N SER B 759 -3.12 6.80 -16.67
CA SER B 759 -3.86 7.97 -16.25
C SER B 759 -3.09 8.79 -15.24
N THR B 760 -3.34 10.10 -15.23
CA THR B 760 -2.75 10.99 -14.23
C THR B 760 -3.09 10.41 -12.87
N ALA B 761 -2.07 10.30 -12.01
CA ALA B 761 -2.23 9.64 -10.73
C ALA B 761 -3.32 10.30 -9.88
N GLY B 762 -4.25 9.49 -9.39
CA GLY B 762 -5.33 9.96 -8.56
C GLY B 762 -6.56 10.47 -9.30
N MET B 763 -6.61 10.22 -10.62
CA MET B 763 -7.79 10.60 -11.42
C MET B 763 -8.69 9.40 -11.71
N GLU B 764 -8.07 8.27 -12.00
CA GLU B 764 -8.80 7.02 -12.17
C GLU B 764 -9.30 6.47 -10.82
N ALA B 765 -10.59 6.15 -10.77
CA ALA B 765 -11.17 5.54 -9.58
C ALA B 765 -10.83 4.05 -9.53
N SER B 766 -11.12 3.31 -10.58
CA SER B 766 -10.74 1.89 -10.69
C SER B 766 -10.08 1.56 -12.02
N GLY B 767 -10.90 1.44 -13.06
CA GLY B 767 -10.48 0.88 -14.34
C GLY B 767 -10.74 -0.62 -14.38
N THR B 768 -11.70 -1.02 -15.21
CA THR B 768 -12.04 -2.44 -15.34
C THR B 768 -11.16 -3.15 -16.37
N SER B 769 -10.71 -2.46 -17.42
CA SER B 769 -9.94 -3.12 -18.47
C SER B 769 -8.64 -3.73 -17.93
N ASN B 770 -8.05 -3.08 -16.92
CA ASN B 770 -6.82 -3.57 -16.28
C ASN B 770 -6.97 -5.02 -15.96
N MET B 771 -8.10 -5.34 -15.35
CA MET B 771 -8.38 -6.65 -14.81
C MET B 771 -8.60 -7.67 -15.92
N LYS B 772 -9.21 -7.23 -17.02
CA LYS B 772 -9.49 -8.08 -18.18
C LYS B 772 -8.17 -8.49 -18.81
N PHE B 773 -7.34 -7.49 -19.08
CA PHE B 773 -6.01 -7.69 -19.65
C PHE B 773 -5.21 -8.66 -18.81
N ALA B 774 -5.12 -8.36 -17.52
CA ALA B 774 -4.36 -9.18 -16.59
C ALA B 774 -4.86 -10.62 -16.61
N MET B 775 -6.16 -10.82 -16.56
CA MET B 775 -6.70 -12.17 -16.58
C MET B 775 -6.19 -12.95 -17.79
N ASN B 776 -5.98 -12.28 -18.92
CA ASN B 776 -5.60 -12.98 -20.16
C ASN B 776 -4.08 -13.11 -20.40
N GLY B 777 -3.28 -12.74 -19.40
CA GLY B 777 -1.84 -12.87 -19.49
C GLY B 777 -1.19 -11.64 -20.05
N CYS B 778 -1.99 -10.59 -20.24
CA CYS B 778 -1.45 -9.32 -20.70
C CYS B 778 -0.79 -8.61 -19.53
N LEU B 779 0.42 -8.10 -19.77
CA LEU B 779 1.15 -7.34 -18.77
C LEU B 779 0.74 -5.87 -18.83
N LEU B 780 0.88 -5.20 -17.71
CA LEU B 780 0.44 -3.83 -17.59
C LEU B 780 1.61 -2.90 -17.35
N ILE B 781 1.66 -1.86 -18.18
CA ILE B 781 2.37 -0.65 -17.85
C ILE B 781 1.30 0.37 -17.39
N GLY B 782 1.61 1.13 -16.34
CA GLY B 782 0.63 2.05 -15.78
C GLY B 782 1.16 2.81 -14.59
N THR B 783 0.35 3.76 -14.13
CA THR B 783 0.71 4.59 -12.98
C THR B 783 0.13 3.98 -11.72
N LEU B 784 0.59 4.47 -10.56
CA LEU B 784 0.10 3.98 -9.27
C LEU B 784 -1.24 4.61 -8.93
N ASP B 785 -2.26 4.21 -9.69
CA ASP B 785 -3.54 4.89 -9.71
C ASP B 785 -4.66 3.87 -9.90
N GLY B 786 -5.68 3.97 -9.06
CA GLY B 786 -6.83 3.10 -9.15
C GLY B 786 -6.48 1.63 -8.96
N ALA B 787 -7.09 0.79 -9.78
CA ALA B 787 -6.99 -0.65 -9.58
C ALA B 787 -5.58 -1.16 -9.85
N ASN B 788 -4.77 -0.38 -10.57
CA ASN B 788 -3.37 -0.77 -10.80
C ASN B 788 -2.73 -1.08 -9.47
N VAL B 789 -2.93 -0.20 -8.49
CA VAL B 789 -2.33 -0.35 -7.14
C VAL B 789 -2.58 -1.74 -6.54
N GLU B 790 -3.83 -2.19 -6.62
CA GLU B 790 -4.19 -3.50 -6.09
C GLU B 790 -3.73 -4.64 -6.99
N ILE B 791 -3.79 -4.45 -8.30
CA ILE B 791 -3.35 -5.46 -9.25
C ILE B 791 -1.87 -5.74 -9.07
N ARG B 792 -1.12 -4.69 -8.79
CA ARG B 792 0.31 -4.79 -8.53
C ARG B 792 0.55 -5.59 -7.24
N GLU B 793 -0.23 -5.28 -6.20
CA GLU B 793 -0.23 -6.05 -4.93
C GLU B 793 -0.44 -7.54 -5.16
N GLU B 794 -1.43 -7.89 -5.99
CA GLU B 794 -1.82 -9.28 -6.20
C GLU B 794 -0.87 -10.05 -7.12
N VAL B 795 -0.48 -9.45 -8.24
CA VAL B 795 0.43 -10.13 -9.20
C VAL B 795 1.92 -10.02 -8.83
N GLY B 796 2.26 -9.06 -7.98
CA GLY B 796 3.65 -8.86 -7.58
C GLY B 796 4.31 -7.75 -8.38
N GLU B 797 4.98 -6.85 -7.66
CA GLU B 797 5.58 -5.64 -8.25
C GLU B 797 6.55 -5.95 -9.39
N GLU B 798 7.19 -7.12 -9.34
CA GLU B 798 8.15 -7.53 -10.37
C GLU B 798 7.44 -7.84 -11.70
N ASN B 799 6.16 -8.20 -11.64
CA ASN B 799 5.39 -8.54 -12.83
C ASN B 799 4.44 -7.41 -13.20
N PHE B 800 4.96 -6.20 -13.16
CA PHE B 800 4.18 -5.00 -13.43
C PHE B 800 5.13 -3.85 -13.71
N PHE B 801 4.87 -3.11 -14.79
CA PHE B 801 5.73 -1.99 -15.20
C PHE B 801 5.17 -0.65 -14.72
N LEU B 802 5.64 -0.18 -13.57
CA LEU B 802 5.12 1.04 -12.94
C LEU B 802 5.99 2.26 -13.24
N PHE B 803 5.35 3.42 -13.40
CA PHE B 803 6.09 4.67 -13.62
C PHE B 803 5.31 5.90 -13.14
N GLY B 804 6.03 7.01 -12.98
CA GLY B 804 5.43 8.34 -12.82
C GLY B 804 5.02 8.74 -11.42
N ALA B 805 4.75 10.04 -11.26
CA ALA B 805 4.26 10.61 -10.01
C ALA B 805 3.06 9.84 -9.43
N HIS B 806 3.06 9.69 -8.10
CA HIS B 806 1.95 9.07 -7.34
C HIS B 806 0.96 10.14 -6.88
N ALA B 807 -0.23 9.69 -6.47
CA ALA B 807 -1.36 10.60 -6.17
C ALA B 807 -1.05 11.78 -5.23
N PRO B 808 -0.38 11.52 -4.10
CA PRO B 808 0.03 12.58 -3.16
C PRO B 808 0.74 13.77 -3.79
N GLU B 809 1.75 13.51 -4.62
CA GLU B 809 2.62 14.59 -5.12
C GLU B 809 1.95 15.42 -6.22
N ILE B 810 0.76 15.02 -6.66
CA ILE B 810 0.11 15.65 -7.81
C ILE B 810 -0.03 17.16 -7.65
N ALA B 811 -0.82 17.60 -6.68
CA ALA B 811 -1.07 19.04 -6.49
C ALA B 811 0.23 19.84 -6.30
N GLY B 812 1.24 19.21 -5.68
CA GLY B 812 2.56 19.81 -5.54
C GLY B 812 3.22 20.11 -6.87
N LEU B 813 3.18 19.16 -7.80
CA LEU B 813 3.81 19.29 -9.12
C LEU B 813 3.11 20.32 -10.01
N ARG B 814 1.82 20.49 -9.81
CA ARG B 814 1.05 21.49 -10.54
C ARG B 814 1.42 22.86 -10.00
N GLN B 815 1.21 23.05 -8.70
CA GLN B 815 1.50 24.32 -8.05
C GLN B 815 2.94 24.76 -8.34
N GLU B 816 3.85 23.79 -8.37
CA GLU B 816 5.23 24.02 -8.79
C GLU B 816 5.29 24.58 -10.21
N ARG B 817 4.48 24.01 -11.10
CA ARG B 817 4.37 24.47 -12.50
C ARG B 817 3.84 25.91 -12.58
N ALA B 818 2.79 26.18 -11.81
CA ALA B 818 2.16 27.52 -11.72
C ALA B 818 3.15 28.62 -11.36
N GLU B 819 4.13 28.28 -10.53
CA GLU B 819 5.14 29.24 -10.03
C GLU B 819 6.46 29.21 -10.84
N GLY B 820 6.40 28.66 -12.06
CA GLY B 820 7.55 28.67 -12.96
C GLY B 820 8.74 27.83 -12.55
N LYS B 821 8.53 26.93 -11.58
CA LYS B 821 9.62 26.08 -11.09
C LYS B 821 9.76 24.79 -11.88
N PHE B 822 8.85 24.53 -12.82
CA PHE B 822 9.00 23.38 -13.71
C PHE B 822 9.64 23.78 -15.04
N VAL B 823 10.66 23.03 -15.44
CA VAL B 823 11.23 23.11 -16.78
C VAL B 823 11.37 21.69 -17.31
N PRO B 824 10.95 21.46 -18.56
CA PRO B 824 10.84 20.06 -18.98
C PRO B 824 12.16 19.40 -19.40
N ASP B 825 12.10 18.07 -19.50
CA ASP B 825 13.18 17.25 -20.00
C ASP B 825 13.48 17.62 -21.44
N LEU B 826 14.75 17.61 -21.82
CA LEU B 826 15.11 17.94 -23.20
C LEU B 826 14.47 17.00 -24.22
N ARG B 827 14.35 15.71 -23.89
CA ARG B 827 13.75 14.75 -24.81
C ARG B 827 12.29 15.04 -25.11
N PHE B 828 11.61 15.73 -24.19
CA PHE B 828 10.19 16.07 -24.33
C PHE B 828 10.00 17.31 -25.19
N GLU B 829 10.92 18.26 -25.07
CA GLU B 829 10.95 19.45 -25.93
C GLU B 829 11.26 19.04 -27.35
N GLU B 830 12.23 18.13 -27.47
CA GLU B 830 12.62 17.52 -28.74
C GLU B 830 11.42 16.93 -29.49
N VAL B 831 10.55 16.23 -28.75
CA VAL B 831 9.34 15.64 -29.31
C VAL B 831 8.36 16.69 -29.83
N LYS B 832 8.04 17.67 -28.97
CA LYS B 832 7.07 18.71 -29.31
C LYS B 832 7.44 19.49 -30.57
N GLU B 833 8.74 19.71 -30.76
CA GLU B 833 9.24 20.43 -31.93
C GLU B 833 9.24 19.54 -33.17
N TYR B 834 9.58 18.27 -32.99
CA TYR B 834 9.51 17.26 -34.05
C TYR B 834 8.09 17.11 -34.58
N VAL B 835 7.11 17.30 -33.71
CA VAL B 835 5.68 17.31 -34.06
C VAL B 835 5.30 18.60 -34.79
N ARG B 836 5.84 19.73 -34.32
CA ARG B 836 5.58 21.02 -34.97
C ARG B 836 6.19 21.14 -36.36
N SER B 837 7.19 20.31 -36.66
CA SER B 837 7.87 20.39 -37.96
C SER B 837 7.05 19.87 -39.14
N GLY B 838 5.91 19.22 -38.88
CA GLY B 838 4.96 18.84 -39.94
C GLY B 838 5.28 17.55 -40.69
N VAL B 839 6.09 16.68 -40.08
CA VAL B 839 6.34 15.34 -40.63
C VAL B 839 5.07 14.47 -40.60
N PHE B 840 4.07 14.85 -39.80
CA PHE B 840 2.83 14.09 -39.66
C PHE B 840 1.63 14.69 -40.43
N GLY B 841 1.84 15.03 -41.70
CA GLY B 841 0.77 15.59 -42.53
C GLY B 841 0.75 17.10 -42.51
N THR B 842 -0.23 17.68 -43.21
CA THR B 842 -0.34 19.13 -43.34
C THR B 842 -0.91 19.77 -42.08
N SER B 843 -1.37 18.98 -41.12
CA SER B 843 -1.69 19.49 -39.80
C SER B 843 -0.39 19.76 -39.07
N ASN B 844 -0.35 20.86 -38.32
CA ASN B 844 0.87 21.30 -37.63
C ASN B 844 0.88 20.96 -36.13
N TYR B 845 -0.30 20.93 -35.52
CA TYR B 845 -0.50 20.54 -34.11
C TYR B 845 0.09 21.52 -33.11
N ASP B 846 0.49 22.70 -33.58
CA ASP B 846 0.93 23.78 -32.72
C ASP B 846 -0.11 24.01 -31.61
N GLU B 847 -1.37 23.79 -31.96
CA GLU B 847 -2.50 23.92 -31.05
C GLU B 847 -2.43 22.92 -29.91
N LEU B 848 -2.32 21.64 -30.29
CA LEU B 848 -2.33 20.52 -29.35
C LEU B 848 -1.12 20.59 -28.41
N MET B 849 0.07 20.76 -28.99
CA MET B 849 1.29 20.94 -28.23
C MET B 849 1.17 22.13 -27.29
N GLY B 850 0.41 23.14 -27.70
CA GLY B 850 0.13 24.31 -26.86
C GLY B 850 -0.61 24.06 -25.55
N SER B 851 -1.36 22.97 -25.48
CA SER B 851 -2.04 22.62 -24.23
C SER B 851 -1.05 22.05 -23.21
N LEU B 852 0.18 21.78 -23.65
CA LEU B 852 1.24 21.29 -22.78
C LEU B 852 2.20 22.42 -22.34
N GLU B 853 1.86 23.67 -22.67
CA GLU B 853 2.75 24.81 -22.42
C GLU B 853 2.07 25.93 -21.65
N GLY B 854 2.88 26.90 -21.21
CA GLY B 854 2.45 27.94 -20.28
C GLY B 854 2.43 27.42 -18.84
N ASN B 855 2.19 28.31 -17.89
CA ASN B 855 2.17 27.95 -16.48
C ASN B 855 0.80 27.99 -15.82
N GLU B 856 -0.13 28.75 -16.40
CA GLU B 856 -1.48 28.83 -15.85
CA GLU B 856 -1.48 28.89 -15.84
C GLU B 856 -2.52 29.10 -16.94
N GLY B 857 -3.78 28.78 -16.62
CA GLY B 857 -4.91 29.03 -17.52
C GLY B 857 -5.58 27.77 -18.05
N TYR B 858 -6.90 27.81 -18.12
CA TYR B 858 -7.72 26.70 -18.60
C TYR B 858 -7.26 26.18 -19.96
N GLY B 859 -7.10 24.87 -20.07
CA GLY B 859 -6.75 24.25 -21.35
C GLY B 859 -5.28 24.28 -21.70
N ARG B 860 -4.48 24.76 -20.77
CA ARG B 860 -3.06 24.92 -20.98
C ARG B 860 -2.34 24.41 -19.73
N ALA B 861 -1.04 24.68 -19.64
CA ALA B 861 -0.25 24.43 -18.44
C ALA B 861 -0.12 22.94 -18.06
N ASP B 862 -0.30 22.07 -19.06
CA ASP B 862 -0.06 20.62 -18.91
C ASP B 862 -0.67 20.07 -17.63
N TYR B 863 -1.92 20.41 -17.38
CA TYR B 863 -2.59 20.08 -16.14
C TYR B 863 -2.53 18.60 -15.81
N PHE B 864 -2.51 17.72 -16.82
CA PHE B 864 -2.44 16.27 -16.57
C PHE B 864 -1.00 15.71 -16.56
N LEU B 865 -0.02 16.60 -16.41
CA LEU B 865 1.37 16.22 -16.15
C LEU B 865 1.94 15.23 -17.18
N VAL B 866 1.69 15.51 -18.46
CA VAL B 866 2.23 14.69 -19.54
C VAL B 866 3.73 14.88 -19.66
N GLY B 867 4.17 16.15 -19.67
CA GLY B 867 5.59 16.48 -19.77
C GLY B 867 6.37 16.04 -18.54
N LYS B 868 5.71 16.08 -17.39
CA LYS B 868 6.34 15.68 -16.14
C LYS B 868 6.56 14.16 -16.09
N ASP B 869 5.52 13.39 -16.41
CA ASP B 869 5.62 11.92 -16.35
C ASP B 869 6.35 11.34 -17.56
N PHE B 870 6.68 12.18 -18.54
CA PHE B 870 7.28 11.73 -19.80
C PHE B 870 8.57 10.92 -19.60
N PRO B 871 9.59 11.50 -18.93
CA PRO B 871 10.87 10.80 -18.92
C PRO B 871 10.79 9.51 -18.12
N SER B 872 10.06 9.57 -17.01
CA SER B 872 9.73 8.39 -16.25
C SER B 872 9.13 7.30 -17.13
N TYR B 873 8.23 7.72 -18.02
CA TYR B 873 7.46 6.82 -18.87
C TYR B 873 8.26 6.17 -20.00
N ILE B 874 9.01 6.96 -20.77
CA ILE B 874 9.80 6.37 -21.86
C ILE B 874 10.91 5.49 -21.32
N GLU B 875 11.46 5.86 -20.17
CA GLU B 875 12.43 5.04 -19.49
C GLU B 875 11.79 3.71 -19.04
N CYS B 876 10.56 3.76 -18.55
CA CYS B 876 9.87 2.53 -18.16
C CYS B 876 9.61 1.61 -19.35
N GLN B 877 9.41 2.21 -20.53
CA GLN B 877 9.21 1.46 -21.80
C GLN B 877 10.47 0.77 -22.30
N GLU B 878 11.65 1.29 -21.93
CA GLU B 878 12.90 0.63 -22.24
C GLU B 878 13.01 -0.70 -21.50
N LYS B 879 12.52 -0.73 -20.26
CA LYS B 879 12.52 -1.95 -19.45
C LYS B 879 11.56 -2.99 -20.03
N VAL B 880 10.48 -2.52 -20.63
CA VAL B 880 9.50 -3.39 -21.28
C VAL B 880 10.12 -4.09 -22.50
N ASP B 881 10.94 -3.37 -23.27
CA ASP B 881 11.68 -3.95 -24.40
C ASP B 881 12.54 -5.11 -23.90
N GLU B 882 13.40 -4.81 -22.93
CA GLU B 882 14.40 -5.76 -22.45
CA GLU B 882 14.40 -5.76 -22.46
C GLU B 882 13.78 -7.02 -21.83
N ALA B 883 12.56 -6.89 -21.30
CA ALA B 883 11.89 -8.04 -20.72
C ALA B 883 11.32 -8.93 -21.81
N TYR B 884 10.82 -8.30 -22.86
CA TYR B 884 10.22 -9.00 -24.00
C TYR B 884 11.27 -9.81 -24.77
N ARG B 885 12.52 -9.38 -24.66
CA ARG B 885 13.63 -10.11 -25.27
C ARG B 885 13.80 -11.50 -24.67
N ASP B 886 13.52 -11.63 -23.38
CA ASP B 886 13.54 -12.92 -22.70
C ASP B 886 12.12 -13.46 -22.58
N GLN B 887 11.65 -14.12 -23.62
CA GLN B 887 10.29 -14.67 -23.65
C GLN B 887 10.01 -15.71 -22.57
N LYS B 888 11.06 -16.18 -21.90
CA LYS B 888 10.91 -17.02 -20.70
C LYS B 888 10.37 -16.16 -19.57
N LEU B 889 11.02 -15.02 -19.36
CA LEU B 889 10.60 -14.05 -18.38
C LEU B 889 9.24 -13.48 -18.72
N TRP B 890 9.06 -13.07 -19.96
CA TRP B 890 7.79 -12.51 -20.36
C TRP B 890 6.64 -13.43 -19.99
N THR B 891 6.72 -14.69 -20.43
CA THR B 891 5.65 -15.68 -20.22
C THR B 891 5.44 -16.03 -18.75
N ARG B 892 6.54 -16.16 -18.03
CA ARG B 892 6.51 -16.30 -16.58
C ARG B 892 5.64 -15.19 -15.97
N MET B 893 5.94 -13.94 -16.33
CA MET B 893 5.19 -12.78 -15.83
C MET B 893 3.74 -12.83 -16.30
N SER B 894 3.55 -13.16 -17.57
CA SER B 894 2.21 -13.34 -18.13
C SER B 894 1.37 -14.27 -17.24
N ILE B 895 1.91 -15.45 -16.99
CA ILE B 895 1.20 -16.46 -16.20
C ILE B 895 0.91 -16.02 -14.78
N LEU B 896 1.84 -15.27 -14.18
CA LEU B 896 1.65 -14.79 -12.82
C LEU B 896 0.61 -13.67 -12.77
N ASN B 897 0.37 -13.01 -13.90
CA ASN B 897 -0.72 -12.04 -13.99
C ASN B 897 -2.07 -12.75 -13.94
N THR B 898 -2.23 -13.81 -14.69
CA THR B 898 -3.44 -14.60 -14.58
C THR B 898 -3.59 -15.22 -13.17
N ALA B 899 -2.51 -15.76 -12.62
CA ALA B 899 -2.54 -16.42 -11.30
C ALA B 899 -2.81 -15.51 -10.10
N GLY B 900 -2.65 -14.19 -10.29
CA GLY B 900 -2.94 -13.19 -9.26
C GLY B 900 -4.26 -12.44 -9.48
N SER B 901 -4.95 -12.78 -10.55
CA SER B 901 -6.17 -12.09 -10.90
C SER B 901 -7.43 -12.51 -10.10
N PRO B 902 -7.45 -13.72 -9.49
CA PRO B 902 -8.72 -14.14 -8.89
C PRO B 902 -9.48 -13.06 -8.10
N LYS B 903 -8.77 -12.22 -7.36
CA LYS B 903 -9.40 -11.13 -6.59
C LYS B 903 -10.33 -10.25 -7.41
N PHE B 904 -10.01 -10.09 -8.70
CA PHE B 904 -10.70 -9.13 -9.55
C PHE B 904 -11.88 -9.71 -10.31
N SER B 905 -12.39 -10.84 -9.82
CA SER B 905 -13.62 -11.42 -10.32
C SER B 905 -14.81 -10.69 -9.75
N SER B 906 -15.69 -10.21 -10.63
CA SER B 906 -16.92 -9.55 -10.20
C SER B 906 -17.73 -10.37 -9.19
N ASP B 907 -17.51 -11.70 -9.15
CA ASP B 907 -18.17 -12.57 -8.19
C ASP B 907 -17.98 -12.12 -6.74
N ARG B 908 -16.73 -11.93 -6.34
CA ARG B 908 -16.47 -11.55 -4.95
C ARG B 908 -16.83 -10.08 -4.72
N THR B 909 -16.86 -9.29 -5.78
CA THR B 909 -17.40 -7.95 -5.70
C THR B 909 -18.88 -8.00 -5.32
N ILE B 910 -19.62 -8.90 -5.98
CA ILE B 910 -21.03 -9.10 -5.69
C ILE B 910 -21.26 -9.58 -4.26
N HIS B 911 -20.55 -10.63 -3.85
CA HIS B 911 -20.66 -11.14 -2.48
C HIS B 911 -20.57 -10.00 -1.48
N GLU B 912 -19.50 -9.21 -1.57
CA GLU B 912 -19.31 -8.04 -0.69
C GLU B 912 -20.52 -7.11 -0.71
N TYR B 913 -21.01 -6.77 -1.91
CA TYR B 913 -22.22 -5.96 -2.04
C TYR B 913 -23.42 -6.59 -1.33
N ALA B 914 -23.61 -7.89 -1.57
CA ALA B 914 -24.76 -8.61 -1.05
C ALA B 914 -24.75 -8.66 0.48
N LYS B 915 -23.59 -8.94 1.05
CA LYS B 915 -23.43 -9.02 2.50
C LYS B 915 -23.43 -7.63 3.14
N ASP B 916 -22.41 -6.83 2.80
CA ASP B 916 -22.10 -5.61 3.54
C ASP B 916 -22.94 -4.37 3.19
N ILE B 917 -23.88 -4.46 2.24
CA ILE B 917 -24.69 -3.30 1.87
C ILE B 917 -26.16 -3.65 1.70
N TRP B 918 -26.43 -4.52 0.74
CA TRP B 918 -27.81 -4.87 0.40
C TRP B 918 -28.46 -5.72 1.48
N ASP B 919 -27.65 -6.56 2.13
CA ASP B 919 -28.13 -7.52 3.13
C ASP B 919 -29.13 -8.49 2.49
N ILE B 920 -28.72 -9.07 1.37
CA ILE B 920 -29.51 -10.10 0.67
C ILE B 920 -28.78 -11.44 0.74
N SER B 921 -29.53 -12.52 0.53
CA SER B 921 -28.97 -13.88 0.47
C SER B 921 -29.32 -14.50 -0.88
N PRO B 922 -28.62 -15.57 -1.27
CA PRO B 922 -29.04 -16.27 -2.48
C PRO B 922 -30.38 -17.01 -2.30
N VAL B 923 -31.05 -17.29 -3.41
CA VAL B 923 -32.31 -18.02 -3.44
C VAL B 923 -32.19 -19.09 -4.52
N ILE B 924 -32.01 -20.35 -4.14
CA ILE B 924 -31.90 -21.41 -5.16
C ILE B 924 -33.22 -22.13 -5.31
N MET B 925 -33.67 -22.26 -6.55
CA MET B 925 -34.89 -22.97 -6.88
C MET B 925 -34.65 -24.45 -6.66
N PRO B 926 -35.73 -25.23 -6.41
CA PRO B 926 -35.53 -26.65 -6.11
C PRO B 926 -34.73 -27.39 -7.19
N THR B 927 -34.95 -27.15 -8.39
C2 BGC C . 16.71 17.17 18.72
C3 BGC C . 17.74 16.03 18.65
C4 BGC C . 17.09 14.69 18.32
C5 BGC C . 16.13 14.87 17.13
C6 BGC C . 15.48 13.55 16.70
C1 BGC C . 15.64 17.11 17.63
O1 BGC C . 14.56 17.99 17.95
O2 BGC C . 17.39 18.41 18.64
O3 BGC C . 18.41 15.98 19.89
O4 BGC C . 18.05 13.67 18.04
O5 BGC C . 15.13 15.80 17.50
O6 BGC C . 14.48 13.77 15.73
C1 GLC C . 18.64 13.06 19.22
C2 GLC C . 20.17 13.19 19.21
C3 GLC C . 20.83 12.18 18.25
C4 GLC C . 20.36 10.77 18.58
C5 GLC C . 18.83 10.71 18.56
C6 GLC C . 18.37 9.31 18.95
O2 GLC C . 20.53 14.52 18.92
O3 GLC C . 22.25 12.23 18.30
O4 GLC C . 20.83 9.84 17.62
O5 GLC C . 18.26 11.69 19.41
O6 GLC C . 17.17 9.32 19.70
C1 GLC C . 21.66 8.79 18.17
C2 GLC C . 22.55 8.31 17.04
C3 GLC C . 21.75 7.49 16.06
C4 GLC C . 21.26 6.26 16.80
C5 GLC C . 20.36 6.72 17.95
C6 GLC C . 19.97 5.57 18.87
O2 GLC C . 23.05 9.46 16.40
O3 GLC C . 22.53 7.14 14.95
O4 GLC C . 20.49 5.50 15.90
O5 GLC C . 20.94 7.73 18.76
O6 GLC C . 19.25 6.09 19.97
C1 GLC C . 20.94 4.15 15.68
C2 GLC C . 20.72 3.80 14.21
C3 GLC C . 19.25 3.59 13.89
C4 GLC C . 18.63 2.56 14.83
C5 GLC C . 18.91 2.98 16.28
C6 GLC C . 18.35 1.97 17.30
O2 GLC C . 21.24 4.84 13.39
O3 GLC C . 19.10 3.22 12.53
O4 GLC C . 17.24 2.47 14.58
O5 GLC C . 20.29 3.20 16.52
O6 GLC C . 19.28 0.98 17.66
C1 GLC D . 11.76 22.06 8.72
C2 GLC D . 10.50 22.37 9.54
C3 GLC D . 10.33 21.41 10.73
C4 GLC D . 10.73 19.96 10.44
C5 GLC D . 11.63 19.77 9.22
C6 GLC D . 11.39 18.42 8.56
O1 GLC D . 12.73 22.61 9.58
O2 GLC D . 10.47 23.73 9.97
O3 GLC D . 8.97 21.42 11.14
O4 GLC D . 11.41 19.41 11.56
O5 GLC D . 11.39 20.78 8.25
O6 GLC D . 12.07 18.43 7.34
C1 GLC D . 10.67 18.31 12.16
C2 GLC D . 9.70 18.82 13.25
C3 GLC D . 10.18 18.70 14.70
C4 GLC D . 10.94 17.41 14.92
C5 GLC D . 12.07 17.28 13.89
C6 GLC D . 12.90 16.00 14.11
O2 GLC D . 9.29 20.16 13.02
O3 GLC D . 9.08 18.81 15.59
O4 GLC D . 11.44 17.37 16.25
O5 GLC D . 11.55 17.27 12.58
O6 GLC D . 12.83 15.50 15.43
C2 BGC E . -14.48 20.23 -22.22
C3 BGC E . -15.65 19.30 -21.92
C4 BGC E . -15.22 17.99 -21.25
C5 BGC E . -14.24 18.30 -20.10
C6 BGC E . -13.59 17.07 -19.47
C1 BGC E . -13.56 20.38 -21.03
O1 BGC E . -12.41 21.11 -21.40
O2 BGC E . -15.00 21.49 -22.55
O3 BGC E . -16.30 19.05 -23.14
O4 BGC E . -16.35 17.26 -20.79
O5 BGC E . -13.18 19.10 -20.58
O6 BGC E . -14.51 16.28 -18.75
C1 GLC E . -17.08 16.60 -21.88
C2 GLC E . -18.59 16.77 -21.71
C3 GLC E . -19.21 15.77 -20.73
C4 GLC E . -18.70 14.32 -20.94
C5 GLC E . -17.18 14.30 -21.03
C6 GLC E . -16.52 12.95 -21.36
O2 GLC E . -18.88 18.12 -21.35
O3 GLC E . -20.63 15.83 -20.79
O4 GLC E . -19.14 13.42 -19.93
O5 GLC E . -16.77 15.22 -22.04
O6 GLC E . -17.35 11.83 -21.20
C1 GLC E . -20.35 12.69 -20.27
C2 GLC E . -21.33 12.75 -19.13
C3 GLC E . -20.85 11.96 -17.93
C4 GLC E . -20.52 10.52 -18.32
C5 GLC E . -19.61 10.52 -19.56
C6 GLC E . -19.39 9.15 -20.17
O2 GLC E . -21.45 14.09 -18.73
O3 GLC E . -21.86 12.01 -16.95
O4 GLC E . -19.80 9.93 -17.25
O5 GLC E . -20.16 11.32 -20.58
O6 GLC E . -18.40 9.24 -21.17
C1 GLC E . -20.24 8.63 -16.78
C2 GLC E . -19.93 8.55 -15.28
C3 GLC E . -18.50 8.08 -14.96
C4 GLC E . -18.21 6.78 -15.70
C5 GLC E . -18.41 6.98 -17.21
C6 GLC E . -18.12 5.64 -17.92
O2 GLC E . -20.17 9.79 -14.67
O3 GLC E . -18.39 7.87 -13.57
O4 GLC E . -16.89 6.32 -15.44
O5 GLC E . -19.70 7.50 -17.49
O6 GLC E . -18.81 5.44 -19.14
C1 GLC F . -9.11 24.43 -12.40
C2 GLC F . -7.85 24.33 -13.28
C3 GLC F . -8.19 23.97 -14.72
C4 GLC F . -9.01 22.68 -14.70
C5 GLC F . -10.27 22.84 -13.84
C6 GLC F . -11.08 21.54 -13.76
O1 GLC F . -9.85 25.58 -12.76
O2 GLC F . -7.12 25.53 -13.23
O3 GLC F . -7.00 23.83 -15.48
O4 GLC F . -9.36 22.26 -16.02
O5 GLC F . -9.92 23.26 -12.52
O6 GLC F . -11.21 20.95 -15.04
C1 GLC F . -8.55 21.13 -16.42
C2 GLC F . -7.48 21.56 -17.43
C3 GLC F . -7.93 21.57 -18.89
C4 GLC F . -8.84 20.40 -19.23
C5 GLC F . -9.94 20.20 -18.18
C6 GLC F . -10.82 18.96 -18.42
O2 GLC F . -6.94 22.84 -17.10
O3 GLC F . -6.77 21.57 -19.71
O4 GLC F . -9.41 20.56 -20.52
O5 GLC F . -9.37 20.07 -16.89
O6 GLC F . -10.79 18.48 -19.76
N1 PLP G . 15.33 -2.72 22.93
C2 PLP G . 15.28 -3.96 23.49
C2A PLP G . 15.82 -4.24 24.86
C3 PLP G . 14.68 -5.08 22.76
O3 PLP G . 14.64 -6.31 23.33
C4 PLP G . 14.14 -4.81 21.42
C4A PLP G . 13.53 -5.93 20.67
C5 PLP G . 14.25 -3.42 20.91
C6 PLP G . 14.85 -2.45 21.71
C5A PLP G . 13.71 -3.00 19.55
O4P PLP G . 12.31 -2.62 19.64
P PLP G . 11.50 -1.72 18.55
O1P PLP G . 12.25 -1.88 17.23
O2P PLP G . 10.13 -2.36 18.54
O3P PLP G . 11.49 -0.32 19.11
N1 PLP H . -15.42 -0.34 -22.80
C2 PLP H . -15.46 -1.66 -23.03
C2A PLP H . -16.03 -2.15 -24.34
C3 PLP H . -14.96 -2.61 -22.02
O3 PLP H . -14.98 -3.96 -22.21
C4 PLP H . -14.42 -2.06 -20.76
C4A PLP H . -13.91 -2.97 -19.72
C5 PLP H . -14.42 -0.58 -20.62
C6 PLP H . -14.93 0.18 -21.67
C5A PLP H . -13.88 0.11 -19.38
O4P PLP H . -12.45 0.31 -19.47
P PLP H . -11.62 1.29 -18.47
O1P PLP H . -11.58 2.65 -19.12
O2P PLP H . -10.29 0.58 -18.39
O3P PLP H . -12.41 1.28 -17.18
#